data_1PV4
#
_entry.id   1PV4
#
_cell.length_a   118.556
_cell.length_b   204.327
_cell.length_c   147.370
_cell.angle_alpha   90.00
_cell.angle_beta   95.86
_cell.angle_gamma   90.00
#
_symmetry.space_group_name_H-M   'C 1 2 1'
#
loop_
_entity.id
_entity.type
_entity.pdbx_description
1 polymer "5'-D(P*CP*C)-3'"
2 polymer 'Transcription termination factor rho'
3 water water
#
loop_
_entity_poly.entity_id
_entity_poly.type
_entity_poly.pdbx_seq_one_letter_code
_entity_poly.pdbx_strand_id
1 'polydeoxyribonucleotide' (DC)(DC) G,H,J,K,L
2 'polypeptide(L)'
;(MSE)NLTELKNTPVSELITLGEN(MSE)GLENLAR(MSE)RKQDIIFAILKQHAKSGEDIFGDGVLEILQDGFGFLRSA
DSSYLAGPDDIYVSPSQIRRFNLRTGDTISGKIRPPKEGERYFALLKVNEVNFDKPENARNKILFENLTPLHANSRLR
(MSE)ERGNGSTEDLTARVLDLASPIGRGQRGLIVAPPKAGKT(MSE)LLQNIAQSIAYNHPDCVL(MSE)VLLIDERPE
EVTE(MSE)QRLVKGEVVASTFDEPASRHVQVAE(MSE)VIEKAKRLVEHKKDVIILLDSITRLARAYNTVVPASGKVLT
GGVDANALHRPKRFFGAARNVEEGGSLTIIATALIDTGSK(MSE)DEVIYEEFKGTGN(MSE)ELHLSRKIAEKRVFPAI
DYNRSGTRKEELLTTQEELQK(MSE)WILRKIIHP(MSE)GEIDA(MSE)EFLINKLA(MSE)TKTNDDFFE(MSE)
(MSE)KRS
;
A,B,C,D,E,F
#
loop_
_chem_comp.id
_chem_comp.type
_chem_comp.name
_chem_comp.formula
DC DNA linking 2'-DEOXYCYTIDINE-5'-MONOPHOSPHATE 'C9 H14 N3 O7 P'
#
# COMPACT_ATOMS: atom_id res chain seq x y z
N MSE F 1 3.13 -59.61 -44.27
CA MSE F 1 3.18 -58.37 -45.12
C MSE F 1 3.76 -57.12 -44.44
O MSE F 1 4.96 -56.87 -44.51
CB MSE F 1 1.81 -58.03 -45.71
CG MSE F 1 0.71 -57.79 -44.65
SE MSE F 1 -1.06 -57.53 -45.50
CE MSE F 1 -1.59 -59.51 -45.77
N ASN F 2 2.90 -56.33 -43.80
CA ASN F 2 3.29 -55.05 -43.20
C ASN F 2 3.01 -55.01 -41.70
N LEU F 3 4.01 -54.61 -40.92
CA LEU F 3 3.94 -54.69 -39.47
C LEU F 3 2.74 -53.95 -38.93
N THR F 4 2.59 -52.69 -39.34
CA THR F 4 1.48 -51.87 -38.87
C THR F 4 0.10 -52.37 -39.36
N GLU F 5 -0.01 -52.74 -40.63
CA GLU F 5 -1.22 -53.38 -41.12
C GLU F 5 -1.56 -54.52 -40.17
N LEU F 6 -0.53 -55.26 -39.76
CA LEU F 6 -0.73 -56.43 -38.88
C LEU F 6 -1.29 -56.04 -37.53
N LYS F 7 -0.55 -55.23 -36.78
CA LYS F 7 -1.04 -54.84 -35.47
C LYS F 7 -2.48 -54.31 -35.52
N ASN F 8 -2.84 -53.69 -36.64
CA ASN F 8 -4.19 -53.12 -36.78
C ASN F 8 -5.28 -54.10 -37.20
N THR F 9 -4.91 -55.37 -37.40
CA THR F 9 -5.90 -56.40 -37.69
C THR F 9 -6.29 -57.11 -36.40
N PRO F 10 -7.58 -57.38 -36.25
CA PRO F 10 -8.09 -58.08 -35.07
C PRO F 10 -7.32 -59.37 -34.86
N VAL F 11 -7.21 -59.81 -33.60
CA VAL F 11 -6.50 -61.06 -33.28
C VAL F 11 -7.11 -62.24 -34.00
N SER F 12 -8.43 -62.40 -33.87
CA SER F 12 -9.12 -63.53 -34.50
C SER F 12 -8.62 -63.73 -35.94
N GLU F 13 -8.71 -62.67 -36.74
CA GLU F 13 -8.33 -62.74 -38.15
C GLU F 13 -6.85 -63.10 -38.32
N LEU F 14 -6.01 -62.61 -37.40
CA LEU F 14 -4.58 -62.91 -37.40
C LEU F 14 -4.36 -64.40 -37.25
N ILE F 15 -5.02 -64.98 -36.25
CA ILE F 15 -4.85 -66.40 -35.91
C ILE F 15 -5.05 -67.32 -37.10
N THR F 16 -6.18 -67.18 -37.79
CA THR F 16 -6.45 -67.99 -38.98
C THR F 16 -5.49 -67.61 -40.09
N LEU F 17 -4.94 -66.39 -40.01
CA LEU F 17 -3.92 -65.97 -40.94
C LEU F 17 -2.73 -66.91 -40.80
N GLY F 18 -2.06 -66.83 -39.65
CA GLY F 18 -0.92 -67.68 -39.35
C GLY F 18 -1.24 -69.16 -39.48
N GLU F 19 -2.44 -69.54 -39.04
CA GLU F 19 -2.84 -70.94 -39.08
C GLU F 19 -2.72 -71.46 -40.51
N ASN F 20 -3.08 -70.62 -41.48
CA ASN F 20 -3.01 -70.99 -42.89
C ASN F 20 -1.60 -71.20 -43.41
N MSE F 21 -0.65 -70.44 -42.88
CA MSE F 21 0.75 -70.59 -43.29
C MSE F 21 1.42 -71.75 -42.57
O MSE F 21 2.64 -71.85 -42.54
CB MSE F 21 1.55 -69.32 -43.02
CG MSE F 21 0.96 -68.04 -43.59
SE MSE F 21 1.44 -66.58 -42.43
CE MSE F 21 3.25 -66.28 -43.07
N GLY F 22 0.59 -72.60 -41.96
CA GLY F 22 1.07 -73.80 -41.27
C GLY F 22 1.49 -73.58 -39.83
N LEU F 23 1.19 -72.39 -39.29
CA LEU F 23 1.54 -72.07 -37.91
C LEU F 23 0.54 -72.67 -36.93
N GLU F 24 1.05 -73.42 -35.96
CA GLU F 24 0.22 -74.26 -35.10
C GLU F 24 -0.40 -73.51 -33.93
N ASN F 25 -1.60 -73.94 -33.56
CA ASN F 25 -2.45 -73.26 -32.56
C ASN F 25 -1.81 -72.18 -31.68
N LEU F 26 -1.88 -70.94 -32.17
CA LEU F 26 -1.25 -69.81 -31.51
C LEU F 26 -2.26 -69.06 -30.67
N ALA F 27 -3.52 -69.45 -30.81
CA ALA F 27 -4.61 -68.83 -30.05
C ALA F 27 -4.13 -68.41 -28.67
N ARG F 28 -3.33 -69.28 -28.04
CA ARG F 28 -2.88 -69.01 -26.68
C ARG F 28 -1.94 -67.81 -26.48
N MSE F 29 -0.89 -67.69 -27.29
CA MSE F 29 0.07 -66.59 -27.14
C MSE F 29 -0.51 -65.22 -27.57
O MSE F 29 -1.50 -65.14 -28.30
CB MSE F 29 1.39 -66.88 -27.86
CG MSE F 29 1.23 -67.30 -29.31
SE MSE F 29 2.92 -67.81 -30.21
CE MSE F 29 3.34 -69.48 -29.14
N ARG F 30 0.13 -64.14 -27.09
CA ARG F 30 -0.36 -62.76 -27.26
C ARG F 30 -0.38 -62.26 -28.69
N LYS F 31 -1.23 -61.27 -28.98
CA LYS F 31 -1.25 -60.69 -30.32
C LYS F 31 0.16 -60.47 -30.86
N GLN F 32 1.03 -59.90 -30.03
CA GLN F 32 2.39 -59.61 -30.44
C GLN F 32 3.06 -60.88 -30.96
N ASP F 33 3.34 -61.83 -30.08
CA ASP F 33 3.95 -63.10 -30.51
C ASP F 33 3.40 -63.58 -31.86
N ILE F 34 2.08 -63.54 -32.03
CA ILE F 34 1.49 -64.07 -33.25
C ILE F 34 1.99 -63.25 -34.42
N ILE F 35 1.77 -61.93 -34.36
CA ILE F 35 2.34 -61.03 -35.33
C ILE F 35 3.82 -61.36 -35.59
N PHE F 36 4.65 -61.34 -34.56
CA PHE F 36 6.07 -61.59 -34.72
C PHE F 36 6.33 -62.92 -35.43
N ALA F 37 5.42 -63.87 -35.27
CA ALA F 37 5.58 -65.19 -35.90
C ALA F 37 5.30 -65.06 -37.39
N ILE F 38 4.14 -64.51 -37.74
CA ILE F 38 3.79 -64.33 -39.13
C ILE F 38 4.91 -63.67 -39.92
N LEU F 39 5.48 -62.59 -39.37
CA LEU F 39 6.58 -61.94 -40.03
C LEU F 39 7.74 -62.90 -40.15
N LYS F 40 7.95 -63.74 -39.12
CA LYS F 40 9.03 -64.71 -39.17
C LYS F 40 8.79 -65.78 -40.24
N GLN F 41 7.55 -66.26 -40.31
CA GLN F 41 7.13 -67.28 -41.27
C GLN F 41 7.37 -66.86 -42.72
N HIS F 42 7.29 -65.55 -43.00
CA HIS F 42 7.79 -65.05 -44.27
C HIS F 42 9.33 -65.23 -44.31
N ALA F 43 9.77 -66.38 -43.79
CA ALA F 43 11.10 -66.92 -44.03
C ALA F 43 10.99 -67.64 -45.36
N LYS F 44 9.84 -67.47 -46.00
CA LYS F 44 9.53 -68.23 -47.18
C LYS F 44 9.76 -67.49 -48.49
N SER F 45 10.30 -66.26 -48.43
CA SER F 45 10.67 -65.54 -49.67
C SER F 45 10.96 -64.05 -49.49
N GLY F 46 11.94 -63.56 -50.26
CA GLY F 46 12.39 -62.17 -50.18
C GLY F 46 11.53 -61.11 -50.89
N GLU F 47 11.49 -59.90 -50.27
CA GLU F 47 10.60 -58.76 -50.65
C GLU F 47 9.25 -58.97 -49.98
N ASP F 48 9.28 -59.37 -48.71
CA ASP F 48 8.08 -59.87 -48.09
C ASP F 48 7.69 -59.14 -46.81
N ILE F 49 8.55 -58.26 -46.30
CA ILE F 49 8.24 -57.62 -45.01
C ILE F 49 8.49 -56.10 -44.94
N PHE F 50 7.49 -55.35 -44.50
CA PHE F 50 7.58 -53.89 -44.43
C PHE F 50 7.20 -53.27 -43.12
N GLY F 51 7.83 -52.13 -42.89
CA GLY F 51 7.54 -51.36 -41.72
C GLY F 51 7.43 -49.92 -42.08
N ASP F 52 7.05 -49.13 -41.06
CA ASP F 52 6.73 -47.74 -41.24
C ASP F 52 6.70 -47.10 -39.88
N GLY F 53 7.44 -46.03 -39.71
CA GLY F 53 7.38 -45.33 -38.44
C GLY F 53 7.98 -43.95 -38.51
N VAL F 54 7.96 -43.25 -37.38
CA VAL F 54 8.59 -41.92 -37.31
C VAL F 54 9.89 -42.02 -36.58
N LEU F 55 10.93 -41.49 -37.18
CA LEU F 55 12.27 -41.75 -36.67
C LEU F 55 12.68 -41.00 -35.41
N GLU F 56 13.22 -41.76 -34.47
CA GLU F 56 13.86 -41.17 -33.31
C GLU F 56 15.32 -41.63 -33.23
N ILE F 57 16.22 -40.66 -33.24
CA ILE F 57 17.65 -40.91 -33.13
C ILE F 57 18.15 -40.67 -31.68
N LEU F 58 18.65 -41.73 -31.02
CA LEU F 58 19.20 -41.57 -29.66
C LEU F 58 20.68 -41.17 -29.75
N GLN F 59 21.18 -40.52 -28.70
CA GLN F 59 22.55 -39.98 -28.67
C GLN F 59 23.66 -40.99 -29.05
N ASP F 60 23.50 -42.26 -28.68
CA ASP F 60 24.39 -43.34 -29.13
C ASP F 60 24.62 -43.32 -30.67
N GLY F 61 23.74 -42.63 -31.40
CA GLY F 61 23.85 -42.51 -32.85
C GLY F 61 22.83 -43.31 -33.67
N PHE F 62 22.33 -44.40 -33.10
CA PHE F 62 21.35 -45.25 -33.75
C PHE F 62 19.93 -44.66 -33.62
N GLY F 63 18.97 -45.26 -34.33
CA GLY F 63 17.59 -44.79 -34.28
C GLY F 63 16.50 -45.84 -34.32
N PHE F 64 15.27 -45.40 -34.07
CA PHE F 64 14.09 -46.26 -34.10
C PHE F 64 12.93 -45.57 -34.78
N LEU F 65 12.18 -46.36 -35.54
CA LEU F 65 10.95 -45.87 -36.12
C LEU F 65 9.88 -46.16 -35.09
N ARG F 66 9.43 -45.11 -34.40
CA ARG F 66 8.37 -45.18 -33.40
C ARG F 66 7.00 -44.94 -34.06
N SER F 67 5.91 -45.20 -33.32
CA SER F 67 4.57 -45.13 -33.90
C SER F 67 3.64 -44.09 -33.30
N ALA F 68 2.94 -43.39 -34.18
CA ALA F 68 2.09 -42.29 -33.76
C ALA F 68 0.87 -42.81 -32.99
N ASP F 69 0.44 -44.03 -33.28
CA ASP F 69 -0.72 -44.57 -32.59
C ASP F 69 -0.41 -44.72 -31.09
N SER F 70 0.88 -44.78 -30.76
CA SER F 70 1.33 -44.91 -29.39
C SER F 70 1.69 -43.58 -28.73
N SER F 71 1.49 -42.48 -29.45
CA SER F 71 2.05 -41.19 -29.04
C SER F 71 3.59 -41.27 -28.98
N TYR F 72 4.16 -42.14 -29.84
CA TYR F 72 5.61 -42.37 -29.92
C TYR F 72 6.26 -43.01 -28.68
N LEU F 73 5.51 -43.80 -27.95
CA LEU F 73 6.04 -44.53 -26.80
C LEU F 73 6.92 -45.71 -27.23
N ALA F 74 8.25 -45.56 -27.14
CA ALA F 74 9.19 -46.68 -27.32
C ALA F 74 8.56 -48.03 -27.01
N GLY F 75 8.60 -48.95 -27.96
CA GLY F 75 7.91 -50.23 -27.82
C GLY F 75 8.57 -51.44 -28.48
N PRO F 76 8.01 -52.62 -28.18
CA PRO F 76 8.59 -53.91 -28.61
C PRO F 76 8.69 -54.00 -30.11
N ASP F 77 7.83 -53.26 -30.83
CA ASP F 77 7.85 -53.37 -32.28
C ASP F 77 8.16 -52.07 -33.03
N ASP F 78 9.12 -51.34 -32.48
CA ASP F 78 9.74 -50.24 -33.18
C ASP F 78 10.79 -50.81 -34.08
N ILE F 79 11.06 -50.11 -35.17
CA ILE F 79 11.99 -50.60 -36.16
C ILE F 79 13.35 -49.99 -35.99
N TYR F 80 14.33 -50.84 -35.75
CA TYR F 80 15.66 -50.33 -35.47
C TYR F 80 16.22 -49.75 -36.74
N VAL F 81 16.73 -48.54 -36.64
CA VAL F 81 17.41 -47.88 -37.74
C VAL F 81 18.86 -47.64 -37.38
N SER F 82 19.75 -48.03 -38.29
CA SER F 82 21.19 -48.01 -38.05
C SER F 82 21.83 -46.68 -38.39
N PRO F 83 22.86 -46.34 -37.62
CA PRO F 83 23.66 -45.13 -37.87
C PRO F 83 24.05 -45.06 -39.34
N SER F 84 24.38 -46.22 -39.92
CA SER F 84 24.75 -46.29 -41.32
C SER F 84 23.59 -45.88 -42.22
N GLN F 85 22.42 -46.46 -41.95
CA GLN F 85 21.23 -46.13 -42.72
C GLN F 85 20.88 -44.68 -42.54
N ILE F 86 21.10 -44.16 -41.34
CA ILE F 86 20.86 -42.74 -41.11
C ILE F 86 21.85 -41.89 -41.90
N ARG F 87 23.13 -42.26 -41.85
CA ARG F 87 24.16 -41.52 -42.57
C ARG F 87 23.87 -41.44 -44.07
N ARG F 88 23.75 -42.61 -44.70
CA ARG F 88 23.51 -42.71 -46.15
C ARG F 88 22.33 -41.87 -46.67
N PHE F 89 21.40 -41.53 -45.79
CA PHE F 89 20.19 -40.82 -46.21
C PHE F 89 19.95 -39.44 -45.58
N ASN F 90 20.90 -38.98 -44.77
CA ASN F 90 20.75 -37.69 -44.08
C ASN F 90 19.52 -37.61 -43.19
N LEU F 91 19.30 -38.65 -42.40
CA LEU F 91 18.08 -38.78 -41.63
C LEU F 91 18.06 -37.88 -40.40
N ARG F 92 16.85 -37.44 -40.04
CA ARG F 92 16.67 -36.60 -38.87
C ARG F 92 15.46 -37.08 -38.09
N THR F 93 15.47 -36.88 -36.77
CA THR F 93 14.34 -37.33 -35.98
C THR F 93 13.19 -36.47 -36.39
N GLY F 94 12.01 -37.07 -36.37
CA GLY F 94 10.84 -36.47 -36.99
C GLY F 94 10.54 -37.09 -38.34
N ASP F 95 11.56 -37.58 -39.03
CA ASP F 95 11.39 -38.12 -40.38
C ASP F 95 10.43 -39.30 -40.43
N THR F 96 9.48 -39.27 -41.38
CA THR F 96 8.59 -40.40 -41.55
C THR F 96 9.19 -41.35 -42.56
N ILE F 97 9.27 -42.63 -42.20
CA ILE F 97 10.08 -43.56 -42.96
C ILE F 97 9.39 -44.87 -43.22
N SER F 98 9.22 -45.20 -44.50
CA SER F 98 8.68 -46.49 -44.92
C SER F 98 9.77 -47.36 -45.56
N GLY F 99 9.76 -48.66 -45.24
CA GLY F 99 10.56 -49.60 -45.99
C GLY F 99 10.34 -51.07 -45.68
N LYS F 100 11.24 -51.91 -46.19
CA LYS F 100 11.26 -53.31 -45.84
C LYS F 100 12.05 -53.47 -44.57
N ILE F 101 11.66 -54.46 -43.78
CA ILE F 101 12.32 -54.73 -42.53
C ILE F 101 12.50 -56.23 -42.48
N ARG F 102 13.52 -56.68 -41.76
CA ARG F 102 13.75 -58.09 -41.52
C ARG F 102 13.49 -58.32 -40.05
N PRO F 103 13.22 -59.56 -39.68
CA PRO F 103 13.03 -59.90 -38.27
C PRO F 103 14.35 -59.76 -37.56
N PRO F 104 14.37 -59.94 -36.24
CA PRO F 104 15.62 -59.86 -35.47
C PRO F 104 16.45 -61.09 -35.76
N LYS F 105 17.77 -60.94 -35.78
CA LYS F 105 18.65 -62.10 -35.77
C LYS F 105 18.64 -62.62 -34.32
N GLU F 106 19.14 -63.84 -34.13
CA GLU F 106 19.40 -64.35 -32.77
C GLU F 106 20.43 -63.44 -32.06
N GLY F 107 20.14 -63.09 -30.81
CA GLY F 107 20.93 -62.11 -30.08
C GLY F 107 20.40 -60.69 -30.26
N GLU F 108 19.39 -60.53 -31.11
CA GLU F 108 18.71 -59.24 -31.33
C GLU F 108 17.27 -59.31 -30.84
N ARG F 109 16.61 -58.15 -30.80
CA ARG F 109 15.30 -58.03 -30.17
C ARG F 109 14.24 -57.37 -31.06
N TYR F 110 14.70 -56.57 -32.02
CA TYR F 110 13.79 -55.75 -32.83
C TYR F 110 13.93 -55.98 -34.31
N PHE F 111 12.88 -55.59 -35.05
CA PHE F 111 12.91 -55.56 -36.50
C PHE F 111 13.90 -54.47 -36.95
N ALA F 112 14.67 -54.79 -37.98
CA ALA F 112 15.65 -53.88 -38.53
C ALA F 112 15.17 -53.33 -39.85
N LEU F 113 15.24 -52.01 -40.00
CA LEU F 113 14.94 -51.39 -41.28
C LEU F 113 15.83 -51.99 -42.37
N LEU F 114 15.21 -52.66 -43.35
CA LEU F 114 15.98 -53.32 -44.37
C LEU F 114 16.25 -52.44 -45.58
N LYS F 115 15.20 -51.86 -46.16
CA LYS F 115 15.37 -50.99 -47.31
C LYS F 115 14.47 -49.75 -47.19
N VAL F 116 15.08 -48.57 -47.19
CA VAL F 116 14.30 -47.33 -47.15
C VAL F 116 13.50 -47.17 -48.45
N ASN F 117 12.18 -47.16 -48.33
CA ASN F 117 11.34 -46.93 -49.49
C ASN F 117 10.99 -45.47 -49.57
N GLU F 118 10.61 -44.88 -48.44
CA GLU F 118 10.13 -43.50 -48.47
C GLU F 118 10.53 -42.74 -47.22
N VAL F 119 10.93 -41.49 -47.41
CA VAL F 119 11.24 -40.59 -46.31
C VAL F 119 10.42 -39.31 -46.44
N ASN F 120 9.47 -39.12 -45.55
CA ASN F 120 8.61 -37.93 -45.61
C ASN F 120 7.71 -37.85 -46.83
N PHE F 121 7.35 -39.01 -47.37
CA PHE F 121 6.43 -39.10 -48.50
C PHE F 121 7.09 -38.63 -49.79
N ASP F 122 8.36 -39.03 -49.93
CA ASP F 122 9.19 -38.57 -51.02
C ASP F 122 10.32 -39.59 -51.19
N LYS F 123 10.92 -39.63 -52.38
CA LYS F 123 11.97 -40.59 -52.65
C LYS F 123 13.21 -40.32 -51.78
N PRO F 124 13.68 -41.37 -51.08
CA PRO F 124 14.84 -41.31 -50.18
C PRO F 124 16.09 -40.61 -50.72
N GLU F 125 16.10 -40.28 -52.01
CA GLU F 125 17.24 -39.58 -52.57
C GLU F 125 16.74 -38.31 -53.25
N ASN F 126 15.88 -37.61 -52.52
CA ASN F 126 15.34 -36.33 -52.95
C ASN F 126 14.97 -35.49 -51.74
N ASN F 129 17.57 -31.17 -49.36
CA ASN F 129 16.60 -30.26 -48.74
C ASN F 129 17.28 -29.37 -47.68
N LYS F 130 17.10 -28.04 -47.82
CA LYS F 130 17.48 -27.06 -46.77
C LYS F 130 16.76 -27.34 -45.46
N ILE F 131 17.33 -26.86 -44.35
CA ILE F 131 16.85 -27.19 -43.03
C ILE F 131 15.98 -26.08 -42.39
N LEU F 132 14.94 -26.46 -41.60
CA LEU F 132 14.01 -25.47 -41.05
C LEU F 132 14.78 -24.33 -40.46
N PHE F 133 15.88 -24.70 -39.81
CA PHE F 133 16.82 -23.78 -39.18
C PHE F 133 17.36 -22.68 -40.09
N GLU F 134 17.19 -22.83 -41.40
CA GLU F 134 17.70 -21.86 -42.35
C GLU F 134 16.73 -21.53 -43.48
N ASN F 135 15.49 -21.23 -43.11
CA ASN F 135 14.49 -20.80 -44.07
C ASN F 135 14.12 -19.38 -43.73
N LEU F 136 14.34 -18.44 -44.64
CA LEU F 136 13.90 -17.09 -44.37
C LEU F 136 12.42 -17.13 -43.94
N THR F 137 12.10 -16.35 -42.92
CA THR F 137 10.82 -16.45 -42.24
C THR F 137 9.99 -15.18 -42.41
N PRO F 138 9.24 -15.05 -43.50
CA PRO F 138 8.32 -13.92 -43.69
C PRO F 138 7.29 -13.84 -42.59
N LEU F 139 6.63 -12.68 -42.54
CA LEU F 139 5.74 -12.30 -41.43
C LEU F 139 4.49 -13.16 -41.39
N HIS F 140 4.41 -14.11 -42.31
CA HIS F 140 3.42 -15.17 -42.23
C HIS F 140 2.02 -14.63 -41.95
N ALA F 141 1.68 -13.58 -42.66
CA ALA F 141 0.34 -13.07 -42.53
C ALA F 141 -0.19 -12.91 -43.93
N ASN F 142 0.09 -13.87 -44.82
CA ASN F 142 -0.30 -13.69 -46.21
C ASN F 142 -1.42 -14.59 -46.69
N SER F 143 -1.31 -15.90 -46.47
CA SER F 143 -2.37 -16.81 -46.89
C SER F 143 -3.24 -17.15 -45.70
N ARG F 144 -4.47 -16.64 -45.68
CA ARG F 144 -5.31 -16.82 -44.50
C ARG F 144 -5.82 -18.25 -44.29
N LEU F 145 -6.25 -18.54 -43.06
CA LEU F 145 -7.00 -19.74 -42.74
C LEU F 145 -8.36 -19.35 -42.13
N ARG F 146 -9.38 -19.19 -42.98
CA ARG F 146 -10.68 -18.74 -42.53
C ARG F 146 -11.43 -19.92 -41.96
N MSE F 147 -12.24 -19.67 -40.93
CA MSE F 147 -12.89 -20.76 -40.18
C MSE F 147 -14.38 -20.97 -40.48
O MSE F 147 -15.15 -20.01 -40.66
CB MSE F 147 -12.65 -20.57 -38.67
CG MSE F 147 -11.20 -20.21 -38.30
SE MSE F 147 -10.11 -21.80 -37.86
CE MSE F 147 -8.57 -21.46 -38.97
N GLY F 152 -23.53 -21.79 -42.07
CA GLY F 152 -24.00 -23.09 -41.65
C GLY F 152 -24.55 -23.11 -40.23
N SER F 153 -24.12 -24.13 -39.47
CA SER F 153 -24.68 -24.41 -38.13
C SER F 153 -24.32 -23.39 -37.06
N THR F 154 -24.81 -23.64 -35.84
CA THR F 154 -24.58 -22.75 -34.71
C THR F 154 -23.13 -22.77 -34.25
N GLU F 155 -22.52 -23.96 -34.26
CA GLU F 155 -21.11 -24.11 -33.88
C GLU F 155 -20.23 -23.15 -34.67
N ASP F 156 -20.68 -22.82 -35.88
CA ASP F 156 -20.02 -21.83 -36.70
C ASP F 156 -20.04 -20.43 -36.07
N LEU F 157 -20.88 -20.23 -35.05
CA LEU F 157 -20.87 -18.96 -34.33
C LEU F 157 -19.46 -18.67 -33.86
N THR F 158 -18.91 -19.62 -33.10
CA THR F 158 -17.53 -19.55 -32.64
C THR F 158 -16.57 -19.29 -33.81
N ALA F 159 -16.68 -20.11 -34.86
CA ALA F 159 -15.87 -19.92 -36.05
C ALA F 159 -15.99 -18.50 -36.60
N ARG F 160 -17.20 -17.96 -36.61
CA ARG F 160 -17.44 -16.59 -37.07
C ARG F 160 -16.77 -15.58 -36.14
N VAL F 161 -17.02 -15.72 -34.83
CA VAL F 161 -16.56 -14.74 -33.84
C VAL F 161 -15.04 -14.78 -33.68
N LEU F 162 -14.44 -15.84 -34.24
CA LEU F 162 -13.01 -16.06 -34.15
C LEU F 162 -12.31 -15.50 -35.38
N ASP F 163 -13.09 -15.00 -36.32
CA ASP F 163 -12.50 -14.41 -37.51
C ASP F 163 -12.73 -12.90 -37.58
N LEU F 164 -13.38 -12.37 -36.56
CA LEU F 164 -13.54 -10.93 -36.46
C LEU F 164 -12.48 -10.46 -35.48
N ALA F 165 -12.29 -11.24 -34.42
CA ALA F 165 -11.35 -10.87 -33.38
C ALA F 165 -9.91 -11.13 -33.81
N SER F 166 -9.56 -12.42 -33.95
CA SER F 166 -8.18 -12.84 -34.19
C SER F 166 -7.97 -13.73 -35.42
N PRO F 167 -8.05 -13.15 -36.61
CA PRO F 167 -7.70 -13.85 -37.85
C PRO F 167 -6.40 -14.64 -37.78
N ILE F 168 -6.44 -15.87 -38.26
CA ILE F 168 -5.29 -16.77 -38.18
C ILE F 168 -4.73 -17.05 -39.57
N GLY F 169 -3.41 -17.19 -39.68
CA GLY F 169 -2.78 -17.43 -40.97
C GLY F 169 -1.80 -18.60 -41.03
N ARG F 170 -1.64 -19.14 -42.23
CA ARG F 170 -0.68 -20.22 -42.46
C ARG F 170 0.69 -19.81 -41.93
N GLY F 171 0.96 -20.14 -40.66
CA GLY F 171 2.23 -19.76 -40.06
C GLY F 171 2.18 -18.92 -38.78
N GLN F 172 1.00 -18.56 -38.29
CA GLN F 172 0.86 -17.76 -37.07
C GLN F 172 1.50 -18.47 -35.92
N ARG F 173 2.06 -17.69 -35.00
CA ARG F 173 2.38 -18.14 -33.65
C ARG F 173 1.17 -17.70 -32.84
N GLY F 174 0.31 -18.65 -32.53
CA GLY F 174 -0.94 -18.35 -31.86
C GLY F 174 -1.03 -18.73 -30.39
N LEU F 175 -1.47 -17.77 -29.58
CA LEU F 175 -1.66 -18.02 -28.17
C LEU F 175 -3.11 -17.85 -27.78
N ILE F 176 -3.72 -18.89 -27.22
CA ILE F 176 -5.08 -18.80 -26.70
C ILE F 176 -5.01 -18.67 -25.20
N VAL F 177 -5.37 -17.49 -24.69
CA VAL F 177 -5.31 -17.23 -23.27
C VAL F 177 -6.64 -17.61 -22.64
N ALA F 178 -6.60 -18.49 -21.67
CA ALA F 178 -7.85 -18.94 -21.07
C ALA F 178 -7.74 -19.28 -19.59
N PRO F 179 -8.75 -18.85 -18.84
CA PRO F 179 -8.93 -19.24 -17.45
C PRO F 179 -9.59 -20.61 -17.39
N PRO F 180 -9.75 -21.17 -16.19
CA PRO F 180 -10.49 -22.44 -16.04
C PRO F 180 -11.94 -22.25 -16.45
N LYS F 181 -12.59 -23.34 -16.89
CA LYS F 181 -13.99 -23.31 -17.32
C LYS F 181 -14.26 -22.15 -18.30
N ALA F 182 -13.58 -22.14 -19.44
CA ALA F 182 -13.76 -21.09 -20.44
C ALA F 182 -14.19 -21.66 -21.79
N GLY F 183 -14.21 -22.99 -21.86
CA GLY F 183 -14.60 -23.67 -23.08
C GLY F 183 -13.45 -23.64 -24.07
N LYS F 184 -12.23 -23.60 -23.54
CA LYS F 184 -11.04 -23.70 -24.36
C LYS F 184 -11.14 -25.04 -25.09
N THR F 185 -11.35 -26.11 -24.32
CA THR F 185 -11.45 -27.45 -24.87
C THR F 185 -12.43 -27.49 -26.02
N MSE F 186 -13.48 -26.70 -25.90
CA MSE F 186 -14.45 -26.64 -26.97
C MSE F 186 -13.95 -25.79 -28.12
O MSE F 186 -14.19 -26.10 -29.29
CB MSE F 186 -15.77 -26.10 -26.46
CG MSE F 186 -16.51 -27.06 -25.57
SE MSE F 186 -18.39 -27.16 -26.10
CE MSE F 186 -18.90 -25.21 -25.97
N LEU F 187 -13.25 -24.72 -27.78
CA LEU F 187 -12.75 -23.80 -28.78
C LEU F 187 -11.72 -24.56 -29.62
N LEU F 188 -10.80 -25.24 -28.93
CA LEU F 188 -9.76 -26.01 -29.59
C LEU F 188 -10.39 -27.03 -30.51
N GLN F 189 -11.49 -27.60 -30.04
CA GLN F 189 -12.23 -28.62 -30.78
C GLN F 189 -12.99 -28.07 -31.97
N ASN F 190 -13.45 -26.82 -31.87
CA ASN F 190 -14.09 -26.14 -32.98
C ASN F 190 -13.06 -25.79 -34.03
N ILE F 191 -11.89 -25.35 -33.56
CA ILE F 191 -10.84 -24.93 -34.46
C ILE F 191 -10.33 -26.17 -35.14
N ALA F 192 -10.29 -27.25 -34.37
CA ALA F 192 -9.84 -28.54 -34.86
C ALA F 192 -10.68 -28.98 -36.07
N GLN F 193 -11.99 -28.78 -35.99
CA GLN F 193 -12.88 -29.23 -37.06
C GLN F 193 -12.84 -28.27 -38.25
N SER F 194 -12.84 -26.98 -37.96
CA SER F 194 -12.79 -25.95 -39.00
C SER F 194 -11.61 -26.19 -39.94
N ILE F 195 -10.49 -26.67 -39.39
CA ILE F 195 -9.30 -26.88 -40.22
C ILE F 195 -9.46 -28.04 -41.21
N ALA F 196 -9.87 -29.20 -40.72
CA ALA F 196 -10.01 -30.38 -41.59
C ALA F 196 -11.11 -30.20 -42.64
N TYR F 197 -12.16 -29.44 -42.28
CA TYR F 197 -13.25 -29.09 -43.20
C TYR F 197 -12.80 -28.02 -44.21
N ASN F 198 -12.17 -26.96 -43.74
CA ASN F 198 -11.76 -25.83 -44.59
C ASN F 198 -10.43 -26.01 -45.31
N HIS F 199 -9.49 -26.73 -44.69
CA HIS F 199 -8.09 -26.75 -45.16
C HIS F 199 -7.44 -28.14 -45.09
N PRO F 200 -8.02 -29.11 -45.82
CA PRO F 200 -7.52 -30.49 -45.83
C PRO F 200 -6.05 -30.54 -46.17
N ASP F 201 -5.64 -29.64 -47.08
CA ASP F 201 -4.26 -29.53 -47.54
C ASP F 201 -3.26 -29.57 -46.38
N CYS F 202 -3.68 -28.99 -45.25
CA CYS F 202 -2.81 -28.80 -44.10
C CYS F 202 -2.75 -30.05 -43.19
N VAL F 203 -1.53 -30.48 -42.89
CA VAL F 203 -1.29 -31.54 -41.93
C VAL F 203 -1.59 -31.02 -40.55
N LEU F 204 -2.61 -31.59 -39.92
CA LEU F 204 -3.03 -31.14 -38.59
C LEU F 204 -2.50 -32.03 -37.43
N MSE F 205 -1.81 -31.44 -36.47
CA MSE F 205 -1.31 -32.23 -35.37
C MSE F 205 -1.83 -31.65 -34.06
O MSE F 205 -1.55 -30.51 -33.73
CB MSE F 205 0.22 -32.26 -35.35
CG MSE F 205 0.83 -33.21 -36.39
SE MSE F 205 2.77 -32.95 -36.63
CE MSE F 205 3.41 -34.32 -35.33
N VAL F 206 -2.62 -32.44 -33.35
CA VAL F 206 -3.10 -31.98 -32.07
C VAL F 206 -2.27 -32.62 -30.98
N LEU F 207 -1.55 -31.79 -30.26
CA LEU F 207 -0.64 -32.28 -29.24
C LEU F 207 -1.25 -31.95 -27.92
N LEU F 208 -1.51 -32.98 -27.13
CA LEU F 208 -2.16 -32.81 -25.83
C LEU F 208 -1.20 -33.21 -24.74
N ILE F 209 -0.84 -32.26 -23.89
CA ILE F 209 0.11 -32.52 -22.83
C ILE F 209 -0.53 -32.42 -21.45
N ASP F 210 -0.39 -33.50 -20.69
CA ASP F 210 -0.86 -33.57 -19.31
C ASP F 210 -2.37 -33.66 -19.18
N GLU F 211 -3.08 -33.93 -20.27
CA GLU F 211 -4.54 -34.00 -20.24
C GLU F 211 -4.99 -35.40 -19.87
N ARG F 212 -6.21 -35.50 -19.33
CA ARG F 212 -6.74 -36.76 -18.83
C ARG F 212 -7.15 -37.69 -19.98
N PRO F 213 -6.90 -38.99 -19.82
CA PRO F 213 -7.15 -39.98 -20.88
C PRO F 213 -8.49 -39.81 -21.59
N GLU F 214 -9.56 -39.56 -20.84
CA GLU F 214 -10.90 -39.42 -21.43
C GLU F 214 -11.03 -38.21 -22.36
N GLU F 215 -10.25 -37.16 -22.09
CA GLU F 215 -10.24 -35.98 -22.96
C GLU F 215 -9.37 -36.22 -24.18
N VAL F 216 -8.37 -37.08 -24.02
CA VAL F 216 -7.50 -37.52 -25.12
C VAL F 216 -8.30 -38.37 -26.10
N THR F 217 -8.95 -39.44 -25.62
CA THR F 217 -9.69 -40.34 -26.50
C THR F 217 -10.84 -39.63 -27.20
N GLU F 218 -11.40 -38.62 -26.52
CA GLU F 218 -12.45 -37.80 -27.10
C GLU F 218 -11.90 -36.98 -28.24
N MSE F 219 -10.78 -36.31 -27.99
CA MSE F 219 -10.11 -35.50 -29.00
C MSE F 219 -9.71 -36.38 -30.17
O MSE F 219 -9.88 -35.98 -31.33
CB MSE F 219 -8.86 -34.84 -28.42
CG MSE F 219 -8.15 -33.92 -29.41
SE MSE F 219 -9.12 -32.25 -29.71
CE MSE F 219 -9.30 -31.62 -27.86
N GLN F 220 -9.21 -37.57 -29.86
CA GLN F 220 -8.80 -38.53 -30.89
C GLN F 220 -9.95 -38.82 -31.85
N ARG F 221 -11.15 -38.88 -31.30
CA ARG F 221 -12.38 -39.28 -32.00
C ARG F 221 -12.98 -38.20 -32.92
N LEU F 222 -12.79 -36.93 -32.59
CA LEU F 222 -13.37 -35.86 -33.40
C LEU F 222 -12.39 -35.19 -34.37
N VAL F 223 -11.10 -35.48 -34.23
CA VAL F 223 -10.11 -34.75 -35.02
C VAL F 223 -9.61 -35.55 -36.22
N LYS F 224 -9.54 -34.91 -37.37
CA LYS F 224 -9.04 -35.60 -38.56
C LYS F 224 -7.55 -35.30 -38.79
N GLY F 225 -6.68 -35.89 -37.97
CA GLY F 225 -5.23 -35.72 -38.09
C GLY F 225 -4.46 -36.52 -37.06
N GLU F 226 -3.20 -36.18 -36.83
CA GLU F 226 -2.46 -36.81 -35.74
C GLU F 226 -2.92 -36.20 -34.39
N VAL F 227 -3.44 -37.03 -33.51
CA VAL F 227 -3.66 -36.59 -32.15
C VAL F 227 -2.65 -37.32 -31.28
N VAL F 228 -1.72 -36.56 -30.73
CA VAL F 228 -0.66 -37.12 -29.91
C VAL F 228 -0.83 -36.58 -28.51
N ALA F 229 -0.61 -37.44 -27.51
CA ALA F 229 -0.78 -36.97 -26.16
C ALA F 229 0.16 -37.59 -25.14
N SER F 230 0.18 -36.94 -23.99
CA SER F 230 0.90 -37.35 -22.80
C SER F 230 -0.12 -37.10 -21.68
N THR F 231 -0.44 -38.13 -20.86
CA THR F 231 -1.41 -37.89 -19.77
C THR F 231 -0.68 -37.64 -18.47
N PHE F 232 -1.33 -36.90 -17.55
CA PHE F 232 -0.72 -36.55 -16.26
C PHE F 232 0.00 -37.73 -15.60
N ASP F 233 -0.45 -38.94 -15.94
CA ASP F 233 0.14 -40.20 -15.48
C ASP F 233 1.64 -40.30 -15.69
N GLU F 234 2.10 -39.90 -16.88
CA GLU F 234 3.49 -40.10 -17.29
C GLU F 234 4.41 -39.05 -16.68
N PRO F 235 5.72 -39.32 -16.66
CA PRO F 235 6.74 -38.36 -16.20
C PRO F 235 7.00 -37.16 -17.14
N ALA F 236 7.42 -36.06 -16.53
CA ALA F 236 7.77 -34.87 -17.26
C ALA F 236 8.57 -35.24 -18.49
N SER F 237 9.54 -36.15 -18.33
CA SER F 237 10.47 -36.53 -19.38
C SER F 237 9.76 -37.12 -20.57
N ARG F 238 8.58 -37.67 -20.34
CA ARG F 238 7.73 -38.17 -21.40
C ARG F 238 6.94 -37.01 -22.07
N HIS F 239 6.50 -36.04 -21.26
CA HIS F 239 5.91 -34.81 -21.78
C HIS F 239 6.88 -34.17 -22.76
N VAL F 240 8.12 -33.96 -22.30
CA VAL F 240 9.13 -33.43 -23.19
C VAL F 240 9.22 -34.25 -24.47
N GLN F 241 9.48 -35.56 -24.33
CA GLN F 241 9.60 -36.45 -25.50
C GLN F 241 8.42 -36.31 -26.50
N VAL F 242 7.20 -36.45 -26.02
CA VAL F 242 6.08 -36.33 -26.92
C VAL F 242 6.12 -35.03 -27.73
N ALA F 243 6.22 -33.89 -27.07
CA ALA F 243 6.15 -32.64 -27.80
C ALA F 243 7.38 -32.43 -28.65
N GLU F 244 8.49 -33.06 -28.30
CA GLU F 244 9.68 -32.84 -29.06
C GLU F 244 9.68 -33.68 -30.33
N MSE F 245 9.05 -34.85 -30.23
CA MSE F 245 8.86 -35.70 -31.36
C MSE F 245 7.93 -35.01 -32.32
O MSE F 245 8.09 -35.10 -33.51
CB MSE F 245 8.29 -37.04 -30.93
CG MSE F 245 8.33 -38.05 -32.01
SE MSE F 245 10.13 -38.67 -32.38
CE MSE F 245 11.17 -37.02 -32.26
N VAL F 246 6.96 -34.26 -31.81
CA VAL F 246 6.00 -33.58 -32.67
C VAL F 246 6.59 -32.40 -33.44
N ILE F 247 7.35 -31.57 -32.75
CA ILE F 247 7.84 -30.35 -33.38
C ILE F 247 8.78 -30.67 -34.50
N GLU F 248 9.48 -31.79 -34.37
CA GLU F 248 10.47 -32.19 -35.37
C GLU F 248 9.80 -32.80 -36.61
N LYS F 249 8.93 -33.79 -36.39
CA LYS F 249 8.06 -34.26 -37.43
C LYS F 249 7.60 -33.01 -38.19
N ALA F 250 7.14 -31.98 -37.46
CA ALA F 250 6.66 -30.76 -38.13
C ALA F 250 7.74 -30.16 -39.02
N LYS F 251 8.88 -29.83 -38.44
CA LYS F 251 9.92 -29.20 -39.22
C LYS F 251 10.21 -30.10 -40.39
N ARG F 252 10.55 -31.36 -40.12
CA ARG F 252 10.74 -32.35 -41.17
C ARG F 252 9.72 -32.12 -42.28
N LEU F 253 8.43 -32.22 -41.96
CA LEU F 253 7.37 -31.96 -42.95
C LEU F 253 7.45 -30.60 -43.67
N VAL F 254 7.82 -29.52 -42.95
CA VAL F 254 7.87 -28.19 -43.58
C VAL F 254 9.13 -28.10 -44.45
N GLU F 255 10.10 -28.95 -44.15
CA GLU F 255 11.27 -29.04 -44.98
C GLU F 255 10.89 -29.53 -46.38
N HIS F 256 9.66 -30.01 -46.52
CA HIS F 256 9.21 -30.56 -47.79
C HIS F 256 8.18 -29.65 -48.39
N LYS F 257 8.03 -28.49 -47.76
CA LYS F 257 7.19 -27.43 -48.29
C LYS F 257 5.73 -27.73 -48.01
N LYS F 258 5.48 -28.33 -46.85
CA LYS F 258 4.10 -28.54 -46.42
C LYS F 258 3.61 -27.40 -45.51
N ASP F 259 2.31 -27.23 -45.40
CA ASP F 259 1.82 -26.34 -44.38
C ASP F 259 1.45 -27.27 -43.25
N VAL F 260 2.02 -27.03 -42.06
CA VAL F 260 1.66 -27.87 -40.91
C VAL F 260 1.03 -26.98 -39.90
N ILE F 261 -0.01 -27.50 -39.24
CA ILE F 261 -0.65 -26.82 -38.12
C ILE F 261 -0.59 -27.69 -36.84
N ILE F 262 -0.13 -27.10 -35.77
CA ILE F 262 -0.13 -27.75 -34.48
C ILE F 262 -1.07 -27.00 -33.59
N LEU F 263 -1.99 -27.74 -32.97
CA LEU F 263 -2.82 -27.21 -31.88
C LEU F 263 -2.28 -27.77 -30.57
N LEU F 264 -1.69 -26.89 -29.77
CA LEU F 264 -1.08 -27.30 -28.51
C LEU F 264 -1.99 -26.95 -27.36
N ASP F 265 -2.09 -27.84 -26.36
CA ASP F 265 -3.01 -27.60 -25.28
C ASP F 265 -2.61 -26.44 -24.39
N SER F 266 -1.50 -26.66 -23.67
CA SER F 266 -0.97 -25.60 -22.87
C SER F 266 0.53 -25.52 -23.07
N ILE F 267 1.00 -24.35 -23.46
CA ILE F 267 2.41 -24.10 -23.50
C ILE F 267 2.80 -24.05 -22.01
N THR F 268 1.86 -23.62 -21.18
CA THR F 268 2.00 -23.71 -19.74
C THR F 268 2.46 -25.11 -19.29
N ARG F 269 1.66 -26.12 -19.60
CA ARG F 269 1.95 -27.47 -19.09
C ARG F 269 3.31 -28.00 -19.52
N LEU F 270 3.64 -27.81 -20.81
CA LEU F 270 4.88 -28.31 -21.39
C LEU F 270 6.01 -27.67 -20.65
N ALA F 271 5.88 -26.37 -20.42
CA ALA F 271 6.94 -25.62 -19.75
C ALA F 271 7.12 -26.14 -18.31
N ARG F 272 6.02 -26.49 -17.66
CA ARG F 272 6.14 -27.19 -16.38
C ARG F 272 7.02 -28.44 -16.52
N ALA F 273 6.77 -29.24 -17.56
CA ALA F 273 7.55 -30.44 -17.79
C ALA F 273 8.98 -30.07 -18.07
N TYR F 274 9.18 -29.01 -18.86
CA TYR F 274 10.52 -28.63 -19.16
C TYR F 274 11.27 -28.26 -17.88
N ASN F 275 10.61 -27.48 -17.03
CA ASN F 275 11.24 -27.06 -15.78
C ASN F 275 11.82 -28.18 -14.91
N THR F 276 11.05 -29.24 -14.69
CA THR F 276 11.51 -30.34 -13.85
C THR F 276 12.53 -31.22 -14.56
N VAL F 277 12.42 -31.33 -15.88
CA VAL F 277 13.36 -32.15 -16.63
C VAL F 277 14.77 -31.57 -16.60
N VAL F 278 14.85 -30.28 -16.89
CA VAL F 278 16.14 -29.57 -17.07
C VAL F 278 16.94 -29.43 -15.77
N PRO F 279 18.25 -29.74 -15.85
CA PRO F 279 19.17 -29.67 -14.70
C PRO F 279 19.32 -28.24 -14.15
N ALA F 280 20.27 -28.05 -13.22
CA ALA F 280 20.53 -26.74 -12.61
C ALA F 280 20.71 -25.63 -13.65
N VAL F 284 19.14 -19.34 -10.11
CA VAL F 284 18.24 -18.43 -10.82
C VAL F 284 16.80 -18.96 -10.84
N LEU F 285 15.96 -18.40 -9.97
CA LEU F 285 14.56 -18.79 -9.85
C LEU F 285 13.65 -17.58 -9.63
N THR F 286 12.59 -17.49 -10.42
CA THR F 286 11.62 -16.40 -10.31
C THR F 286 10.23 -16.98 -10.00
N GLY F 287 9.86 -17.00 -8.72
CA GLY F 287 8.55 -17.47 -8.31
C GLY F 287 8.28 -18.95 -8.62
N GLY F 288 9.35 -19.77 -8.59
CA GLY F 288 9.21 -21.20 -8.70
C GLY F 288 9.78 -21.84 -9.97
N VAL F 289 10.06 -21.02 -10.98
CA VAL F 289 10.51 -21.53 -12.28
C VAL F 289 11.91 -21.06 -12.67
N ASP F 290 12.78 -22.01 -13.02
CA ASP F 290 14.12 -21.72 -13.49
C ASP F 290 14.03 -20.93 -14.81
N ALA F 291 14.63 -19.74 -14.85
CA ALA F 291 14.53 -18.88 -16.03
C ALA F 291 15.29 -19.44 -17.24
N ASN F 292 16.38 -20.16 -16.98
CA ASN F 292 17.11 -20.88 -18.01
C ASN F 292 16.20 -21.91 -18.70
N ALA F 293 15.19 -22.37 -17.96
CA ALA F 293 14.34 -23.49 -18.40
C ALA F 293 13.38 -23.12 -19.53
N LEU F 294 12.70 -22.00 -19.38
CA LEU F 294 11.75 -21.53 -20.38
C LEU F 294 12.23 -21.58 -21.84
N HIS F 295 13.54 -21.64 -22.05
CA HIS F 295 14.13 -21.76 -23.38
C HIS F 295 13.39 -22.74 -24.27
N ARG F 296 13.52 -24.02 -23.93
CA ARG F 296 12.93 -25.14 -24.69
C ARG F 296 11.51 -24.85 -25.10
N PRO F 297 10.64 -24.56 -24.13
CA PRO F 297 9.26 -24.23 -24.45
C PRO F 297 9.26 -23.22 -25.58
N LYS F 298 10.06 -22.16 -25.42
CA LYS F 298 10.03 -21.06 -26.35
C LYS F 298 10.45 -21.53 -27.72
N ARG F 299 11.47 -22.38 -27.76
CA ARG F 299 11.86 -23.00 -29.00
C ARG F 299 10.61 -23.61 -29.67
N PHE F 300 9.88 -24.43 -28.92
CA PHE F 300 8.71 -25.10 -29.47
C PHE F 300 7.93 -24.00 -30.12
N PHE F 301 7.52 -23.01 -29.33
CA PHE F 301 6.67 -21.97 -29.83
C PHE F 301 7.32 -21.19 -30.95
N GLY F 302 8.62 -21.00 -30.90
CA GLY F 302 9.30 -20.18 -31.90
C GLY F 302 9.47 -20.86 -33.25
N ALA F 303 9.13 -22.15 -33.30
CA ALA F 303 9.27 -22.90 -34.53
C ALA F 303 8.32 -22.25 -35.50
N ALA F 304 7.11 -21.96 -35.02
CA ALA F 304 6.03 -21.45 -35.88
C ALA F 304 6.47 -20.35 -36.80
N ARG F 305 6.14 -20.48 -38.07
CA ARG F 305 6.59 -19.47 -39.01
C ARG F 305 6.13 -19.79 -40.43
N ASN F 306 5.98 -18.73 -41.21
CA ASN F 306 5.62 -18.87 -42.60
C ASN F 306 6.90 -18.74 -43.38
N VAL F 307 7.26 -19.83 -44.06
CA VAL F 307 8.52 -19.91 -44.78
C VAL F 307 8.36 -19.24 -46.14
N GLU F 308 9.34 -18.41 -46.49
CA GLU F 308 9.33 -17.78 -47.80
C GLU F 308 9.43 -18.87 -48.84
N GLU F 309 10.42 -19.74 -48.66
CA GLU F 309 10.70 -20.75 -49.66
C GLU F 309 9.73 -21.93 -49.63
N GLY F 310 8.50 -21.67 -49.23
CA GLY F 310 7.45 -22.67 -49.35
C GLY F 310 7.19 -23.49 -48.10
N GLY F 311 5.92 -23.54 -47.72
CA GLY F 311 5.51 -24.29 -46.56
C GLY F 311 5.48 -23.35 -45.38
N SER F 312 4.80 -23.79 -44.32
CA SER F 312 4.66 -22.99 -43.14
C SER F 312 4.36 -23.94 -42.03
N LEU F 313 4.56 -23.47 -40.81
CA LEU F 313 4.27 -24.24 -39.64
C LEU F 313 3.49 -23.30 -38.79
N THR F 314 2.25 -23.65 -38.52
CA THR F 314 1.45 -22.77 -37.70
C THR F 314 1.15 -23.51 -36.44
N ILE F 315 1.31 -22.80 -35.32
CA ILE F 315 1.17 -23.34 -33.97
C ILE F 315 0.24 -22.48 -33.13
N ILE F 316 -0.98 -22.94 -32.89
CA ILE F 316 -1.88 -22.27 -31.96
C ILE F 316 -1.77 -22.99 -30.65
N ALA F 317 -1.29 -22.31 -29.63
CA ALA F 317 -1.17 -22.96 -28.35
C ALA F 317 -1.89 -22.21 -27.27
N THR F 318 -2.40 -22.99 -26.32
CA THR F 318 -3.21 -22.46 -25.27
C THR F 318 -2.38 -22.15 -24.03
N ALA F 319 -2.43 -20.89 -23.60
CA ALA F 319 -1.83 -20.48 -22.33
C ALA F 319 -2.87 -20.58 -21.25
N LEU F 320 -2.53 -21.24 -20.14
CA LEU F 320 -3.49 -21.45 -19.05
C LEU F 320 -3.30 -20.44 -17.94
N ILE F 321 -4.38 -19.73 -17.62
CA ILE F 321 -4.37 -18.56 -16.72
C ILE F 321 -5.27 -18.74 -15.51
N ASP F 322 -4.94 -18.04 -14.41
CA ASP F 322 -5.82 -17.95 -13.24
C ASP F 322 -5.87 -19.29 -12.50
N THR F 323 -4.74 -19.97 -12.38
CA THR F 323 -4.75 -21.33 -11.81
C THR F 323 -4.49 -21.37 -10.31
N GLY F 324 -4.18 -20.22 -9.72
CA GLY F 324 -3.76 -20.18 -8.34
C GLY F 324 -2.38 -20.80 -8.21
N SER F 325 -1.78 -21.07 -9.37
CA SER F 325 -0.37 -21.43 -9.42
C SER F 325 0.37 -20.23 -10.00
N LYS F 326 1.47 -19.87 -9.36
CA LYS F 326 2.25 -18.70 -9.73
C LYS F 326 3.09 -19.02 -10.97
N MSE F 327 3.80 -20.15 -10.92
CA MSE F 327 4.56 -20.65 -12.05
C MSE F 327 3.79 -20.45 -13.36
O MSE F 327 4.32 -19.88 -14.32
CB MSE F 327 4.90 -22.13 -11.85
CG MSE F 327 5.48 -22.83 -13.06
SE MSE F 327 6.00 -24.67 -12.62
CE MSE F 327 7.65 -24.70 -13.51
N ASP F 328 2.54 -20.91 -13.38
CA ASP F 328 1.69 -20.71 -14.55
C ASP F 328 1.59 -19.22 -14.91
N GLU F 329 1.44 -18.36 -13.90
CA GLU F 329 1.34 -16.91 -14.18
C GLU F 329 2.68 -16.37 -14.65
N VAL F 330 3.76 -16.89 -14.07
CA VAL F 330 5.10 -16.57 -14.50
C VAL F 330 5.27 -16.94 -15.98
N ILE F 331 4.85 -18.16 -16.31
CA ILE F 331 5.03 -18.71 -17.64
C ILE F 331 4.29 -17.91 -18.69
N TYR F 332 3.03 -17.57 -18.42
CA TYR F 332 2.33 -16.69 -19.33
C TYR F 332 3.15 -15.45 -19.58
N GLU F 333 3.60 -14.81 -18.50
CA GLU F 333 4.35 -13.54 -18.56
C GLU F 333 5.63 -13.61 -19.44
N GLU F 334 6.35 -14.73 -19.36
CA GLU F 334 7.52 -14.93 -20.22
C GLU F 334 7.13 -15.10 -21.69
N PHE F 335 5.90 -15.54 -21.93
CA PHE F 335 5.43 -15.82 -23.26
C PHE F 335 4.69 -14.67 -23.87
N LYS F 336 4.75 -13.52 -23.21
CA LYS F 336 4.10 -12.33 -23.74
C LYS F 336 4.97 -11.72 -24.85
N GLY F 337 4.30 -11.33 -25.95
CA GLY F 337 4.97 -10.68 -27.06
C GLY F 337 5.61 -11.64 -28.05
N THR F 338 5.63 -12.92 -27.69
CA THR F 338 6.25 -13.94 -28.54
C THR F 338 5.30 -14.24 -29.66
N GLY F 339 4.02 -14.34 -29.32
CA GLY F 339 2.99 -14.66 -30.29
C GLY F 339 2.74 -13.59 -31.32
N ASN F 340 1.82 -13.88 -32.24
CA ASN F 340 1.46 -12.93 -33.27
C ASN F 340 -0.02 -13.10 -33.54
N MSE F 341 -0.69 -13.62 -32.52
CA MSE F 341 -2.14 -13.62 -32.41
C MSE F 341 -2.47 -14.00 -30.98
O MSE F 341 -1.83 -14.89 -30.39
CB MSE F 341 -2.76 -14.63 -33.36
CG MSE F 341 -4.25 -14.70 -33.23
SE MSE F 341 -4.85 -16.26 -32.25
CE MSE F 341 -3.36 -16.60 -31.24
N GLU F 342 -3.46 -13.32 -30.38
CA GLU F 342 -3.97 -13.73 -29.09
C GLU F 342 -5.46 -13.95 -29.16
N LEU F 343 -5.99 -14.74 -28.23
CA LEU F 343 -7.42 -14.94 -28.13
C LEU F 343 -7.76 -15.11 -26.66
N HIS F 344 -8.48 -14.15 -26.12
CA HIS F 344 -8.76 -14.12 -24.69
C HIS F 344 -10.16 -14.59 -24.41
N LEU F 345 -10.26 -15.57 -23.52
CA LEU F 345 -11.54 -16.11 -23.12
C LEU F 345 -11.87 -15.52 -21.76
N SER F 346 -13.05 -14.93 -21.64
CA SER F 346 -13.40 -14.24 -20.41
C SER F 346 -14.03 -15.19 -19.42
N ARG F 347 -13.44 -15.21 -18.22
CA ARG F 347 -13.94 -16.03 -17.14
C ARG F 347 -15.37 -15.61 -16.77
N LYS F 348 -15.65 -14.31 -16.91
CA LYS F 348 -16.97 -13.73 -16.62
C LYS F 348 -18.01 -14.09 -17.68
N ILE F 349 -17.63 -14.05 -18.96
CA ILE F 349 -18.51 -14.44 -20.06
C ILE F 349 -18.89 -15.92 -20.00
N ALA F 350 -18.01 -16.73 -19.40
CA ALA F 350 -18.21 -18.18 -19.33
C ALA F 350 -19.15 -18.62 -18.21
N GLU F 351 -19.20 -17.85 -17.12
CA GLU F 351 -20.12 -18.12 -16.01
C GLU F 351 -21.57 -17.84 -16.39
N LYS F 352 -21.78 -16.79 -17.20
CA LYS F 352 -23.12 -16.40 -17.63
C LYS F 352 -23.63 -17.25 -18.80
N ARG F 353 -22.91 -18.34 -19.11
CA ARG F 353 -23.32 -19.29 -20.13
C ARG F 353 -23.27 -18.75 -21.56
N VAL F 354 -22.52 -17.68 -21.77
CA VAL F 354 -22.32 -17.16 -23.13
C VAL F 354 -21.15 -17.95 -23.69
N PHE F 355 -21.47 -19.08 -24.36
CA PHE F 355 -20.46 -20.09 -24.73
C PHE F 355 -19.39 -19.73 -25.76
N PRO F 356 -19.72 -18.96 -26.79
CA PRO F 356 -18.66 -18.64 -27.76
C PRO F 356 -17.45 -17.98 -27.08
N ALA F 357 -17.68 -17.38 -25.91
CA ALA F 357 -16.64 -16.82 -25.02
C ALA F 357 -15.41 -16.15 -25.66
N ILE F 358 -15.45 -14.82 -25.77
CA ILE F 358 -14.30 -14.07 -26.28
C ILE F 358 -14.30 -12.65 -25.78
N ASP F 359 -13.11 -12.20 -25.38
CA ASP F 359 -12.87 -10.83 -24.96
C ASP F 359 -12.42 -10.05 -26.19
N TYR F 360 -13.38 -9.74 -27.04
CA TYR F 360 -13.15 -9.08 -28.32
C TYR F 360 -12.15 -7.93 -28.29
N ASN F 361 -12.30 -7.04 -27.31
CA ASN F 361 -11.46 -5.85 -27.25
C ASN F 361 -10.00 -6.15 -26.91
N ARG F 362 -9.77 -7.33 -26.35
CA ARG F 362 -8.42 -7.76 -25.96
C ARG F 362 -7.86 -8.84 -26.87
N SER F 363 -8.64 -9.27 -27.86
CA SER F 363 -8.18 -10.30 -28.78
C SER F 363 -7.82 -9.72 -30.12
N GLY F 364 -6.73 -10.22 -30.70
CA GLY F 364 -6.29 -9.74 -31.99
C GLY F 364 -4.99 -10.32 -32.48
N THR F 365 -4.70 -10.11 -33.75
CA THR F 365 -3.51 -10.64 -34.38
C THR F 365 -2.76 -9.56 -35.14
N ARG F 366 -1.45 -9.72 -35.19
CA ARG F 366 -0.65 -8.70 -35.83
C ARG F 366 -0.75 -8.76 -37.35
N LYS F 367 -0.53 -7.60 -37.98
CA LYS F 367 -0.56 -7.49 -39.43
C LYS F 367 -1.87 -8.06 -40.02
N GLU F 368 -3.00 -7.61 -39.46
CA GLU F 368 -4.31 -7.99 -39.96
C GLU F 368 -4.42 -7.65 -41.44
N GLU F 369 -3.83 -6.52 -41.82
CA GLU F 369 -3.84 -6.09 -43.21
C GLU F 369 -3.40 -7.22 -44.15
N LEU F 370 -2.38 -7.97 -43.75
CA LEU F 370 -1.85 -9.04 -44.58
C LEU F 370 -2.76 -10.28 -44.65
N LEU F 371 -3.69 -10.41 -43.71
CA LEU F 371 -4.56 -11.58 -43.69
C LEU F 371 -5.98 -11.34 -44.18
N THR F 372 -6.21 -10.17 -44.78
CA THR F 372 -7.56 -9.72 -45.07
C THR F 372 -7.60 -8.58 -46.11
N THR F 373 -8.58 -8.64 -47.03
CA THR F 373 -8.75 -7.60 -48.06
C THR F 373 -9.01 -6.23 -47.43
N GLN F 374 -8.46 -5.18 -48.03
CA GLN F 374 -8.65 -3.82 -47.52
C GLN F 374 -10.13 -3.66 -47.14
N GLU F 375 -10.98 -4.30 -47.93
CA GLU F 375 -12.43 -4.29 -47.72
C GLU F 375 -12.79 -4.89 -46.38
N GLU F 376 -12.43 -6.16 -46.18
CA GLU F 376 -12.68 -6.84 -44.92
C GLU F 376 -12.13 -6.04 -43.75
N LEU F 377 -10.98 -5.42 -43.95
CA LEU F 377 -10.37 -4.63 -42.90
C LEU F 377 -11.32 -3.53 -42.43
N GLN F 378 -11.73 -2.66 -43.36
CA GLN F 378 -12.68 -1.60 -43.06
C GLN F 378 -13.83 -2.19 -42.24
N LYS F 379 -14.58 -3.08 -42.86
CA LYS F 379 -15.68 -3.78 -42.22
C LYS F 379 -15.36 -4.18 -40.77
N MSE F 380 -14.14 -4.69 -40.54
CA MSE F 380 -13.73 -5.13 -39.21
C MSE F 380 -13.40 -3.96 -38.30
O MSE F 380 -13.67 -4.01 -37.10
CB MSE F 380 -12.51 -6.06 -39.30
CG MSE F 380 -12.64 -7.21 -40.29
SE MSE F 380 -11.23 -8.56 -40.14
CE MSE F 380 -9.69 -7.49 -40.53
N TRP F 381 -12.81 -2.92 -38.87
CA TRP F 381 -12.42 -1.74 -38.10
C TRP F 381 -13.63 -1.00 -37.52
N ILE F 382 -14.71 -0.92 -38.29
CA ILE F 382 -15.96 -0.30 -37.82
C ILE F 382 -16.55 -1.11 -36.66
N LEU F 383 -16.53 -2.44 -36.78
CA LEU F 383 -17.09 -3.33 -35.74
C LEU F 383 -16.29 -3.24 -34.44
N ARG F 384 -14.99 -3.00 -34.59
CA ARG F 384 -14.11 -2.79 -33.45
C ARG F 384 -14.51 -1.49 -32.75
N LYS F 385 -14.65 -0.42 -33.54
CA LYS F 385 -15.05 0.90 -33.05
C LYS F 385 -16.26 0.81 -32.14
N ILE F 386 -17.32 0.17 -32.64
CA ILE F 386 -18.59 0.11 -31.91
C ILE F 386 -18.50 -0.75 -30.64
N ILE F 387 -17.74 -1.83 -30.70
CA ILE F 387 -17.64 -2.71 -29.54
C ILE F 387 -16.73 -2.12 -28.48
N HIS F 388 -15.83 -1.24 -28.89
CA HIS F 388 -14.81 -0.73 -28.00
C HIS F 388 -15.30 -0.45 -26.57
N PRO F 389 -16.32 0.41 -26.41
CA PRO F 389 -16.82 0.76 -25.06
C PRO F 389 -17.59 -0.37 -24.39
N MSE F 390 -18.21 -1.26 -25.17
CA MSE F 390 -18.97 -2.36 -24.62
C MSE F 390 -18.16 -3.19 -23.61
O MSE F 390 -16.95 -3.37 -23.77
CB MSE F 390 -19.50 -3.27 -25.74
CG MSE F 390 -20.67 -2.69 -26.50
SE MSE F 390 -20.89 -3.43 -28.29
CE MSE F 390 -21.29 -5.19 -27.81
N GLY F 391 -18.83 -3.66 -22.56
CA GLY F 391 -18.20 -4.52 -21.57
C GLY F 391 -17.99 -5.92 -22.11
N GLU F 392 -17.22 -6.74 -21.39
CA GLU F 392 -16.90 -8.10 -21.87
C GLU F 392 -18.16 -8.88 -22.23
N ILE F 393 -19.01 -9.13 -21.23
CA ILE F 393 -20.25 -9.88 -21.43
C ILE F 393 -21.14 -9.24 -22.49
N ASP F 394 -21.40 -7.93 -22.34
CA ASP F 394 -22.21 -7.19 -23.30
C ASP F 394 -21.66 -7.34 -24.72
N ALA F 395 -20.33 -7.31 -24.85
CA ALA F 395 -19.67 -7.39 -26.16
C ALA F 395 -19.90 -8.71 -26.89
N MSE F 396 -20.02 -9.81 -26.14
CA MSE F 396 -20.25 -11.11 -26.77
C MSE F 396 -21.70 -11.26 -27.24
O MSE F 396 -21.94 -11.58 -28.40
CB MSE F 396 -19.86 -12.26 -25.83
CG MSE F 396 -18.58 -12.97 -26.25
SE MSE F 396 -18.32 -13.00 -28.20
CE MSE F 396 -17.68 -14.81 -28.37
N GLU F 397 -22.64 -11.01 -26.33
CA GLU F 397 -24.06 -11.15 -26.62
C GLU F 397 -24.47 -10.28 -27.81
N PHE F 398 -23.88 -9.09 -27.89
CA PHE F 398 -24.14 -8.20 -29.01
C PHE F 398 -23.64 -8.83 -30.32
N LEU F 399 -22.46 -9.45 -30.25
CA LEU F 399 -21.85 -10.04 -31.44
C LEU F 399 -22.60 -11.29 -31.89
N ILE F 400 -23.03 -12.09 -30.92
CA ILE F 400 -23.79 -13.29 -31.22
C ILE F 400 -25.19 -12.96 -31.78
N ASN F 401 -25.90 -12.06 -31.11
CA ASN F 401 -27.26 -11.68 -31.54
C ASN F 401 -27.28 -11.14 -32.97
N LYS F 402 -26.18 -10.52 -33.38
CA LYS F 402 -26.08 -9.95 -34.73
C LYS F 402 -25.56 -10.94 -35.77
N LEU F 403 -25.00 -12.06 -35.31
CA LEU F 403 -24.52 -13.09 -36.23
C LEU F 403 -25.59 -14.15 -36.47
N ALA F 404 -26.56 -14.21 -35.55
CA ALA F 404 -27.69 -15.12 -35.68
C ALA F 404 -28.57 -14.73 -36.87
N MSE F 405 -28.09 -13.77 -37.66
CA MSE F 405 -28.85 -13.24 -38.78
C MSE F 405 -28.32 -13.70 -40.16
O MSE F 405 -29.08 -13.68 -41.13
CB MSE F 405 -28.95 -11.70 -38.69
CG MSE F 405 -29.85 -11.17 -37.55
SE MSE F 405 -29.58 -9.26 -37.02
CE MSE F 405 -30.84 -9.16 -35.49
N THR F 406 -27.05 -14.10 -40.24
CA THR F 406 -26.42 -14.47 -41.53
C THR F 406 -25.01 -15.10 -41.42
N LYS F 407 -24.33 -15.19 -42.57
CA LYS F 407 -22.89 -15.51 -42.64
C LYS F 407 -22.09 -14.20 -42.62
N THR F 408 -20.77 -14.31 -42.76
CA THR F 408 -19.88 -13.16 -42.62
C THR F 408 -20.15 -11.97 -43.58
N ASN F 409 -20.15 -12.24 -44.89
CA ASN F 409 -20.40 -11.19 -45.88
C ASN F 409 -21.80 -10.63 -45.80
N ASP F 410 -22.75 -11.51 -45.45
CA ASP F 410 -24.14 -11.13 -45.28
C ASP F 410 -24.36 -10.37 -43.97
N ASP F 411 -23.40 -10.47 -43.05
CA ASP F 411 -23.56 -9.92 -41.69
C ASP F 411 -23.53 -8.39 -41.62
N PHE F 412 -22.79 -7.77 -42.53
CA PHE F 412 -22.65 -6.32 -42.46
C PHE F 412 -23.62 -5.59 -43.39
N PHE F 413 -23.58 -5.96 -44.68
CA PHE F 413 -24.20 -5.15 -45.75
C PHE F 413 -25.69 -4.83 -45.57
N GLU F 414 -26.52 -5.88 -45.40
CA GLU F 414 -27.96 -5.66 -45.24
C GLU F 414 -28.27 -5.02 -43.87
N MSE F 415 -27.39 -5.30 -42.90
CA MSE F 415 -27.51 -4.72 -41.56
C MSE F 415 -26.90 -3.31 -41.53
O MSE F 415 -26.97 -2.61 -40.52
CB MSE F 415 -26.84 -5.64 -40.52
CG MSE F 415 -26.67 -7.09 -41.00
SE MSE F 415 -28.33 -8.15 -41.27
CE MSE F 415 -28.88 -8.25 -39.45
N MSE F 416 -26.30 -2.91 -42.66
CA MSE F 416 -25.80 -1.55 -42.84
C MSE F 416 -26.92 -0.67 -43.40
O MSE F 416 -27.03 0.51 -43.05
CB MSE F 416 -24.60 -1.57 -43.79
CG MSE F 416 -24.30 -0.24 -44.49
SE MSE F 416 -23.86 1.16 -43.21
CE MSE F 416 -23.51 2.64 -44.46
N LYS F 417 -27.76 -1.27 -44.25
CA LYS F 417 -28.83 -0.55 -44.98
C LYS F 417 -28.35 -0.09 -46.35
N GLY G 51 39.13 -13.66 -45.88
CA GLY G 51 37.90 -13.65 -45.03
C GLY G 51 37.89 -12.53 -43.99
N ASP G 52 36.70 -12.09 -43.59
CA ASP G 52 36.59 -11.06 -42.57
C ASP G 52 35.70 -11.49 -41.41
N GLY G 53 35.25 -10.51 -40.64
CA GLY G 53 34.45 -10.77 -39.46
C GLY G 53 34.96 -9.94 -38.29
N VAL G 54 34.25 -10.05 -37.17
CA VAL G 54 34.63 -9.32 -35.96
C VAL G 54 35.20 -10.27 -34.93
N LEU G 55 36.29 -9.85 -34.31
CA LEU G 55 37.01 -10.73 -33.39
C LEU G 55 36.40 -10.81 -32.02
N GLU G 56 36.34 -12.03 -31.51
CA GLU G 56 35.93 -12.29 -30.15
C GLU G 56 37.10 -12.96 -29.45
N ILE G 57 37.62 -12.32 -28.41
CA ILE G 57 38.72 -12.91 -27.64
C ILE G 57 38.21 -13.64 -26.38
N LEU G 58 38.17 -14.98 -26.41
CA LEU G 58 37.85 -15.73 -25.20
C LEU G 58 39.04 -15.70 -24.24
N GLN G 59 38.79 -16.05 -22.97
CA GLN G 59 39.77 -15.90 -21.90
C GLN G 59 41.15 -16.56 -22.10
N ASP G 60 41.16 -17.73 -22.72
CA ASP G 60 42.41 -18.50 -22.91
C ASP G 60 43.51 -17.75 -23.67
N GLY G 61 43.16 -16.60 -24.25
CA GLY G 61 44.09 -15.81 -25.04
C GLY G 61 43.77 -15.74 -26.53
N PHE G 62 43.31 -16.87 -27.09
CA PHE G 62 43.03 -16.98 -28.53
C PHE G 62 41.63 -16.47 -28.87
N GLY G 63 41.39 -16.25 -30.17
CA GLY G 63 40.13 -15.64 -30.60
C GLY G 63 39.45 -16.28 -31.80
N PHE G 64 38.34 -15.67 -32.21
CA PHE G 64 37.59 -16.11 -33.39
C PHE G 64 37.03 -14.89 -34.12
N LEU G 65 37.15 -14.85 -35.45
CA LEU G 65 36.44 -13.85 -36.25
C LEU G 65 35.03 -14.35 -36.53
N ARG G 66 34.03 -13.72 -35.94
CA ARG G 66 32.65 -14.23 -36.03
C ARG G 66 31.85 -13.44 -37.06
N SER G 67 30.93 -14.11 -37.74
CA SER G 67 30.28 -13.48 -38.87
C SER G 67 29.08 -12.66 -38.42
N ALA G 68 28.89 -11.49 -39.04
CA ALA G 68 27.76 -10.61 -38.67
C ALA G 68 26.51 -11.03 -39.41
N ASP G 69 26.64 -12.02 -40.28
CA ASP G 69 25.47 -12.57 -40.95
C ASP G 69 24.76 -13.52 -40.01
N SER G 70 25.49 -14.07 -39.04
CA SER G 70 24.86 -14.88 -38.01
C SER G 70 24.65 -14.07 -36.73
N SER G 71 24.64 -12.73 -36.84
CA SER G 71 24.56 -11.89 -35.66
C SER G 71 25.57 -12.51 -34.71
N TYR G 72 26.71 -12.85 -35.29
CA TYR G 72 27.84 -13.40 -34.57
C TYR G 72 27.55 -14.70 -33.83
N LEU G 73 26.62 -15.50 -34.34
CA LEU G 73 26.38 -16.81 -33.76
C LEU G 73 27.60 -17.67 -34.06
N ALA G 74 28.22 -18.19 -33.01
CA ALA G 74 29.42 -19.03 -33.14
C ALA G 74 29.07 -20.20 -34.00
N GLY G 75 29.97 -20.55 -34.92
CA GLY G 75 29.75 -21.64 -35.86
C GLY G 75 31.05 -22.14 -36.49
N PRO G 76 30.97 -23.27 -37.21
CA PRO G 76 32.14 -23.90 -37.83
C PRO G 76 32.97 -22.99 -38.74
N ASP G 77 32.32 -22.22 -39.60
CA ASP G 77 33.07 -21.44 -40.57
C ASP G 77 33.64 -20.16 -39.95
N ASP G 78 33.71 -20.15 -38.61
CA ASP G 78 34.39 -19.08 -37.89
C ASP G 78 35.89 -19.22 -38.09
N ILE G 79 36.60 -18.09 -38.02
CA ILE G 79 38.03 -18.04 -38.32
C ILE G 79 38.87 -17.95 -37.05
N TYR G 80 39.91 -18.78 -36.96
CA TYR G 80 40.74 -18.86 -35.75
C TYR G 80 41.82 -17.78 -35.65
N VAL G 81 41.96 -17.21 -34.46
CA VAL G 81 43.04 -16.26 -34.21
C VAL G 81 43.90 -16.72 -33.05
N SER G 82 45.16 -17.01 -33.37
CA SER G 82 46.20 -17.38 -32.41
C SER G 82 46.48 -16.25 -31.43
N PRO G 83 46.89 -16.61 -30.21
CA PRO G 83 47.36 -15.62 -29.24
C PRO G 83 48.44 -14.69 -29.81
N SER G 84 49.34 -15.23 -30.62
CA SER G 84 50.45 -14.42 -31.14
C SER G 84 49.99 -13.31 -32.10
N GLN G 85 48.97 -13.60 -32.89
CA GLN G 85 48.41 -12.63 -33.83
C GLN G 85 47.76 -11.45 -33.13
N ILE G 86 47.08 -11.75 -32.02
CA ILE G 86 46.42 -10.72 -31.24
C ILE G 86 47.44 -9.79 -30.62
N ARG G 87 48.49 -10.38 -30.04
CA ARG G 87 49.56 -9.62 -29.42
C ARG G 87 50.34 -8.77 -30.43
N ARG G 88 50.68 -9.38 -31.57
CA ARG G 88 51.39 -8.69 -32.66
C ARG G 88 50.72 -7.35 -33.05
N PHE G 89 49.39 -7.36 -33.16
CA PHE G 89 48.66 -6.19 -33.65
C PHE G 89 47.81 -5.48 -32.57
N ASN G 90 48.01 -5.88 -31.30
CA ASN G 90 47.29 -5.25 -30.19
C ASN G 90 45.77 -5.34 -30.36
N LEU G 91 45.31 -6.40 -31.03
CA LEU G 91 43.89 -6.64 -31.28
C LEU G 91 43.02 -6.72 -30.00
N ARG G 92 41.79 -6.21 -30.10
CA ARG G 92 40.84 -6.24 -29.00
C ARG G 92 39.49 -6.67 -29.54
N THR G 93 38.77 -7.52 -28.81
CA THR G 93 37.47 -7.97 -29.30
C THR G 93 36.67 -6.76 -29.75
N GLY G 94 36.06 -6.86 -30.93
CA GLY G 94 35.35 -5.72 -31.49
C GLY G 94 35.98 -5.28 -32.79
N ASP G 95 37.27 -5.57 -32.90
CA ASP G 95 38.03 -5.33 -34.13
C ASP G 95 37.46 -6.20 -35.23
N THR G 96 37.18 -5.57 -36.37
CA THR G 96 36.84 -6.30 -37.59
C THR G 96 38.16 -6.64 -38.26
N ILE G 97 38.32 -7.90 -38.64
CA ILE G 97 39.59 -8.28 -39.26
C ILE G 97 39.41 -8.86 -40.66
N SER G 98 40.03 -8.21 -41.63
CA SER G 98 40.11 -8.70 -42.98
C SER G 98 41.45 -9.35 -43.15
N GLY G 99 41.48 -10.50 -43.81
CA GLY G 99 42.74 -11.16 -44.09
C GLY G 99 42.58 -12.44 -44.85
N LYS G 100 43.70 -13.15 -45.01
CA LYS G 100 43.70 -14.39 -45.76
C LYS G 100 43.72 -15.54 -44.79
N ILE G 101 43.15 -16.68 -45.21
CA ILE G 101 43.01 -17.82 -44.31
C ILE G 101 43.41 -19.13 -44.97
N ARG G 102 43.79 -20.09 -44.13
CA ARG G 102 44.24 -21.41 -44.58
C ARG G 102 43.41 -22.50 -43.95
N PRO G 103 43.20 -23.58 -44.68
CA PRO G 103 42.51 -24.77 -44.15
C PRO G 103 43.10 -25.29 -42.83
N PRO G 104 42.29 -26.00 -42.06
CA PRO G 104 42.74 -26.63 -40.81
C PRO G 104 43.78 -27.71 -41.09
N LYS G 105 44.97 -27.58 -40.50
CA LYS G 105 45.98 -28.64 -40.56
C LYS G 105 45.40 -29.89 -39.90
N GLU G 106 45.84 -31.05 -40.35
CA GLU G 106 45.35 -32.30 -39.77
C GLU G 106 45.32 -32.22 -38.25
N GLY G 107 44.14 -32.40 -37.66
CA GLY G 107 43.99 -32.41 -36.22
C GLY G 107 43.77 -31.01 -35.65
N GLU G 108 43.56 -30.04 -36.55
CA GLU G 108 43.33 -28.65 -36.16
C GLU G 108 41.86 -28.34 -35.84
N ARG G 109 41.59 -27.03 -35.66
CA ARG G 109 40.30 -26.55 -35.22
C ARG G 109 39.40 -26.17 -36.40
N TYR G 110 39.71 -25.01 -36.99
CA TYR G 110 38.89 -24.41 -38.03
C TYR G 110 39.81 -23.64 -38.96
N PHE G 111 39.24 -22.98 -39.98
CA PHE G 111 40.04 -22.15 -40.87
C PHE G 111 40.76 -21.08 -40.06
N ALA G 112 42.07 -21.21 -39.92
CA ALA G 112 42.83 -20.25 -39.12
C ALA G 112 43.26 -19.06 -39.96
N LEU G 113 43.48 -17.91 -39.31
CA LEU G 113 43.90 -16.69 -40.01
C LEU G 113 45.39 -16.77 -40.33
N LEU G 114 45.73 -16.39 -41.54
CA LEU G 114 47.11 -16.46 -41.99
C LEU G 114 47.79 -15.09 -42.08
N LYS G 115 47.15 -14.13 -42.76
CA LYS G 115 47.77 -12.82 -42.98
C LYS G 115 46.79 -11.66 -42.77
N VAL G 116 46.97 -10.95 -41.65
CA VAL G 116 46.13 -9.78 -41.34
C VAL G 116 46.22 -8.71 -42.42
N ASN G 117 45.08 -8.27 -42.93
CA ASN G 117 45.07 -7.29 -44.02
C ASN G 117 44.58 -5.92 -43.59
N GLU G 118 43.36 -5.87 -43.09
CA GLU G 118 42.80 -4.63 -42.60
C GLU G 118 42.38 -4.87 -41.16
N VAL G 119 42.76 -3.96 -40.28
CA VAL G 119 42.24 -3.94 -38.92
C VAL G 119 41.38 -2.71 -38.79
N ASN G 120 40.07 -2.93 -38.72
CA ASN G 120 39.11 -1.83 -38.60
C ASN G 120 39.24 -0.83 -39.74
N PHE G 121 39.22 -1.33 -40.96
CA PHE G 121 39.21 -0.45 -42.13
C PHE G 121 40.44 0.46 -42.25
N ASP G 122 41.60 -0.09 -41.89
CA ASP G 122 42.86 0.65 -41.88
C ASP G 122 44.04 -0.33 -41.98
N LYS G 123 45.27 0.20 -42.01
CA LYS G 123 46.46 -0.65 -41.97
C LYS G 123 46.52 -1.39 -40.64
N PRO G 124 46.83 -2.68 -40.68
CA PRO G 124 46.98 -3.49 -39.47
C PRO G 124 47.82 -2.77 -38.41
N GLU G 125 48.91 -2.15 -38.84
CA GLU G 125 49.82 -1.43 -37.93
C GLU G 125 49.32 -0.01 -37.58
N ASN G 126 48.07 0.28 -37.93
CA ASN G 126 47.42 1.53 -37.53
C ASN G 126 46.39 1.27 -36.45
N ASN G 129 45.78 3.72 -31.80
CA ASN G 129 44.45 4.24 -31.45
C ASN G 129 44.10 4.13 -29.97
N LYS G 130 43.59 5.23 -29.41
CA LYS G 130 43.25 5.29 -27.98
C LYS G 130 41.93 4.59 -27.72
N ILE G 131 41.67 4.23 -26.47
CA ILE G 131 40.39 3.56 -26.11
C ILE G 131 39.22 4.53 -25.89
N LEU G 132 38.04 4.16 -26.40
CA LEU G 132 36.84 4.97 -26.20
C LEU G 132 36.80 5.41 -24.75
N PHE G 133 37.00 4.44 -23.87
CA PHE G 133 36.96 4.66 -22.42
C PHE G 133 37.70 5.95 -22.02
N GLU G 134 38.67 6.37 -22.85
CA GLU G 134 39.42 7.60 -22.57
C GLU G 134 39.27 8.74 -23.59
N ASN G 135 38.12 8.80 -24.24
CA ASN G 135 37.87 9.91 -25.13
C ASN G 135 37.07 10.91 -24.38
N LEU G 136 37.30 12.16 -24.66
CA LEU G 136 36.56 13.16 -23.98
C LEU G 136 35.14 13.18 -24.50
N THR G 137 34.23 13.55 -23.61
CA THR G 137 32.82 13.51 -23.95
C THR G 137 32.17 14.88 -23.91
N PRO G 138 32.15 15.59 -25.02
CA PRO G 138 31.29 16.79 -25.10
C PRO G 138 29.79 16.44 -25.11
N LEU G 139 28.93 17.47 -24.94
CA LEU G 139 27.49 17.29 -24.85
C LEU G 139 26.84 16.85 -26.16
N HIS G 140 27.57 16.11 -26.99
CA HIS G 140 27.01 15.55 -28.21
C HIS G 140 26.02 16.49 -28.86
N ALA G 141 26.15 17.76 -28.54
CA ALA G 141 25.24 18.72 -29.09
C ALA G 141 26.01 19.67 -30.02
N ASN G 142 26.08 19.24 -31.25
CA ASN G 142 26.68 19.96 -32.34
C ASN G 142 26.65 18.95 -33.46
N SER G 143 26.35 19.42 -34.67
CA SER G 143 26.12 18.54 -35.80
C SER G 143 24.91 17.67 -35.49
N ARG G 144 23.77 18.09 -36.03
CA ARG G 144 22.52 17.38 -35.84
C ARG G 144 22.28 16.41 -36.99
N LEU G 145 21.32 15.50 -36.78
CA LEU G 145 20.85 14.61 -37.82
C LEU G 145 19.35 14.85 -38.05
N ARG G 146 19.07 15.69 -39.06
CA ARG G 146 17.71 16.00 -39.50
C ARG G 146 17.02 14.73 -40.04
N MSE G 147 15.69 14.78 -40.16
CA MSE G 147 14.96 13.61 -40.62
C MSE G 147 13.87 13.97 -41.64
O MSE G 147 14.17 14.55 -42.71
CB MSE G 147 14.35 12.85 -39.42
CG MSE G 147 15.33 12.64 -38.24
SE MSE G 147 15.95 10.78 -37.98
CE MSE G 147 17.85 11.00 -38.26
N GLY G 152 6.97 14.03 -50.32
CA GLY G 152 7.12 12.95 -49.37
C GLY G 152 5.84 12.71 -48.58
N SER G 153 5.36 11.46 -48.63
CA SER G 153 4.10 11.08 -48.01
C SER G 153 4.15 11.12 -46.47
N THR G 154 3.29 10.31 -45.85
CA THR G 154 3.16 10.30 -44.39
C THR G 154 4.45 9.83 -43.68
N GLU G 155 5.27 9.06 -44.38
CA GLU G 155 6.55 8.59 -43.83
C GLU G 155 7.39 9.77 -43.39
N ASP G 156 7.45 10.79 -44.25
CA ASP G 156 8.18 12.01 -43.96
C ASP G 156 7.49 12.81 -42.84
N LEU G 157 6.20 12.55 -42.62
CA LEU G 157 5.48 13.19 -41.52
C LEU G 157 6.12 12.77 -40.20
N THR G 158 6.21 11.46 -39.99
CA THR G 158 6.87 10.92 -38.80
C THR G 158 8.26 11.50 -38.71
N ALA G 159 9.06 11.32 -39.76
CA ALA G 159 10.40 11.91 -39.81
C ALA G 159 10.37 13.41 -39.53
N ARG G 160 9.22 14.05 -39.76
CA ARG G 160 9.11 15.50 -39.58
C ARG G 160 8.55 15.92 -38.23
N VAL G 161 7.60 15.15 -37.68
CA VAL G 161 7.15 15.42 -36.32
C VAL G 161 8.30 15.13 -35.39
N LEU G 162 8.91 13.97 -35.58
CA LEU G 162 10.06 13.55 -34.78
C LEU G 162 11.11 14.65 -34.74
N ASP G 163 11.45 15.15 -35.93
CA ASP G 163 12.42 16.21 -36.07
C ASP G 163 12.00 17.48 -35.31
N LEU G 164 10.69 17.66 -35.16
CA LEU G 164 10.17 18.85 -34.51
C LEU G 164 10.12 18.64 -33.02
N ALA G 165 9.86 17.40 -32.62
CA ALA G 165 9.68 17.09 -31.23
C ALA G 165 11.01 16.90 -30.57
N SER G 166 11.88 16.09 -31.18
CA SER G 166 13.15 15.75 -30.55
C SER G 166 14.34 15.61 -31.49
N PRO G 167 14.94 16.74 -31.84
CA PRO G 167 16.14 16.72 -32.66
C PRO G 167 17.15 15.74 -32.07
N ILE G 168 17.64 14.83 -32.91
CA ILE G 168 18.66 13.87 -32.52
C ILE G 168 19.97 14.33 -33.15
N GLY G 169 21.06 14.26 -32.40
CA GLY G 169 22.36 14.67 -32.91
C GLY G 169 23.43 13.59 -32.85
N ARG G 170 24.58 13.85 -33.45
CA ARG G 170 25.66 12.88 -33.44
C ARG G 170 26.09 12.66 -32.00
N GLY G 171 25.78 11.49 -31.45
CA GLY G 171 26.18 11.14 -30.08
C GLY G 171 25.08 11.17 -29.04
N GLN G 172 23.82 11.33 -29.48
CA GLN G 172 22.67 11.35 -28.56
C GLN G 172 22.50 10.03 -27.83
N ARG G 173 22.12 10.13 -26.56
CA ARG G 173 21.65 8.99 -25.79
C ARG G 173 20.12 9.11 -25.74
N GLY G 174 19.47 8.43 -26.67
CA GLY G 174 18.05 8.64 -26.86
C GLY G 174 17.20 7.50 -26.39
N LEU G 175 16.03 7.84 -25.90
CA LEU G 175 15.14 6.85 -25.37
C LEU G 175 13.75 7.02 -25.95
N ILE G 176 13.19 5.95 -26.49
CA ILE G 176 11.83 6.01 -26.99
C ILE G 176 10.98 5.18 -26.09
N VAL G 177 10.18 5.84 -25.26
CA VAL G 177 9.34 5.14 -24.32
C VAL G 177 8.10 4.63 -25.03
N ALA G 178 7.96 3.32 -25.17
CA ALA G 178 6.78 2.85 -25.92
C ALA G 178 5.84 1.91 -25.19
N PRO G 179 4.57 2.29 -25.22
CA PRO G 179 3.50 1.39 -24.82
C PRO G 179 3.42 0.34 -25.90
N PRO G 180 2.75 -0.77 -25.69
CA PRO G 180 2.56 -1.75 -26.78
C PRO G 180 1.65 -1.18 -27.84
N LYS G 181 1.85 -1.63 -29.08
CA LYS G 181 1.01 -1.22 -30.19
C LYS G 181 0.92 0.29 -30.30
N ALA G 182 2.07 0.96 -30.31
CA ALA G 182 2.08 2.41 -30.50
C ALA G 182 2.89 2.75 -31.75
N GLY G 183 3.31 1.72 -32.46
CA GLY G 183 4.01 1.93 -33.71
C GLY G 183 5.48 2.11 -33.50
N LYS G 184 5.98 1.64 -32.36
CA LYS G 184 7.39 1.75 -32.07
C LYS G 184 8.27 1.12 -33.14
N THR G 185 7.78 0.05 -33.79
CA THR G 185 8.57 -0.61 -34.84
C THR G 185 8.66 0.19 -36.14
N MSE G 186 7.55 0.74 -36.61
CA MSE G 186 7.59 1.54 -37.81
C MSE G 186 8.43 2.78 -37.53
O MSE G 186 9.30 3.15 -38.33
CB MSE G 186 6.21 1.93 -38.29
CG MSE G 186 5.47 0.80 -39.00
SE MSE G 186 3.62 1.35 -39.28
CE MSE G 186 3.91 3.12 -40.19
N LEU G 187 8.19 3.38 -36.36
CA LEU G 187 8.95 4.54 -35.92
C LEU G 187 10.45 4.26 -36.00
N LEU G 188 10.87 3.07 -35.56
CA LEU G 188 12.27 2.68 -35.71
C LEU G 188 12.63 2.60 -37.20
N GLN G 189 11.84 1.85 -37.96
CA GLN G 189 12.09 1.70 -39.39
C GLN G 189 12.25 3.05 -40.06
N ASN G 190 11.41 3.99 -39.66
CA ASN G 190 11.45 5.33 -40.20
C ASN G 190 12.79 6.00 -39.94
N ILE G 191 13.36 5.81 -38.74
CA ILE G 191 14.63 6.47 -38.45
C ILE G 191 15.76 5.81 -39.23
N ALA G 192 15.65 4.52 -39.47
CA ALA G 192 16.66 3.83 -40.26
C ALA G 192 16.65 4.30 -41.72
N GLN G 193 15.46 4.49 -42.30
CA GLN G 193 15.34 4.93 -43.68
C GLN G 193 15.84 6.35 -43.82
N SER G 194 15.42 7.19 -42.88
CA SER G 194 15.83 8.58 -42.83
C SER G 194 17.33 8.68 -42.60
N ILE G 195 17.92 7.73 -41.87
CA ILE G 195 19.36 7.77 -41.62
C ILE G 195 20.16 7.36 -42.84
N ALA G 196 19.74 6.28 -43.48
CA ALA G 196 20.39 5.78 -44.70
C ALA G 196 20.19 6.69 -45.94
N TYR G 197 19.16 7.56 -45.90
CA TYR G 197 18.93 8.55 -46.96
C TYR G 197 19.76 9.83 -46.75
N ASN G 198 19.77 10.34 -45.54
CA ASN G 198 20.46 11.60 -45.24
C ASN G 198 21.92 11.42 -44.77
N HIS G 199 22.21 10.29 -44.13
CA HIS G 199 23.52 10.12 -43.49
C HIS G 199 24.22 8.78 -43.77
N PRO G 200 24.47 8.48 -45.05
CA PRO G 200 25.15 7.24 -45.43
C PRO G 200 26.55 7.22 -44.86
N ASP G 201 27.01 8.40 -44.45
CA ASP G 201 28.33 8.57 -43.84
C ASP G 201 28.42 7.93 -42.45
N CYS G 202 27.27 7.73 -41.80
CA CYS G 202 27.26 7.12 -40.48
C CYS G 202 27.12 5.60 -40.55
N VAL G 203 27.86 4.91 -39.69
CA VAL G 203 27.77 3.46 -39.56
C VAL G 203 26.51 3.12 -38.77
N LEU G 204 25.45 2.74 -39.48
CA LEU G 204 24.17 2.47 -38.85
C LEU G 204 24.04 1.00 -38.50
N MSE G 205 23.73 0.74 -37.23
CA MSE G 205 23.61 -0.62 -36.72
C MSE G 205 22.28 -0.75 -36.02
O MSE G 205 21.92 0.08 -35.16
CB MSE G 205 24.70 -0.91 -35.70
CG MSE G 205 26.01 -1.36 -36.28
SE MSE G 205 27.41 -1.47 -34.90
CE MSE G 205 27.61 -3.41 -34.82
N VAL G 206 21.53 -1.79 -36.37
CA VAL G 206 20.24 -2.02 -35.75
C VAL G 206 20.29 -3.30 -34.93
N LEU G 207 20.00 -3.16 -33.64
CA LEU G 207 20.20 -4.25 -32.71
C LEU G 207 18.89 -4.71 -32.10
N LEU G 208 18.54 -5.99 -32.30
CA LEU G 208 17.27 -6.53 -31.81
C LEU G 208 17.44 -7.71 -30.83
N ILE G 209 16.77 -7.60 -29.68
CA ILE G 209 17.01 -8.52 -28.58
C ILE G 209 16.00 -9.63 -28.39
N ASP G 210 14.79 -9.36 -27.98
CA ASP G 210 13.95 -10.52 -27.75
C ASP G 210 12.88 -10.59 -28.79
N GLU G 211 13.32 -10.56 -30.05
CA GLU G 211 12.40 -10.31 -31.16
C GLU G 211 11.86 -11.60 -31.70
N ARG G 212 10.73 -11.50 -32.38
CA ARG G 212 10.13 -12.61 -33.08
C ARG G 212 10.81 -12.78 -34.47
N PRO G 213 11.17 -14.02 -34.81
CA PRO G 213 11.97 -14.31 -36.01
C PRO G 213 11.49 -13.60 -37.24
N GLU G 214 10.21 -13.73 -37.51
CA GLU G 214 9.61 -13.13 -38.67
C GLU G 214 9.85 -11.60 -38.70
N GLU G 215 9.87 -10.96 -37.55
CA GLU G 215 10.12 -9.52 -37.47
C GLU G 215 11.58 -9.18 -37.82
N VAL G 216 12.50 -10.05 -37.42
CA VAL G 216 13.89 -9.82 -37.72
C VAL G 216 14.06 -9.71 -39.22
N THR G 217 13.41 -10.62 -39.96
CA THR G 217 13.65 -10.63 -41.38
C THR G 217 13.14 -9.35 -41.97
N GLU G 218 11.89 -9.00 -41.68
CA GLU G 218 11.38 -7.71 -42.15
C GLU G 218 12.40 -6.62 -41.91
N MSE G 219 12.94 -6.53 -40.69
CA MSE G 219 13.95 -5.51 -40.37
C MSE G 219 15.15 -5.69 -41.30
O MSE G 219 15.45 -4.79 -42.10
CB MSE G 219 14.37 -5.58 -38.89
CG MSE G 219 15.19 -4.38 -38.39
SE MSE G 219 14.16 -2.72 -38.49
CE MSE G 219 13.05 -2.94 -36.89
N GLN G 220 15.80 -6.84 -41.21
CA GLN G 220 16.95 -7.18 -42.04
C GLN G 220 16.82 -6.59 -43.44
N ARG G 221 15.62 -6.67 -43.99
CA ARG G 221 15.37 -6.29 -45.38
C ARG G 221 15.00 -4.82 -45.61
N LEU G 222 14.81 -4.03 -44.56
CA LEU G 222 14.48 -2.61 -44.78
C LEU G 222 15.69 -1.73 -44.53
N VAL G 223 16.48 -2.12 -43.54
CA VAL G 223 17.56 -1.29 -43.04
C VAL G 223 18.84 -1.48 -43.82
N LYS G 224 19.35 -0.38 -44.36
CA LYS G 224 20.62 -0.41 -45.07
C LYS G 224 21.76 -0.18 -44.08
N GLY G 225 22.23 -1.29 -43.51
CA GLY G 225 23.27 -1.28 -42.50
C GLY G 225 23.43 -2.67 -41.87
N GLU G 226 24.06 -2.74 -40.71
CA GLU G 226 24.18 -4.00 -39.98
C GLU G 226 22.93 -4.22 -39.16
N VAL G 227 22.38 -5.43 -39.25
CA VAL G 227 21.24 -5.74 -38.42
C VAL G 227 21.51 -7.00 -37.62
N VAL G 228 21.91 -6.79 -36.37
CA VAL G 228 22.24 -7.88 -35.45
C VAL G 228 21.04 -8.18 -34.55
N ALA G 229 20.59 -9.44 -34.53
CA ALA G 229 19.39 -9.75 -33.77
C ALA G 229 19.45 -11.06 -32.98
N SER G 230 18.82 -11.09 -31.80
CA SER G 230 18.51 -12.38 -31.17
C SER G 230 17.00 -12.57 -31.02
N THR G 231 16.56 -13.80 -30.90
CA THR G 231 15.14 -14.04 -30.87
C THR G 231 14.67 -14.64 -29.56
N PHE G 232 13.41 -14.44 -29.23
CA PHE G 232 12.92 -14.95 -27.98
C PHE G 232 13.31 -16.46 -27.85
N ASP G 233 13.53 -17.05 -29.02
CA ASP G 233 14.08 -18.39 -29.21
C ASP G 233 15.35 -18.75 -28.43
N GLU G 234 16.25 -17.78 -28.22
CA GLU G 234 17.60 -18.07 -27.76
C GLU G 234 17.76 -17.83 -26.23
N PRO G 235 18.79 -18.40 -25.58
CA PRO G 235 19.06 -18.10 -24.18
C PRO G 235 19.41 -16.62 -23.94
N ALA G 236 19.22 -16.21 -22.67
CA ALA G 236 19.54 -14.87 -22.18
C ALA G 236 20.98 -14.62 -22.44
N SER G 237 21.79 -15.68 -22.38
CA SER G 237 23.20 -15.61 -22.73
C SER G 237 23.36 -15.09 -24.17
N ARG G 238 22.55 -15.61 -25.06
CA ARG G 238 22.62 -15.24 -26.45
C ARG G 238 22.36 -13.72 -26.70
N HIS G 239 21.36 -13.14 -26.03
CA HIS G 239 21.08 -11.71 -26.11
C HIS G 239 22.26 -10.93 -25.63
N VAL G 240 22.64 -11.16 -24.37
CA VAL G 240 23.81 -10.47 -23.80
C VAL G 240 24.96 -10.45 -24.82
N GLN G 241 25.27 -11.63 -25.37
CA GLN G 241 26.36 -11.79 -26.31
C GLN G 241 26.17 -10.82 -27.47
N VAL G 242 25.06 -10.96 -28.15
CA VAL G 242 24.83 -10.19 -29.35
C VAL G 242 25.01 -8.73 -29.03
N ALA G 243 24.52 -8.34 -27.86
CA ALA G 243 24.61 -6.95 -27.42
C ALA G 243 26.08 -6.53 -27.26
N GLU G 244 26.88 -7.32 -26.54
CA GLU G 244 28.27 -6.95 -26.28
C GLU G 244 29.13 -6.91 -27.55
N MSE G 245 28.97 -7.92 -28.38
CA MSE G 245 29.63 -7.97 -29.66
C MSE G 245 29.42 -6.66 -30.39
O MSE G 245 30.30 -6.17 -31.05
CB MSE G 245 29.09 -9.13 -30.51
CG MSE G 245 30.04 -9.61 -31.58
SE MSE G 245 31.85 -9.60 -30.89
CE MSE G 245 31.50 -10.25 -28.99
N VAL G 246 28.23 -6.09 -30.27
CA VAL G 246 27.90 -4.89 -31.00
C VAL G 246 28.53 -3.65 -30.36
N ILE G 247 28.59 -3.61 -29.04
CA ILE G 247 28.94 -2.35 -28.41
C ILE G 247 30.41 -2.11 -28.60
N GLU G 248 31.15 -3.21 -28.60
CA GLU G 248 32.59 -3.16 -28.80
C GLU G 248 32.95 -2.79 -30.28
N LYS G 249 32.37 -3.50 -31.24
CA LYS G 249 32.48 -3.10 -32.62
C LYS G 249 32.25 -1.59 -32.72
N ALA G 250 31.19 -1.10 -32.10
CA ALA G 250 30.87 0.32 -32.13
C ALA G 250 32.02 1.17 -31.62
N LYS G 251 32.51 0.84 -30.44
CA LYS G 251 33.56 1.64 -29.83
C LYS G 251 34.83 1.57 -30.65
N ARG G 252 35.12 0.42 -31.26
CA ARG G 252 36.26 0.36 -32.16
C ARG G 252 36.03 1.39 -33.27
N LEU G 253 34.94 1.23 -34.00
CA LEU G 253 34.61 2.16 -35.07
C LEU G 253 34.75 3.66 -34.73
N VAL G 254 34.56 4.02 -33.46
CA VAL G 254 34.64 5.44 -33.05
C VAL G 254 36.08 5.79 -32.69
N GLU G 255 36.90 4.75 -32.58
CA GLU G 255 38.29 4.88 -32.24
C GLU G 255 39.08 5.31 -33.47
N HIS G 256 38.43 5.22 -34.62
CA HIS G 256 38.98 5.70 -35.87
C HIS G 256 38.21 6.94 -36.29
N LYS G 257 37.60 7.59 -35.31
CA LYS G 257 36.91 8.87 -35.48
C LYS G 257 35.63 8.79 -36.34
N LYS G 258 35.00 7.60 -36.35
CA LYS G 258 33.73 7.39 -37.07
C LYS G 258 32.48 7.75 -36.26
N ASP G 259 31.39 8.05 -36.98
CA ASP G 259 30.08 8.29 -36.38
C ASP G 259 29.24 7.03 -36.49
N VAL G 260 29.15 6.25 -35.41
CA VAL G 260 28.33 5.05 -35.39
C VAL G 260 26.97 5.44 -34.84
N ILE G 261 25.91 4.79 -35.32
CA ILE G 261 24.59 4.97 -34.72
C ILE G 261 24.00 3.60 -34.38
N ILE G 262 23.62 3.40 -33.11
CA ILE G 262 22.96 2.14 -32.73
C ILE G 262 21.48 2.30 -32.43
N LEU G 263 20.66 1.71 -33.29
CA LEU G 263 19.23 1.65 -33.08
C LEU G 263 18.91 0.38 -32.31
N LEU G 264 18.72 0.52 -31.00
CA LEU G 264 18.45 -0.63 -30.14
C LEU G 264 16.96 -0.84 -29.79
N ASP G 265 16.40 -1.92 -30.28
CA ASP G 265 15.05 -2.26 -29.87
C ASP G 265 14.98 -2.94 -28.48
N SER G 266 14.25 -2.25 -27.59
CA SER G 266 14.10 -2.56 -26.16
C SER G 266 15.43 -2.59 -25.38
N ILE G 267 15.71 -1.46 -24.76
CA ILE G 267 16.75 -1.38 -23.78
C ILE G 267 16.34 -2.28 -22.70
N THR G 268 15.02 -2.43 -22.55
CA THR G 268 14.53 -3.23 -21.45
C THR G 268 14.68 -4.74 -21.63
N ARG G 269 14.51 -5.25 -22.84
CA ARG G 269 14.73 -6.68 -23.02
C ARG G 269 16.20 -7.05 -22.87
N LEU G 270 17.10 -6.14 -23.26
CA LEU G 270 18.50 -6.41 -23.05
C LEU G 270 18.70 -6.56 -21.56
N ALA G 271 18.11 -5.60 -20.84
CA ALA G 271 18.20 -5.57 -19.38
C ALA G 271 17.79 -6.87 -18.73
N ARG G 272 16.63 -7.42 -19.11
CA ARG G 272 16.21 -8.68 -18.51
C ARG G 272 17.20 -9.74 -18.83
N ALA G 273 17.60 -9.80 -20.08
CA ALA G 273 18.67 -10.73 -20.45
C ALA G 273 19.75 -10.60 -19.41
N TYR G 274 20.32 -9.41 -19.29
CA TYR G 274 21.36 -9.21 -18.30
C TYR G 274 20.92 -9.63 -16.90
N ASN G 275 19.64 -9.43 -16.56
CA ASN G 275 19.17 -9.80 -15.23
C ASN G 275 19.18 -11.30 -14.91
N THR G 276 19.13 -12.16 -15.91
CA THR G 276 19.11 -13.58 -15.59
C THR G 276 20.48 -14.24 -15.65
N VAL G 277 21.41 -13.60 -16.36
CA VAL G 277 22.73 -14.17 -16.59
C VAL G 277 23.67 -13.79 -15.46
N VAL G 278 23.58 -12.54 -15.02
CA VAL G 278 24.42 -12.03 -13.95
C VAL G 278 24.02 -12.61 -12.59
N PRO G 279 24.97 -13.24 -11.89
CA PRO G 279 24.72 -13.82 -10.56
C PRO G 279 24.15 -12.85 -9.55
N ALA G 280 23.37 -13.39 -8.62
CA ALA G 280 22.78 -12.63 -7.51
C ALA G 280 23.78 -11.68 -6.82
N VAL G 284 19.89 -8.18 -3.05
CA VAL G 284 19.17 -6.95 -3.39
C VAL G 284 18.26 -7.10 -4.61
N LEU G 285 17.00 -7.45 -4.38
CA LEU G 285 16.01 -7.46 -5.45
C LEU G 285 15.22 -6.15 -5.40
N THR G 286 14.82 -5.60 -6.55
CA THR G 286 14.04 -4.37 -6.51
C THR G 286 12.56 -4.51 -6.94
N GLY G 287 12.26 -5.62 -7.62
CA GLY G 287 10.90 -5.90 -8.08
C GLY G 287 10.93 -7.07 -9.05
N GLY G 288 11.87 -7.98 -8.79
CA GLY G 288 12.23 -9.05 -9.71
C GLY G 288 13.70 -8.90 -10.05
N VAL G 289 14.06 -7.66 -10.40
CA VAL G 289 15.41 -7.32 -10.84
C VAL G 289 16.41 -7.14 -9.70
N ASP G 290 17.59 -7.72 -9.91
CA ASP G 290 18.74 -7.63 -9.02
C ASP G 290 19.44 -6.33 -9.39
N ALA G 291 19.67 -5.46 -8.41
CA ALA G 291 20.20 -4.10 -8.72
C ALA G 291 21.51 -4.17 -9.48
N ASN G 292 22.49 -4.79 -8.86
CA ASN G 292 23.77 -5.02 -9.49
C ASN G 292 23.69 -5.64 -10.95
N ALA G 293 22.50 -6.08 -11.36
CA ALA G 293 22.35 -6.62 -12.72
C ALA G 293 22.38 -5.46 -13.66
N LEU G 294 21.49 -4.50 -13.42
CA LEU G 294 21.33 -3.31 -14.26
C LEU G 294 22.62 -2.66 -14.73
N HIS G 295 23.71 -2.87 -13.99
CA HIS G 295 24.98 -2.24 -14.28
C HIS G 295 25.26 -2.18 -15.77
N ARG G 296 25.47 -3.36 -16.36
CA ARG G 296 25.89 -3.49 -17.75
C ARG G 296 24.92 -2.88 -18.71
N PRO G 297 23.65 -3.22 -18.63
CA PRO G 297 22.70 -2.45 -19.42
C PRO G 297 23.02 -0.94 -19.35
N LYS G 298 23.48 -0.39 -18.23
CA LYS G 298 23.69 1.04 -18.20
C LYS G 298 24.97 1.39 -18.93
N ARG G 299 26.02 0.59 -18.70
CA ARG G 299 27.24 0.66 -19.47
C ARG G 299 26.84 0.85 -20.94
N PHE G 300 26.11 -0.13 -21.49
CA PHE G 300 25.78 -0.10 -22.91
C PHE G 300 25.30 1.29 -23.19
N PHE G 301 24.17 1.67 -22.62
CA PHE G 301 23.60 3.00 -22.90
C PHE G 301 24.61 4.10 -22.62
N GLY G 302 25.51 3.89 -21.67
CA GLY G 302 26.45 4.94 -21.31
C GLY G 302 27.47 5.15 -22.42
N ALA G 303 27.67 4.13 -23.24
CA ALA G 303 28.60 4.28 -24.32
C ALA G 303 28.13 5.44 -25.19
N ALA G 304 26.84 5.75 -25.21
CA ALA G 304 26.37 6.87 -26.07
C ALA G 304 27.05 8.17 -25.69
N ARG G 305 27.65 8.86 -26.68
CA ARG G 305 28.35 10.12 -26.41
C ARG G 305 28.84 10.72 -27.69
N ASN G 306 29.11 12.02 -27.69
CA ASN G 306 29.77 12.59 -28.84
C ASN G 306 31.18 12.95 -28.49
N VAL G 307 32.13 12.24 -29.05
CA VAL G 307 33.53 12.46 -28.70
C VAL G 307 34.06 13.84 -29.10
N GLU G 308 34.91 14.38 -28.24
CA GLU G 308 35.59 15.59 -28.58
C GLU G 308 36.50 15.40 -29.79
N GLU G 309 37.35 14.39 -29.72
CA GLU G 309 38.42 14.27 -30.68
C GLU G 309 38.00 13.52 -31.97
N GLY G 310 36.72 13.67 -32.33
CA GLY G 310 36.21 13.16 -33.59
C GLY G 310 35.25 11.98 -33.44
N GLY G 311 34.15 12.06 -34.18
CA GLY G 311 33.19 10.97 -34.24
C GLY G 311 32.29 10.88 -33.03
N SER G 312 31.37 9.93 -33.09
CA SER G 312 30.34 9.83 -32.09
C SER G 312 29.78 8.43 -32.09
N LEU G 313 29.35 7.99 -30.93
CA LEU G 313 28.58 6.79 -30.81
C LEU G 313 27.18 7.23 -30.43
N THR G 314 26.23 7.11 -31.35
CA THR G 314 24.89 7.56 -31.04
C THR G 314 24.00 6.35 -30.81
N ILE G 315 23.18 6.42 -29.74
CA ILE G 315 22.29 5.28 -29.41
C ILE G 315 20.82 5.65 -29.14
N ILE G 316 19.92 5.12 -29.97
CA ILE G 316 18.52 5.34 -29.75
C ILE G 316 17.95 3.98 -29.38
N ALA G 317 17.40 3.87 -28.19
CA ALA G 317 16.89 2.61 -27.72
C ALA G 317 15.50 2.78 -27.20
N THR G 318 14.69 1.74 -27.32
CA THR G 318 13.35 1.84 -26.82
C THR G 318 13.27 1.19 -25.46
N ALA G 319 12.60 1.90 -24.55
CA ALA G 319 12.23 1.34 -23.26
C ALA G 319 10.75 0.94 -23.33
N LEU G 320 10.46 -0.31 -22.94
CA LEU G 320 9.13 -0.87 -23.14
C LEU G 320 8.30 -0.61 -21.92
N ILE G 321 7.09 -0.12 -22.15
CA ILE G 321 6.24 0.28 -21.05
C ILE G 321 4.78 -0.13 -21.23
N ASP G 322 4.06 -0.26 -20.11
CA ASP G 322 2.64 -0.61 -20.15
C ASP G 322 2.49 -2.08 -20.53
N THR G 323 3.46 -2.92 -20.16
CA THR G 323 3.42 -4.34 -20.54
C THR G 323 2.75 -5.09 -19.43
N GLY G 324 2.53 -4.35 -18.32
CA GLY G 324 1.99 -4.93 -17.11
C GLY G 324 2.92 -5.98 -16.52
N SER G 325 4.22 -5.77 -16.69
CA SER G 325 5.22 -6.61 -16.03
C SER G 325 6.04 -5.69 -15.13
N LYS G 326 6.06 -5.96 -13.83
CA LYS G 326 6.73 -5.05 -12.89
C LYS G 326 8.16 -4.69 -13.29
N MSE G 327 9.00 -5.71 -13.52
CA MSE G 327 10.39 -5.44 -13.84
C MSE G 327 10.55 -4.62 -15.13
O MSE G 327 11.49 -3.86 -15.27
CB MSE G 327 11.23 -6.73 -13.83
CG MSE G 327 11.40 -7.40 -15.17
SE MSE G 327 12.52 -9.03 -15.11
CE MSE G 327 14.09 -8.27 -14.36
N ASP G 328 9.61 -4.75 -16.06
CA ASP G 328 9.63 -3.88 -17.19
C ASP G 328 9.52 -2.45 -16.64
N GLU G 329 8.60 -2.23 -15.71
CA GLU G 329 8.45 -0.91 -15.11
C GLU G 329 9.68 -0.47 -14.29
N VAL G 330 10.35 -1.42 -13.66
CA VAL G 330 11.50 -1.10 -12.82
C VAL G 330 12.69 -0.56 -13.64
N ILE G 331 13.07 -1.31 -14.66
CA ILE G 331 14.11 -0.92 -15.59
C ILE G 331 13.83 0.43 -16.16
N TYR G 332 12.58 0.70 -16.51
CA TYR G 332 12.31 1.97 -17.13
C TYR G 332 12.61 3.03 -16.13
N GLU G 333 12.24 2.77 -14.89
CA GLU G 333 12.44 3.73 -13.82
C GLU G 333 13.91 3.93 -13.61
N GLU G 334 14.69 2.86 -13.70
CA GLU G 334 16.13 2.96 -13.47
C GLU G 334 16.86 3.66 -14.58
N PHE G 335 16.25 3.75 -15.76
CA PHE G 335 16.91 4.42 -16.87
C PHE G 335 16.34 5.78 -17.02
N LYS G 336 15.41 6.11 -16.13
CA LYS G 336 14.87 7.45 -16.11
C LYS G 336 16.09 8.32 -15.78
N GLY G 337 16.33 9.34 -16.58
CA GLY G 337 17.38 10.29 -16.27
C GLY G 337 18.71 10.07 -16.96
N THR G 338 18.86 8.95 -17.65
CA THR G 338 20.14 8.62 -18.27
C THR G 338 20.30 9.26 -19.63
N GLY G 339 19.22 9.28 -20.41
CA GLY G 339 19.27 9.73 -21.78
C GLY G 339 19.35 11.23 -21.87
N ASN G 340 19.36 11.74 -23.09
CA ASN G 340 19.37 13.19 -23.32
C ASN G 340 18.40 13.54 -24.45
N MSE G 341 17.72 12.53 -24.95
CA MSE G 341 16.76 12.71 -25.99
C MSE G 341 15.69 11.72 -25.68
O MSE G 341 15.95 10.52 -25.59
CB MSE G 341 17.39 12.34 -27.33
CG MSE G 341 16.39 12.33 -28.48
SE MSE G 341 15.04 10.88 -28.46
CE MSE G 341 16.04 9.56 -29.36
N GLU G 342 14.45 12.19 -25.49
CA GLU G 342 13.38 11.22 -25.34
C GLU G 342 12.14 11.42 -26.18
N LEU G 343 11.73 10.36 -26.86
CA LEU G 343 10.49 10.35 -27.60
C LEU G 343 9.44 9.44 -26.91
N HIS G 344 8.31 10.01 -26.50
CA HIS G 344 7.23 9.21 -25.92
C HIS G 344 6.18 8.83 -26.94
N LEU G 345 5.77 7.58 -26.91
CA LEU G 345 4.65 7.15 -27.74
C LEU G 345 3.40 7.04 -26.88
N SER G 346 2.25 7.36 -27.46
CA SER G 346 1.00 7.42 -26.70
C SER G 346 0.04 6.37 -27.19
N ARG G 347 -0.43 5.55 -26.25
CA ARG G 347 -1.45 4.54 -26.53
C ARG G 347 -2.69 5.19 -27.12
N LYS G 348 -3.18 6.22 -26.43
CA LYS G 348 -4.33 7.00 -26.86
C LYS G 348 -4.28 7.37 -28.34
N ILE G 349 -3.16 7.95 -28.78
CA ILE G 349 -3.05 8.37 -30.17
C ILE G 349 -3.03 7.18 -31.13
N ALA G 350 -2.45 6.07 -30.69
CA ALA G 350 -2.34 4.88 -31.52
C ALA G 350 -3.71 4.25 -31.75
N GLU G 351 -4.50 4.14 -30.68
CA GLU G 351 -5.85 3.56 -30.75
C GLU G 351 -6.73 4.21 -31.82
N LYS G 352 -6.79 5.55 -31.80
CA LYS G 352 -7.63 6.29 -32.75
C LYS G 352 -7.03 6.25 -34.18
N ARG G 353 -6.08 5.33 -34.39
CA ARG G 353 -5.42 5.17 -35.68
C ARG G 353 -4.71 6.45 -36.14
N VAL G 354 -4.89 7.55 -35.39
CA VAL G 354 -4.10 8.76 -35.61
C VAL G 354 -2.64 8.32 -35.62
N PHE G 355 -1.78 8.99 -36.39
CA PHE G 355 -0.52 8.30 -36.67
C PHE G 355 0.69 8.60 -35.78
N PRO G 356 1.74 9.25 -36.29
CA PRO G 356 2.95 9.31 -35.48
C PRO G 356 2.54 9.42 -34.02
N ALA G 357 2.66 8.30 -33.28
CA ALA G 357 2.02 8.24 -31.97
C ALA G 357 2.71 9.14 -30.96
N ILE G 358 3.27 10.23 -31.45
CA ILE G 358 4.14 11.05 -30.64
C ILE G 358 3.40 11.93 -29.65
N ASP G 359 3.84 11.86 -28.39
CA ASP G 359 3.33 12.75 -27.35
C ASP G 359 4.28 13.95 -27.26
N TYR G 360 4.07 14.87 -28.21
CA TYR G 360 4.87 16.08 -28.33
C TYR G 360 5.21 16.69 -26.99
N ASN G 361 4.19 16.84 -26.14
CA ASN G 361 4.37 17.52 -24.87
C ASN G 361 5.41 16.89 -23.95
N ARG G 362 5.50 15.56 -23.96
CA ARG G 362 6.45 14.85 -23.11
C ARG G 362 7.78 14.63 -23.79
N SER G 363 7.76 14.59 -25.12
CA SER G 363 8.97 14.31 -25.88
C SER G 363 9.89 15.51 -25.86
N GLY G 364 11.11 15.32 -26.33
CA GLY G 364 12.01 16.45 -26.45
C GLY G 364 13.43 16.10 -26.08
N THR G 365 14.33 17.02 -26.41
CA THR G 365 15.75 16.74 -26.27
C THR G 365 16.51 17.82 -25.49
N ARG G 366 17.58 17.39 -24.84
CA ARG G 366 18.38 18.30 -24.00
C ARG G 366 19.34 19.06 -24.88
N LYS G 367 19.60 20.32 -24.49
CA LYS G 367 20.53 21.19 -25.19
C LYS G 367 20.19 21.27 -26.70
N GLU G 368 18.92 21.56 -26.99
CA GLU G 368 18.47 21.67 -28.38
C GLU G 368 19.25 22.77 -29.09
N GLU G 369 19.67 23.77 -28.33
CA GLU G 369 20.27 24.98 -28.89
C GLU G 369 21.62 24.73 -29.52
N LEU G 370 22.12 23.50 -29.42
CA LEU G 370 23.34 23.13 -30.10
C LEU G 370 23.02 22.16 -31.23
N LEU G 371 21.74 22.05 -31.56
CA LEU G 371 21.30 21.19 -32.64
C LEU G 371 20.47 21.94 -33.69
N THR G 372 20.04 23.14 -33.34
CA THR G 372 19.17 23.94 -34.21
C THR G 372 19.58 25.40 -34.15
N THR G 373 19.41 26.08 -35.29
CA THR G 373 19.80 27.49 -35.47
C THR G 373 18.94 28.42 -34.64
N GLN G 374 19.52 29.54 -34.20
CA GLN G 374 18.79 30.47 -33.34
C GLN G 374 17.39 30.70 -33.91
N GLU G 375 17.31 30.71 -35.24
CA GLU G 375 16.06 30.82 -35.97
C GLU G 375 15.20 29.59 -35.71
N GLU G 376 15.74 28.41 -36.05
CA GLU G 376 15.03 27.13 -35.88
C GLU G 376 14.42 27.01 -34.47
N LEU G 377 15.27 27.02 -33.45
CA LEU G 377 14.80 26.99 -32.07
C LEU G 377 13.62 27.93 -31.88
N GLN G 378 13.85 29.24 -32.08
CA GLN G 378 12.81 30.26 -31.91
C GLN G 378 11.53 29.75 -32.54
N LYS G 379 11.61 29.39 -33.82
CA LYS G 379 10.49 28.83 -34.55
C LYS G 379 9.85 27.71 -33.71
N MSE G 380 10.63 26.68 -33.39
CA MSE G 380 10.13 25.52 -32.65
C MSE G 380 9.51 25.97 -31.33
O MSE G 380 8.42 25.52 -30.95
CB MSE G 380 11.22 24.47 -32.39
CG MSE G 380 12.34 24.46 -33.42
SE MSE G 380 13.35 22.78 -33.63
CE MSE G 380 14.15 22.61 -31.88
N TRP G 381 10.20 26.88 -30.65
CA TRP G 381 9.73 27.36 -29.36
C TRP G 381 8.28 27.85 -29.44
N ILE G 382 7.94 28.60 -30.48
CA ILE G 382 6.57 29.07 -30.61
C ILE G 382 5.62 27.90 -30.88
N LEU G 383 6.01 27.02 -31.79
CA LEU G 383 5.19 25.85 -32.08
C LEU G 383 4.87 25.12 -30.79
N ARG G 384 5.86 25.03 -29.91
CA ARG G 384 5.68 24.39 -28.61
C ARG G 384 4.72 25.18 -27.71
N LYS G 385 4.81 26.52 -27.77
CA LYS G 385 3.98 27.40 -26.93
C LYS G 385 2.52 27.09 -27.14
N ILE G 386 2.16 26.94 -28.41
CA ILE G 386 0.77 26.76 -28.81
C ILE G 386 0.21 25.36 -28.49
N ILE G 387 1.06 24.34 -28.57
CA ILE G 387 0.59 22.96 -28.40
C ILE G 387 0.46 22.50 -26.94
N HIS G 388 0.97 23.30 -26.01
CA HIS G 388 0.95 22.94 -24.59
C HIS G 388 -0.45 22.56 -24.04
N PRO G 389 -1.43 23.46 -24.15
CA PRO G 389 -2.79 23.18 -23.65
C PRO G 389 -3.51 22.04 -24.39
N MSE G 390 -3.17 21.84 -25.67
CA MSE G 390 -3.75 20.74 -26.46
C MSE G 390 -3.54 19.39 -25.77
O MSE G 390 -2.42 19.07 -25.33
CB MSE G 390 -3.14 20.71 -27.87
CG MSE G 390 -3.54 21.86 -28.80
SE MSE G 390 -2.84 21.65 -30.62
CE MSE G 390 -4.39 20.79 -31.38
N GLY G 391 -4.60 18.60 -25.68
CA GLY G 391 -4.50 17.24 -25.17
C GLY G 391 -3.73 16.35 -26.13
N GLU G 392 -3.54 15.09 -25.76
CA GLU G 392 -2.72 14.18 -26.56
C GLU G 392 -3.12 14.08 -28.03
N ILE G 393 -4.41 13.85 -28.30
CA ILE G 393 -4.89 13.59 -29.66
C ILE G 393 -5.05 14.85 -30.52
N ASP G 394 -5.73 15.87 -30.01
CA ASP G 394 -5.85 17.15 -30.70
C ASP G 394 -4.50 17.54 -31.25
N ALA G 395 -3.49 17.39 -30.39
CA ALA G 395 -2.12 17.85 -30.63
C ALA G 395 -1.44 17.18 -31.82
N MSE G 396 -1.75 15.92 -32.06
CA MSE G 396 -1.14 15.20 -33.17
C MSE G 396 -1.93 15.46 -34.45
O MSE G 396 -1.36 15.56 -35.53
CB MSE G 396 -1.03 13.70 -32.89
CG MSE G 396 0.34 13.24 -32.33
SE MSE G 396 1.93 14.14 -33.06
CE MSE G 396 2.09 13.30 -34.78
N GLU G 397 -3.25 15.56 -34.31
CA GLU G 397 -4.09 15.93 -35.43
C GLU G 397 -3.78 17.37 -35.85
N PHE G 398 -3.65 18.25 -34.86
CA PHE G 398 -3.29 19.62 -35.16
C PHE G 398 -1.98 19.69 -35.94
N LEU G 399 -1.02 18.86 -35.57
CA LEU G 399 0.29 18.90 -36.20
C LEU G 399 0.31 18.25 -37.57
N ILE G 400 -0.34 17.10 -37.71
CA ILE G 400 -0.36 16.42 -39.00
C ILE G 400 -1.09 17.26 -40.06
N ASN G 401 -2.28 17.75 -39.72
CA ASN G 401 -3.03 18.65 -40.62
C ASN G 401 -2.12 19.76 -41.13
N LYS G 402 -1.46 20.45 -40.22
CA LYS G 402 -0.57 21.54 -40.58
C LYS G 402 0.72 21.05 -41.28
N LEU G 403 1.16 19.83 -40.99
CA LEU G 403 2.35 19.30 -41.64
C LEU G 403 1.99 18.72 -42.99
N ALA G 404 0.76 18.22 -43.11
CA ALA G 404 0.26 17.67 -44.36
C ALA G 404 0.20 18.74 -45.45
N MSE G 405 0.19 20.01 -45.03
CA MSE G 405 0.24 21.13 -45.97
C MSE G 405 1.44 20.91 -46.89
O MSE G 405 1.28 20.55 -48.06
CB MSE G 405 0.35 22.49 -45.26
CG MSE G 405 -0.58 22.72 -44.08
SE MSE G 405 -2.44 22.95 -44.56
CE MSE G 405 -3.25 23.23 -42.82
N THR G 406 2.63 21.08 -46.33
CA THR G 406 3.87 21.09 -47.12
C THR G 406 5.04 20.49 -46.33
N LYS G 407 6.26 20.99 -46.59
CA LYS G 407 7.47 20.45 -45.96
C LYS G 407 8.38 21.53 -45.36
N THR G 408 8.97 21.23 -44.19
CA THR G 408 10.01 22.07 -43.53
C THR G 408 9.48 23.32 -42.81
N ASN G 409 10.26 24.40 -42.88
CA ASN G 409 9.91 25.71 -42.30
C ASN G 409 8.67 26.29 -42.95
N ASP G 410 8.21 25.60 -44.00
CA ASP G 410 7.00 25.97 -44.70
C ASP G 410 5.78 25.58 -43.88
N ASP G 411 5.93 25.63 -42.57
CA ASP G 411 4.84 25.35 -41.65
C ASP G 411 4.54 26.61 -40.86
N PHE G 412 5.56 27.08 -40.13
CA PHE G 412 5.43 28.26 -39.28
C PHE G 412 5.08 29.51 -40.09
N PHE G 413 5.78 29.72 -41.21
CA PHE G 413 5.64 30.95 -41.99
C PHE G 413 4.18 31.36 -42.22
N GLU G 414 3.49 30.59 -43.07
CA GLU G 414 2.13 30.94 -43.47
C GLU G 414 1.21 31.09 -42.26
N MSE G 415 1.11 30.02 -41.48
CA MSE G 415 0.25 29.99 -40.30
C MSE G 415 0.31 31.31 -39.53
O MSE G 415 -0.69 31.74 -38.92
CB MSE G 415 0.63 28.81 -39.39
CG MSE G 415 0.49 27.42 -40.03
SE MSE G 415 -1.24 27.10 -40.93
CE MSE G 415 -0.74 27.45 -42.79
N MSE G 416 1.46 31.96 -39.59
CA MSE G 416 1.68 33.23 -38.91
C MSE G 416 0.95 34.41 -39.56
O MSE G 416 0.34 35.22 -38.87
CB MSE G 416 3.17 33.54 -38.80
CG MSE G 416 3.86 32.83 -37.66
SE MSE G 416 2.75 32.82 -36.05
CE MSE G 416 3.05 34.67 -35.44
N LYS G 417 1.02 34.48 -40.89
CA LYS G 417 0.46 35.61 -41.67
C LYS G 417 1.57 36.56 -42.12
N MSE H 1 57.31 10.57 -13.43
CA MSE H 1 57.96 11.87 -13.02
C MSE H 1 57.47 12.29 -11.64
O MSE H 1 57.87 11.72 -10.64
CB MSE H 1 57.73 12.98 -14.06
CG MSE H 1 56.24 13.39 -14.31
SE MSE H 1 55.82 15.37 -14.43
CE MSE H 1 57.18 15.97 -15.86
N ASN H 2 56.62 13.32 -11.61
CA ASN H 2 55.78 13.61 -10.46
C ASN H 2 54.38 13.03 -10.74
N LEU H 3 53.94 12.09 -9.89
CA LEU H 3 52.73 11.31 -10.18
C LEU H 3 51.50 12.20 -10.39
N THR H 4 51.42 13.30 -9.64
CA THR H 4 50.34 14.27 -9.83
C THR H 4 50.29 14.76 -11.28
N GLU H 5 51.33 15.52 -11.67
CA GLU H 5 51.41 16.12 -12.99
C GLU H 5 51.20 15.05 -14.06
N LEU H 6 51.84 13.90 -13.86
CA LEU H 6 51.63 12.73 -14.72
C LEU H 6 50.14 12.42 -14.97
N LYS H 7 49.29 12.62 -13.96
CA LYS H 7 47.90 12.28 -14.13
C LYS H 7 47.09 13.42 -14.72
N ASN H 8 47.73 14.54 -15.01
CA ASN H 8 46.99 15.66 -15.58
C ASN H 8 47.38 15.97 -17.01
N THR H 9 48.23 15.11 -17.56
CA THR H 9 48.64 15.20 -18.95
C THR H 9 47.70 14.39 -19.83
N PRO H 10 47.45 14.91 -21.04
CA PRO H 10 46.63 14.21 -22.04
C PRO H 10 47.04 12.75 -22.15
N VAL H 11 46.13 11.87 -22.54
CA VAL H 11 46.49 10.48 -22.77
C VAL H 11 47.57 10.37 -23.86
N SER H 12 47.35 11.08 -24.97
CA SER H 12 48.28 11.14 -26.09
C SER H 12 49.70 11.41 -25.63
N GLU H 13 49.90 12.57 -25.00
CA GLU H 13 51.22 13.02 -24.57
C GLU H 13 51.87 11.96 -23.70
N LEU H 14 51.09 11.46 -22.75
CA LEU H 14 51.51 10.38 -21.87
C LEU H 14 52.02 9.21 -22.68
N ILE H 15 51.28 8.83 -23.71
CA ILE H 15 51.74 7.75 -24.59
C ILE H 15 53.04 8.16 -25.32
N THR H 16 53.02 9.32 -25.97
CA THR H 16 54.23 9.79 -26.63
C THR H 16 55.39 9.62 -25.63
N LEU H 17 55.11 9.93 -24.37
CA LEU H 17 56.12 9.92 -23.32
C LEU H 17 56.67 8.53 -22.93
N GLY H 18 55.82 7.51 -23.00
CA GLY H 18 56.26 6.17 -22.66
C GLY H 18 56.94 5.48 -23.82
N GLU H 19 56.49 5.78 -25.04
CA GLU H 19 57.13 5.31 -26.25
C GLU H 19 58.59 5.78 -26.23
N ASN H 20 58.77 7.02 -25.75
CA ASN H 20 60.07 7.67 -25.58
C ASN H 20 60.99 6.95 -24.60
N MSE H 21 60.42 6.50 -23.44
CA MSE H 21 61.17 5.79 -22.33
C MSE H 21 61.58 4.42 -22.88
O MSE H 21 62.39 3.69 -22.25
CB MSE H 21 60.48 5.85 -21.09
CG MSE H 21 60.41 7.32 -20.40
SE MSE H 21 59.31 7.41 -18.71
CE MSE H 21 59.83 5.72 -17.94
N GLY H 22 61.02 4.08 -24.03
CA GLY H 22 61.33 2.81 -24.68
C GLY H 22 60.23 1.77 -24.53
N LEU H 23 59.13 2.17 -23.87
CA LEU H 23 57.99 1.28 -23.68
C LEU H 23 57.24 1.07 -24.99
N GLU H 24 57.20 -0.18 -25.44
CA GLU H 24 56.54 -0.53 -26.70
C GLU H 24 55.08 -0.10 -26.69
N ASN H 25 54.68 0.61 -27.74
CA ASN H 25 53.31 1.12 -27.93
C ASN H 25 52.27 0.58 -26.92
N LEU H 26 51.70 1.51 -26.14
CA LEU H 26 50.68 1.20 -25.14
C LEU H 26 49.48 2.13 -25.29
N ALA H 27 49.17 2.52 -26.53
CA ALA H 27 48.10 3.49 -26.80
C ALA H 27 46.71 2.97 -26.47
N ARG H 28 46.56 1.65 -26.51
CA ARG H 28 45.25 1.04 -26.26
C ARG H 28 45.11 0.55 -24.82
N MSE H 29 46.07 0.92 -23.96
CA MSE H 29 45.87 0.67 -22.54
C MSE H 29 45.21 1.89 -21.90
O MSE H 29 45.09 2.95 -22.53
CB MSE H 29 47.16 0.15 -21.80
CG MSE H 29 48.39 1.06 -21.73
SE MSE H 29 49.79 0.53 -20.35
CE MSE H 29 50.08 -1.39 -20.84
N ARG H 30 44.69 1.72 -20.68
CA ARG H 30 43.97 2.81 -20.00
C ARG H 30 44.92 3.84 -19.44
N LYS H 31 44.48 5.10 -19.41
CA LYS H 31 45.30 6.16 -18.83
C LYS H 31 46.05 5.60 -17.60
N GLN H 32 45.30 5.16 -16.61
CA GLN H 32 45.91 4.62 -15.38
C GLN H 32 46.95 3.51 -15.62
N ASP H 33 46.64 2.55 -16.51
CA ASP H 33 47.62 1.52 -16.89
C ASP H 33 48.87 2.19 -17.46
N ILE H 34 48.67 3.29 -18.20
CA ILE H 34 49.78 3.95 -18.86
C ILE H 34 50.64 4.69 -17.86
N ILE H 35 50.02 5.28 -16.85
CA ILE H 35 50.80 6.04 -15.89
C ILE H 35 51.74 5.14 -15.07
N PHE H 36 51.21 4.04 -14.53
CA PHE H 36 52.02 3.10 -13.74
C PHE H 36 53.24 2.53 -14.47
N ALA H 37 53.10 2.34 -15.78
CA ALA H 37 54.18 1.83 -16.66
C ALA H 37 55.26 2.88 -16.87
N ILE H 38 54.83 4.15 -16.98
CA ILE H 38 55.74 5.28 -17.05
C ILE H 38 56.45 5.49 -15.72
N LEU H 39 55.79 5.12 -14.63
CA LEU H 39 56.41 5.16 -13.30
C LEU H 39 57.41 4.01 -13.08
N LYS H 40 57.14 2.86 -13.68
CA LYS H 40 57.97 1.66 -13.54
C LYS H 40 59.30 1.82 -14.28
N GLN H 41 59.24 1.97 -15.60
CA GLN H 41 60.45 2.10 -16.41
C GLN H 41 61.28 3.29 -15.98
N HIS H 42 60.70 4.16 -15.16
CA HIS H 42 61.40 5.36 -14.69
C HIS H 42 62.20 5.12 -13.40
N ALA H 43 62.99 4.04 -13.38
CA ALA H 43 63.80 3.68 -12.20
C ALA H 43 65.31 3.95 -12.35
N LYS H 44 65.64 5.13 -12.89
CA LYS H 44 67.04 5.56 -12.93
C LYS H 44 67.31 6.84 -12.14
N SER H 45 66.34 7.76 -12.11
CA SER H 45 66.49 9.02 -11.37
C SER H 45 66.11 8.85 -9.88
N GLY H 46 67.06 9.17 -9.00
CA GLY H 46 66.92 8.93 -7.57
C GLY H 46 65.79 9.67 -6.86
N GLU H 47 65.46 10.86 -7.35
CA GLU H 47 64.47 11.71 -6.71
C GLU H 47 63.57 12.35 -7.76
N ASP H 48 62.51 13.03 -7.29
CA ASP H 48 61.48 13.67 -8.15
C ASP H 48 60.22 12.81 -8.25
N ILE H 49 60.32 11.56 -7.77
CA ILE H 49 59.14 10.70 -7.64
C ILE H 49 58.31 11.15 -6.44
N PHE H 50 57.79 12.38 -6.53
CA PHE H 50 56.86 12.92 -5.56
C PHE H 50 55.50 12.27 -5.81
N GLY H 51 54.75 12.04 -4.75
CA GLY H 51 53.39 11.56 -4.88
C GLY H 51 52.48 12.34 -3.97
N ASP H 52 51.25 12.58 -4.42
CA ASP H 52 50.23 13.13 -3.56
C ASP H 52 48.97 12.34 -3.86
N GLY H 53 48.06 12.34 -2.89
CA GLY H 53 46.80 11.64 -3.00
C GLY H 53 46.00 11.82 -1.72
N VAL H 54 44.73 11.46 -1.78
CA VAL H 54 43.90 11.53 -0.60
C VAL H 54 43.87 10.15 0.01
N LEU H 55 44.00 10.07 1.31
CA LEU H 55 44.18 8.76 1.95
C LEU H 55 42.89 7.98 2.24
N GLU H 56 42.91 6.68 1.89
CA GLU H 56 41.85 5.77 2.29
C GLU H 56 42.41 4.65 3.18
N ILE H 57 42.21 4.71 4.50
CA ILE H 57 42.71 3.62 5.36
C ILE H 57 41.77 2.43 5.27
N LEU H 58 42.16 1.39 4.52
CA LEU H 58 41.35 0.19 4.41
C LEU H 58 41.37 -0.62 5.70
N GLN H 59 40.21 -1.18 6.06
CA GLN H 59 40.06 -1.90 7.35
C GLN H 59 41.12 -2.95 7.65
N ASP H 60 41.90 -3.33 6.66
CA ASP H 60 43.03 -4.22 6.92
C ASP H 60 44.09 -3.52 7.78
N GLY H 61 44.06 -2.18 7.80
CA GLY H 61 44.98 -1.40 8.61
C GLY H 61 45.94 -0.51 7.80
N PHE H 62 46.15 -0.87 6.53
CA PHE H 62 46.99 -0.08 5.64
C PHE H 62 46.09 0.84 4.82
N GLY H 63 46.68 1.86 4.20
CA GLY H 63 45.90 2.78 3.39
C GLY H 63 46.40 2.89 1.97
N PHE H 64 45.64 3.62 1.16
CA PHE H 64 46.06 4.04 -0.16
C PHE H 64 45.81 5.54 -0.25
N LEU H 65 46.71 6.26 -0.95
CA LEU H 65 46.45 7.64 -1.33
C LEU H 65 45.77 7.55 -2.70
N ARG H 66 44.61 8.18 -2.87
CA ARG H 66 43.96 8.18 -4.18
C ARG H 66 43.84 9.58 -4.73
N SER H 67 43.74 9.67 -6.04
CA SER H 67 43.79 10.95 -6.72
C SER H 67 42.40 11.49 -7.03
N ALA H 68 42.25 12.80 -7.02
CA ALA H 68 40.96 13.34 -7.38
C ALA H 68 40.88 13.55 -8.87
N ASP H 69 41.85 13.07 -9.65
CA ASP H 69 41.72 13.28 -11.10
C ASP H 69 40.83 12.24 -11.65
N SER H 70 40.80 11.09 -11.00
CA SER H 70 39.98 9.96 -11.39
C SER H 70 38.84 9.79 -10.36
N SER H 71 38.29 10.92 -9.90
CA SER H 71 37.34 10.90 -8.80
C SER H 71 37.54 9.67 -7.90
N TYR H 72 38.73 9.60 -7.35
CA TYR H 72 39.06 8.65 -6.32
C TYR H 72 38.89 7.22 -6.71
N LEU H 73 38.87 6.93 -8.01
CA LEU H 73 38.81 5.53 -8.48
C LEU H 73 40.10 4.80 -8.22
N ALA H 74 40.02 3.80 -7.35
CA ALA H 74 41.17 2.96 -7.01
C ALA H 74 41.78 2.34 -8.26
N GLY H 75 43.11 2.32 -8.31
CA GLY H 75 43.84 1.76 -9.44
C GLY H 75 45.35 1.58 -9.25
N PRO H 76 46.00 1.15 -10.31
CA PRO H 76 47.33 0.57 -10.24
C PRO H 76 48.37 1.60 -9.82
N ASP H 77 48.02 2.88 -9.95
CA ASP H 77 48.94 3.94 -9.61
C ASP H 77 48.51 4.72 -8.38
N ASP H 78 47.77 4.07 -7.49
CA ASP H 78 47.60 4.65 -6.16
C ASP H 78 48.82 4.28 -5.34
N ILE H 79 49.07 5.07 -4.32
CA ILE H 79 50.26 4.95 -3.54
C ILE H 79 49.99 4.29 -2.24
N TYR H 80 50.81 3.32 -1.91
CA TYR H 80 50.59 2.50 -0.73
C TYR H 80 51.02 3.19 0.59
N VAL H 81 50.20 3.05 1.62
CA VAL H 81 50.46 3.69 2.89
C VAL H 81 50.47 2.64 4.01
N SER H 82 51.61 2.54 4.71
CA SER H 82 51.83 1.54 5.76
C SER H 82 51.15 1.84 7.08
N PRO H 83 50.84 0.79 7.83
CA PRO H 83 50.18 0.93 9.11
C PRO H 83 51.10 1.69 10.06
N SER H 84 52.41 1.57 9.86
CA SER H 84 53.39 2.27 10.70
C SER H 84 53.44 3.75 10.33
N GLN H 85 53.43 4.02 9.04
CA GLN H 85 53.31 5.39 8.55
C GLN H 85 52.00 5.97 9.06
N ILE H 86 50.90 5.25 8.84
CA ILE H 86 49.63 5.67 9.38
C ILE H 86 49.77 5.97 10.87
N ARG H 87 50.34 5.04 11.64
CA ARG H 87 50.49 5.23 13.08
C ARG H 87 51.37 6.43 13.48
N ARG H 88 52.35 6.76 12.63
CA ARG H 88 53.34 7.80 12.93
C ARG H 88 52.73 9.19 13.02
N PHE H 89 52.13 9.64 11.92
CA PHE H 89 51.57 10.97 11.88
C PHE H 89 50.08 10.89 12.10
N ASN H 90 49.64 9.76 12.63
CA ASN H 90 48.30 9.73 13.15
C ASN H 90 47.29 9.83 12.01
N LEU H 91 47.59 9.18 10.89
CA LEU H 91 46.77 9.38 9.69
C LEU H 91 45.29 8.98 9.84
N ARG H 92 44.40 9.78 9.23
CA ARG H 92 42.95 9.48 9.21
C ARG H 92 42.47 9.57 7.77
N THR H 93 41.57 8.66 7.35
CA THR H 93 41.19 8.73 5.93
C THR H 93 40.55 10.08 5.62
N GLY H 94 40.99 10.67 4.51
CA GLY H 94 40.49 11.96 4.11
C GLY H 94 41.63 12.93 4.01
N ASP H 95 42.68 12.69 4.81
CA ASP H 95 43.92 13.50 4.76
C ASP H 95 44.49 13.51 3.37
N THR H 96 44.98 14.67 2.96
CA THR H 96 45.79 14.85 1.76
C THR H 96 47.25 14.70 2.15
N ILE H 97 47.93 13.71 1.58
CA ILE H 97 49.33 13.48 1.88
C ILE H 97 50.22 13.67 0.67
N SER H 98 51.35 14.35 0.90
CA SER H 98 52.40 14.59 -0.10
C SER H 98 53.68 14.00 0.41
N GLY H 99 54.51 13.46 -0.48
CA GLY H 99 55.84 13.04 -0.11
C GLY H 99 56.58 12.43 -1.26
N LYS H 100 57.47 11.49 -0.96
CA LYS H 100 58.28 10.86 -1.99
C LYS H 100 58.00 9.38 -1.99
N ILE H 101 57.71 8.84 -3.16
CA ILE H 101 57.33 7.44 -3.25
C ILE H 101 58.44 6.64 -3.85
N ARG H 102 58.43 5.34 -3.58
CA ARG H 102 59.41 4.43 -4.16
C ARG H 102 58.68 3.31 -4.88
N PRO H 103 59.37 2.66 -5.82
CA PRO H 103 58.82 1.53 -6.57
C PRO H 103 58.38 0.35 -5.70
N PRO H 104 57.69 -0.61 -6.32
CA PRO H 104 57.43 -1.91 -5.70
C PRO H 104 58.68 -2.78 -5.73
N LYS H 105 59.42 -2.80 -4.62
CA LYS H 105 60.69 -3.53 -4.52
C LYS H 105 60.68 -4.88 -5.26
N GLU H 106 59.81 -5.78 -4.81
CA GLU H 106 59.70 -7.13 -5.34
C GLU H 106 58.59 -7.84 -4.56
N GLY H 107 57.65 -8.45 -5.28
CA GLY H 107 56.54 -9.13 -4.65
C GLY H 107 55.47 -8.14 -4.18
N GLU H 108 55.57 -6.91 -4.69
CA GLU H 108 54.60 -5.86 -4.40
C GLU H 108 53.93 -5.45 -5.71
N ARG H 109 52.79 -4.75 -5.62
CA ARG H 109 52.06 -4.32 -6.82
C ARG H 109 51.89 -2.81 -6.91
N TYR H 110 52.26 -2.09 -5.87
CA TYR H 110 52.05 -0.64 -5.84
C TYR H 110 53.24 0.11 -5.31
N PHE H 111 53.41 1.33 -5.81
CA PHE H 111 54.40 2.24 -5.26
C PHE H 111 54.08 2.57 -3.80
N ALA H 112 55.13 2.81 -3.04
CA ALA H 112 54.98 3.06 -1.62
C ALA H 112 55.37 4.47 -1.25
N LEU H 113 54.80 4.94 -0.14
CA LEU H 113 55.11 6.24 0.43
C LEU H 113 56.40 6.13 1.22
N LEU H 114 57.44 6.83 0.78
CA LEU H 114 58.77 6.74 1.42
C LEU H 114 58.98 7.86 2.43
N LYS H 115 58.57 9.07 2.07
CA LYS H 115 58.68 10.23 2.95
C LYS H 115 57.43 11.10 2.88
N VAL H 116 56.72 11.16 4.00
CA VAL H 116 55.59 12.08 4.18
C VAL H 116 56.18 13.48 4.23
N ASN H 117 55.68 14.36 3.38
CA ASN H 117 56.18 15.73 3.34
C ASN H 117 55.20 16.72 3.95
N GLU H 118 53.95 16.65 3.48
CA GLU H 118 52.87 17.48 4.01
C GLU H 118 51.68 16.61 4.39
N VAL H 119 50.89 17.08 5.36
CA VAL H 119 49.61 16.49 5.69
C VAL H 119 48.56 17.60 5.75
N ASN H 120 47.62 17.56 4.83
CA ASN H 120 46.59 18.57 4.78
C ASN H 120 47.26 19.92 4.62
N PHE H 121 48.26 19.98 3.75
CA PHE H 121 48.88 21.26 3.47
C PHE H 121 49.50 21.87 4.72
N ASP H 122 50.14 21.03 5.51
CA ASP H 122 50.75 21.50 6.72
C ASP H 122 51.92 20.60 7.14
N LYS H 123 52.65 21.04 8.16
CA LYS H 123 53.80 20.30 8.65
C LYS H 123 53.33 18.97 9.18
N PRO H 124 53.84 17.88 8.61
CA PRO H 124 53.31 16.54 8.89
C PRO H 124 53.21 16.26 10.37
N GLU H 125 53.93 17.01 11.18
CA GLU H 125 53.83 16.81 12.62
C GLU H 125 53.08 17.95 13.28
N ASN H 126 52.09 18.50 12.57
CA ASN H 126 51.11 19.39 13.20
C ASN H 126 49.79 18.64 13.49
N ASN H 129 45.20 18.24 15.21
CA ASN H 129 43.97 19.01 15.15
C ASN H 129 42.74 18.17 15.49
N LYS H 130 41.91 18.73 16.38
CA LYS H 130 40.72 18.06 16.84
C LYS H 130 39.86 17.66 15.65
N ILE H 131 39.11 16.57 15.85
CA ILE H 131 38.34 15.92 14.82
C ILE H 131 37.02 16.71 14.50
N LEU H 132 36.58 16.74 13.23
CA LEU H 132 35.41 17.57 12.89
C LEU H 132 34.34 17.31 13.94
N PHE H 133 34.28 16.04 14.34
CA PHE H 133 33.17 15.48 15.09
C PHE H 133 33.00 16.07 16.48
N GLU H 134 34.07 16.70 17.00
CA GLU H 134 33.94 17.39 18.29
C GLU H 134 34.07 18.88 18.30
N ASN H 135 33.91 19.52 17.17
CA ASN H 135 33.89 20.97 17.10
C ASN H 135 32.47 21.43 17.39
N LEU H 136 32.29 22.58 18.03
CA LEU H 136 30.91 23.05 18.29
C LEU H 136 30.28 23.75 17.09
N THR H 137 29.00 23.41 16.95
CA THR H 137 28.19 23.78 15.81
C THR H 137 27.29 25.00 16.00
N PRO H 138 27.83 26.23 15.86
CA PRO H 138 26.94 27.40 15.78
C PRO H 138 26.08 27.38 14.50
N LEU H 139 25.04 28.20 14.54
CA LEU H 139 24.05 28.24 13.47
C LEU H 139 24.72 28.54 12.14
N HIS H 140 25.56 29.56 12.11
CA HIS H 140 26.31 29.81 10.89
C HIS H 140 25.72 30.86 10.02
N ALA H 141 25.39 31.97 10.64
CA ALA H 141 24.99 33.18 9.96
C ALA H 141 26.16 34.13 10.27
N ASN H 142 27.09 33.53 11.02
CA ASN H 142 28.32 34.14 11.43
C ASN H 142 28.92 34.94 10.27
N SER H 143 28.78 34.45 9.03
CA SER H 143 29.30 35.22 7.89
C SER H 143 28.75 34.89 6.51
N ARG H 144 28.22 35.93 5.87
CA ARG H 144 27.54 35.86 4.58
C ARG H 144 28.46 35.44 3.44
N LEU H 145 28.00 34.61 2.52
CA LEU H 145 28.68 34.46 1.24
C LEU H 145 27.78 35.01 0.13
N ARG H 146 27.83 36.33 -0.11
CA ARG H 146 26.96 37.01 -1.10
C ARG H 146 27.21 36.46 -2.52
N MSE H 147 26.26 36.61 -3.45
CA MSE H 147 26.45 36.04 -4.81
C MSE H 147 26.33 37.00 -6.05
O MSE H 147 26.42 38.26 -5.98
CB MSE H 147 25.53 34.84 -5.01
CG MSE H 147 25.43 33.88 -3.85
SE MSE H 147 26.43 32.18 -4.12
CE MSE H 147 27.52 32.23 -2.47
N GLY H 152 27.58 43.37 -14.68
CA GLY H 152 26.19 43.06 -14.37
C GLY H 152 25.40 42.42 -15.52
N SER H 153 25.71 41.13 -15.81
CA SER H 153 25.06 40.43 -16.93
C SER H 153 23.86 39.66 -16.44
N THR H 154 23.10 39.07 -17.36
CA THR H 154 21.87 38.35 -16.99
C THR H 154 22.15 37.16 -16.07
N GLU H 155 23.36 36.60 -16.18
CA GLU H 155 23.78 35.54 -15.29
C GLU H 155 23.65 35.95 -13.83
N ASP H 156 23.74 37.25 -13.58
CA ASP H 156 23.85 37.75 -12.22
C ASP H 156 22.50 38.03 -11.62
N LEU H 157 21.45 37.80 -12.39
CA LEU H 157 20.13 38.02 -11.84
C LEU H 157 19.82 36.85 -10.91
N THR H 158 20.14 35.64 -11.38
CA THR H 158 20.05 34.44 -10.58
C THR H 158 20.69 34.59 -9.21
N ALA H 159 21.98 34.91 -9.22
CA ALA H 159 22.72 35.19 -8.00
C ALA H 159 22.01 36.25 -7.22
N ARG H 160 21.53 37.26 -7.93
CA ARG H 160 20.89 38.40 -7.31
C ARG H 160 19.55 38.00 -6.73
N VAL H 161 18.74 37.27 -7.49
CA VAL H 161 17.48 36.79 -6.93
C VAL H 161 17.82 35.87 -5.78
N LEU H 162 18.64 34.88 -6.09
CA LEU H 162 19.13 33.93 -5.09
C LEU H 162 19.50 34.60 -3.80
N ASP H 163 20.32 35.65 -3.95
CA ASP H 163 20.78 36.50 -2.85
C ASP H 163 19.68 37.14 -2.02
N LEU H 164 18.44 37.16 -2.53
CA LEU H 164 17.34 37.84 -1.85
C LEU H 164 16.30 36.88 -1.32
N ALA H 165 16.36 35.67 -1.86
CA ALA H 165 15.44 34.64 -1.45
C ALA H 165 16.08 33.77 -0.38
N SER H 166 17.27 33.26 -0.68
CA SER H 166 17.90 32.32 0.20
C SER H 166 19.31 32.68 0.54
N PRO H 167 19.45 33.52 1.55
CA PRO H 167 20.80 33.80 2.00
C PRO H 167 21.58 32.53 2.31
N ILE H 168 22.77 32.47 1.78
CA ILE H 168 23.66 31.36 2.02
C ILE H 168 24.86 31.88 2.78
N GLY H 169 25.23 31.22 3.86
CA GLY H 169 26.40 31.62 4.63
C GLY H 169 27.39 30.47 4.87
N ARG H 170 28.54 30.79 5.46
CA ARG H 170 29.59 29.81 5.65
C ARG H 170 29.08 28.62 6.52
N GLY H 171 28.89 27.46 5.90
CA GLY H 171 28.37 26.34 6.65
C GLY H 171 26.84 26.17 6.65
N GLN H 172 26.15 26.80 5.72
CA GLN H 172 24.74 26.50 5.58
C GLN H 172 24.64 25.04 5.20
N ARG H 173 23.50 24.46 5.51
CA ARG H 173 23.11 23.14 5.06
C ARG H 173 21.92 23.41 4.11
N GLY H 174 22.21 23.57 2.82
CA GLY H 174 21.20 24.02 1.90
C GLY H 174 20.68 22.95 0.99
N LEU H 175 19.36 22.98 0.78
CA LEU H 175 18.68 22.04 -0.12
C LEU H 175 18.09 22.79 -1.34
N ILE H 176 18.29 22.29 -2.55
CA ILE H 176 17.60 22.90 -3.70
C ILE H 176 16.58 21.90 -4.13
N VAL H 177 15.33 22.22 -3.99
CA VAL H 177 14.32 21.32 -4.48
C VAL H 177 14.04 21.63 -5.95
N ALA H 178 14.30 20.67 -6.84
CA ALA H 178 14.07 20.87 -8.27
C ALA H 178 13.28 19.77 -8.96
N PRO H 179 12.21 20.16 -9.63
CA PRO H 179 11.58 19.25 -10.58
C PRO H 179 12.51 19.17 -11.77
N PRO H 180 12.21 18.33 -12.75
CA PRO H 180 13.01 18.25 -13.97
C PRO H 180 12.90 19.49 -14.84
N LYS H 181 13.96 19.72 -15.61
CA LYS H 181 14.03 20.85 -16.52
C LYS H 181 13.54 22.09 -15.80
N ALA H 182 14.20 22.47 -14.70
CA ALA H 182 13.89 23.76 -14.08
C ALA H 182 15.11 24.68 -13.92
N GLY H 183 16.18 24.38 -14.64
CA GLY H 183 17.37 25.21 -14.60
C GLY H 183 18.31 24.83 -13.48
N LYS H 184 18.04 23.70 -12.84
CA LYS H 184 18.89 23.17 -11.78
C LYS H 184 20.41 23.26 -12.04
N THR H 185 20.86 22.70 -13.16
CA THR H 185 22.29 22.70 -13.52
C THR H 185 22.87 24.11 -13.63
N MSE H 186 22.20 24.96 -14.39
CA MSE H 186 22.62 26.33 -14.46
C MSE H 186 22.54 26.97 -13.08
O MSE H 186 23.48 27.63 -12.66
CB MSE H 186 21.82 27.08 -15.48
CG MSE H 186 21.93 26.42 -16.82
SE MSE H 186 21.52 27.69 -18.25
CE MSE H 186 19.63 28.31 -17.62
N LEU H 187 21.48 26.73 -12.32
CA LEU H 187 21.46 27.28 -10.97
C LEU H 187 22.79 26.98 -10.30
N LEU H 188 23.15 25.68 -10.29
CA LEU H 188 24.36 25.19 -9.66
C LEU H 188 25.64 25.83 -10.20
N GLN H 189 25.80 25.81 -11.53
CA GLN H 189 26.97 26.37 -12.20
C GLN H 189 27.10 27.86 -11.83
N ASN H 190 25.95 28.52 -11.79
CA ASN H 190 25.91 29.89 -11.41
C ASN H 190 26.51 30.02 -10.04
N ILE H 191 26.03 29.21 -9.11
CA ILE H 191 26.53 29.27 -7.77
C ILE H 191 28.05 29.04 -7.76
N ALA H 192 28.52 28.10 -8.58
CA ALA H 192 29.92 27.78 -8.62
C ALA H 192 30.74 28.97 -9.17
N GLN H 193 30.23 29.60 -10.23
CA GLN H 193 30.94 30.75 -10.78
C GLN H 193 31.01 31.82 -9.69
N SER H 194 29.88 32.06 -9.01
CA SER H 194 29.82 33.09 -7.99
C SER H 194 30.86 32.89 -6.86
N ILE H 195 30.96 31.65 -6.35
CA ILE H 195 31.87 31.35 -5.22
C ILE H 195 33.33 31.56 -5.57
N ALA H 196 33.72 31.08 -6.73
CA ALA H 196 35.08 31.30 -7.19
C ALA H 196 35.39 32.83 -7.20
N TYR H 197 34.67 33.56 -8.06
CA TYR H 197 34.80 35.01 -8.14
C TYR H 197 34.79 35.63 -6.71
N ASN H 198 33.63 35.65 -6.06
CA ASN H 198 33.53 36.32 -4.76
C ASN H 198 34.33 35.71 -3.62
N HIS H 199 34.57 34.40 -3.65
CA HIS H 199 35.06 33.73 -2.44
C HIS H 199 36.16 32.74 -2.69
N PRO H 200 37.24 33.22 -3.30
CA PRO H 200 38.34 32.33 -3.77
C PRO H 200 39.04 31.76 -2.57
N ASP H 201 38.82 32.39 -1.42
CA ASP H 201 39.33 31.93 -0.15
C ASP H 201 38.80 30.56 0.25
N CYS H 202 37.56 30.22 -0.15
CA CYS H 202 36.98 28.91 0.22
C CYS H 202 37.37 27.78 -0.74
N VAL H 203 37.32 26.53 -0.23
CA VAL H 203 37.63 25.36 -1.03
C VAL H 203 36.37 24.88 -1.69
N LEU H 204 36.22 25.16 -2.97
CA LEU H 204 35.05 24.70 -3.70
C LEU H 204 35.19 23.25 -4.11
N MSE H 205 34.32 22.40 -3.58
CA MSE H 205 34.24 21.02 -4.07
C MSE H 205 32.87 20.75 -4.66
O MSE H 205 31.85 20.90 -3.98
CB MSE H 205 34.55 20.00 -2.97
CG MSE H 205 35.86 20.20 -2.30
SE MSE H 205 36.17 18.77 -1.06
CE MSE H 205 36.09 17.32 -2.35
N VAL H 206 32.85 20.34 -5.92
CA VAL H 206 31.60 20.00 -6.61
C VAL H 206 31.42 18.48 -6.80
N LEU H 207 30.35 17.96 -6.22
CA LEU H 207 30.16 16.54 -6.14
C LEU H 207 28.92 16.16 -6.89
N LEU H 208 29.10 15.39 -7.95
CA LEU H 208 28.01 14.97 -8.82
C LEU H 208 27.78 13.46 -8.72
N ILE H 209 26.54 13.07 -8.42
CA ILE H 209 26.32 11.67 -8.12
C ILE H 209 25.98 10.77 -9.26
N ASP H 210 24.87 10.95 -9.93
CA ASP H 210 24.51 9.86 -10.82
C ASP H 210 24.40 10.36 -12.26
N GLU H 211 25.44 11.08 -12.67
CA GLU H 211 25.33 12.00 -13.79
C GLU H 211 25.58 11.34 -15.14
N ARG H 212 25.22 12.07 -16.19
CA ARG H 212 25.59 11.67 -17.53
C ARG H 212 27.02 12.20 -17.87
N PRO H 213 27.84 11.36 -18.51
CA PRO H 213 29.23 11.69 -18.82
C PRO H 213 29.44 13.03 -19.50
N GLU H 214 28.70 13.28 -20.57
CA GLU H 214 28.74 14.55 -21.23
C GLU H 214 28.60 15.67 -20.22
N GLU H 215 27.65 15.50 -19.31
CA GLU H 215 27.29 16.50 -18.31
C GLU H 215 28.42 16.79 -17.33
N VAL H 216 29.26 15.78 -17.09
CA VAL H 216 30.37 15.87 -16.16
C VAL H 216 31.56 16.64 -16.74
N THR H 217 31.83 16.40 -18.00
CA THR H 217 32.91 17.09 -18.68
C THR H 217 32.60 18.57 -18.76
N GLU H 218 31.32 18.93 -18.80
CA GLU H 218 30.96 20.33 -18.81
C GLU H 218 31.16 20.95 -17.43
N MSE H 219 30.89 20.19 -16.39
CA MSE H 219 30.94 20.77 -15.05
C MSE H 219 32.41 21.00 -14.80
O MSE H 219 32.84 22.10 -14.51
CB MSE H 219 30.31 19.80 -14.01
CG MSE H 219 30.11 20.35 -12.61
SE MSE H 219 29.13 22.05 -12.57
CE MSE H 219 27.48 21.55 -11.61
N GLN H 220 33.18 19.94 -15.01
CA GLN H 220 34.62 19.96 -14.88
C GLN H 220 35.18 21.19 -15.56
N ARG H 221 34.70 21.44 -16.76
CA ARG H 221 35.21 22.55 -17.56
C ARG H 221 34.81 23.97 -17.11
N LEU H 222 33.75 24.13 -16.31
CA LEU H 222 33.36 25.47 -15.84
C LEU H 222 33.86 25.77 -14.43
N VAL H 223 33.82 24.77 -13.56
CA VAL H 223 34.10 24.97 -12.15
C VAL H 223 35.59 25.19 -11.84
N LYS H 224 35.90 26.32 -11.21
CA LYS H 224 37.24 26.55 -10.65
C LYS H 224 37.26 25.91 -9.25
N GLY H 225 37.60 24.62 -9.18
CA GLY H 225 37.56 23.87 -7.93
C GLY H 225 37.64 22.38 -8.20
N GLU H 226 37.46 21.55 -7.18
CA GLU H 226 37.52 20.12 -7.40
C GLU H 226 36.21 19.64 -7.96
N VAL H 227 36.25 18.83 -8.99
CA VAL H 227 35.03 18.24 -9.48
C VAL H 227 35.14 16.74 -9.49
N VAL H 228 34.54 16.16 -8.46
CA VAL H 228 34.56 14.75 -8.21
C VAL H 228 33.27 14.23 -8.78
N ALA H 229 33.32 13.14 -9.55
CA ALA H 229 32.12 12.63 -10.19
C ALA H 229 32.06 11.13 -10.36
N SER H 230 30.85 10.60 -10.25
CA SER H 230 30.58 9.23 -10.57
C SER H 230 29.44 9.27 -11.56
N THR H 231 29.34 8.30 -12.46
CA THR H 231 28.24 8.35 -13.47
C THR H 231 27.29 7.17 -13.36
N PHE H 232 26.13 7.29 -13.99
CA PHE H 232 25.12 6.23 -13.92
C PHE H 232 25.66 4.93 -14.50
N ASP H 233 26.94 4.96 -14.84
CA ASP H 233 27.66 3.80 -15.40
C ASP H 233 28.11 2.90 -14.30
N GLU H 234 28.52 3.51 -13.21
CA GLU H 234 29.21 2.86 -12.14
C GLU H 234 28.27 2.34 -11.11
N PRO H 235 28.76 1.36 -10.37
CA PRO H 235 28.00 0.72 -9.29
C PRO H 235 27.40 1.69 -8.28
N ALA H 236 26.45 1.22 -7.50
CA ALA H 236 26.01 2.05 -6.39
C ALA H 236 27.17 2.20 -5.44
N SER H 237 27.95 1.13 -5.29
CA SER H 237 29.05 1.15 -4.37
C SER H 237 29.90 2.28 -4.78
N ARG H 238 30.02 2.47 -6.08
CA ARG H 238 30.89 3.52 -6.53
C ARG H 238 30.39 4.92 -6.14
N HIS H 239 29.12 5.24 -6.45
CA HIS H 239 28.49 6.46 -5.93
C HIS H 239 28.78 6.61 -4.45
N VAL H 240 28.67 5.52 -3.72
CA VAL H 240 28.90 5.70 -2.32
C VAL H 240 30.33 6.19 -2.05
N GLN H 241 31.34 5.47 -2.58
CA GLN H 241 32.77 5.77 -2.39
C GLN H 241 33.10 7.21 -2.71
N VAL H 242 32.78 7.67 -3.91
CA VAL H 242 32.99 9.08 -4.20
C VAL H 242 32.48 9.98 -3.08
N ALA H 243 31.25 9.79 -2.61
CA ALA H 243 30.73 10.72 -1.60
C ALA H 243 31.45 10.67 -0.27
N GLU H 244 31.84 9.48 0.19
CA GLU H 244 32.43 9.37 1.50
C GLU H 244 33.82 9.96 1.50
N MSE H 245 34.55 9.75 0.39
CA MSE H 245 35.86 10.37 0.22
C MSE H 245 35.75 11.89 0.24
O MSE H 245 36.51 12.57 0.91
CB MSE H 245 36.48 9.92 -1.08
CG MSE H 245 37.98 10.03 -1.06
SE MSE H 245 38.75 8.64 0.09
CE MSE H 245 37.34 7.33 0.06
N VAL H 246 34.77 12.43 -0.51
CA VAL H 246 34.65 13.85 -0.55
C VAL H 246 34.37 14.38 0.84
N ILE H 247 33.57 13.70 1.64
CA ILE H 247 33.17 14.36 2.89
C ILE H 247 34.23 14.21 3.95
N GLU H 248 35.05 13.18 3.86
CA GLU H 248 36.11 13.06 4.84
C GLU H 248 37.17 14.09 4.51
N LYS H 249 37.60 14.13 3.25
CA LYS H 249 38.53 15.13 2.81
C LYS H 249 38.02 16.44 3.39
N ALA H 250 36.72 16.68 3.27
CA ALA H 250 36.14 17.95 3.69
C ALA H 250 36.31 18.20 5.18
N LYS H 251 35.98 17.20 5.98
CA LYS H 251 36.10 17.35 7.43
C LYS H 251 37.56 17.64 7.78
N ARG H 252 38.49 16.90 7.14
CA ARG H 252 39.93 17.11 7.30
C ARG H 252 40.31 18.58 7.09
N LEU H 253 39.93 19.09 5.92
CA LEU H 253 40.12 20.51 5.65
C LEU H 253 39.48 21.33 6.74
N VAL H 254 38.26 21.02 7.14
CA VAL H 254 37.66 21.88 8.14
C VAL H 254 38.42 21.82 9.44
N GLU H 255 39.11 20.70 9.67
CA GLU H 255 39.89 20.53 10.88
C GLU H 255 41.09 21.43 10.92
N HIS H 256 41.45 21.97 9.74
CA HIS H 256 42.47 22.98 9.64
C HIS H 256 41.83 24.37 9.54
N LYS H 257 40.62 24.54 10.06
CA LYS H 257 40.05 25.88 10.11
C LYS H 257 39.71 26.50 8.75
N LYS H 258 39.69 25.70 7.69
CA LYS H 258 39.29 26.21 6.35
C LYS H 258 37.77 26.30 6.10
N ASP H 259 37.36 27.10 5.14
CA ASP H 259 35.98 27.05 4.77
C ASP H 259 35.85 26.19 3.52
N VAL H 260 35.17 25.08 3.65
CA VAL H 260 34.94 24.23 2.48
C VAL H 260 33.50 24.38 2.07
N ILE H 261 33.22 24.02 0.81
CA ILE H 261 31.88 24.11 0.27
C ILE H 261 31.58 22.91 -0.66
N ILE H 262 30.55 22.15 -0.35
CA ILE H 262 30.25 21.08 -1.25
C ILE H 262 29.01 21.41 -1.96
N LEU H 263 29.05 21.25 -3.27
CA LEU H 263 27.87 21.32 -4.08
C LEU H 263 27.56 19.88 -4.41
N LEU H 264 26.42 19.41 -3.95
CA LEU H 264 26.02 18.02 -4.21
C LEU H 264 24.91 17.99 -5.19
N ASP H 265 25.20 17.59 -6.41
CA ASP H 265 24.07 17.31 -7.30
C ASP H 265 23.45 15.96 -6.94
N SER H 266 22.29 16.09 -6.27
CA SER H 266 21.44 15.00 -5.96
C SER H 266 21.81 14.39 -4.65
N ILE H 267 21.21 14.90 -3.58
CA ILE H 267 21.18 14.13 -2.37
C ILE H 267 20.22 12.93 -2.60
N THR H 268 19.16 13.12 -3.40
CA THR H 268 18.29 11.99 -3.79
C THR H 268 19.09 10.87 -4.43
N ARG H 269 20.02 11.17 -5.35
CA ARG H 269 20.75 10.04 -5.97
C ARG H 269 21.76 9.39 -5.06
N LEU H 270 22.43 10.21 -4.26
CA LEU H 270 23.34 9.68 -3.29
C LEU H 270 22.55 8.64 -2.54
N ALA H 271 21.35 9.00 -2.06
CA ALA H 271 20.51 8.06 -1.29
C ALA H 271 20.04 6.84 -2.03
N ARG H 272 19.70 6.97 -3.32
CA ARG H 272 19.43 5.74 -4.07
C ARG H 272 20.62 4.81 -3.87
N ALA H 273 21.84 5.30 -4.00
CA ALA H 273 23.01 4.45 -3.84
C ALA H 273 23.10 3.76 -2.48
N TYR H 274 23.02 4.54 -1.41
CA TYR H 274 23.20 3.93 -0.12
C TYR H 274 22.06 2.93 0.07
N ASN H 275 20.90 3.25 -0.51
CA ASN H 275 19.83 2.30 -0.38
C ASN H 275 20.08 0.94 -1.03
N THR H 276 20.75 0.92 -2.17
CA THR H 276 20.95 -0.37 -2.78
C THR H 276 22.13 -1.11 -2.20
N VAL H 277 22.86 -0.43 -1.32
CA VAL H 277 24.16 -0.94 -0.87
C VAL H 277 24.15 -1.24 0.63
N VAL H 278 23.20 -0.61 1.31
CA VAL H 278 23.04 -0.89 2.69
C VAL H 278 22.14 -2.11 2.85
N PRO H 279 22.71 -3.15 3.45
CA PRO H 279 22.01 -4.38 3.86
C PRO H 279 20.67 -4.13 4.55
N ALA H 280 19.69 -4.95 4.27
CA ALA H 280 18.35 -4.73 4.75
C ALA H 280 18.24 -4.93 6.27
N VAL H 284 12.28 -3.33 6.73
CA VAL H 284 11.59 -2.04 6.88
C VAL H 284 11.71 -1.20 5.62
N LEU H 285 10.77 -1.36 4.68
CA LEU H 285 10.70 -0.50 3.49
C LEU H 285 9.54 0.50 3.64
N THR H 286 9.56 1.63 2.94
CA THR H 286 8.50 2.62 3.10
C THR H 286 8.04 3.33 1.82
N GLY H 287 8.32 2.73 0.68
CA GLY H 287 7.99 3.29 -0.62
C GLY H 287 9.03 2.71 -1.55
N GLY H 288 9.82 1.80 -0.98
CA GLY H 288 10.94 1.15 -1.65
C GLY H 288 12.22 1.38 -0.85
N VAL H 289 12.28 2.54 -0.20
CA VAL H 289 13.42 2.92 0.60
C VAL H 289 13.47 2.14 1.93
N ASP H 290 14.62 1.55 2.21
CA ASP H 290 14.85 0.92 3.47
C ASP H 290 15.06 2.02 4.50
N ALA H 291 14.37 1.93 5.63
CA ALA H 291 14.50 2.91 6.71
C ALA H 291 15.97 3.13 7.07
N ASN H 292 16.58 2.15 7.73
CA ASN H 292 18.03 2.12 7.99
C ASN H 292 18.94 2.84 6.98
N ALA H 293 18.61 2.83 5.69
CA ALA H 293 19.52 3.33 4.65
C ALA H 293 19.73 4.82 4.68
N LEU H 294 18.63 5.55 4.78
CA LEU H 294 18.70 7.00 4.81
C LEU H 294 19.72 7.49 5.83
N HIS H 295 20.14 6.62 6.74
CA HIS H 295 21.04 7.05 7.77
C HIS H 295 22.27 7.68 7.14
N ARG H 296 23.06 6.88 6.43
CA ARG H 296 24.29 7.36 5.81
C ARG H 296 24.17 8.74 5.11
N PRO H 297 23.18 8.90 4.25
CA PRO H 297 22.98 10.18 3.57
C PRO H 297 22.71 11.30 4.54
N LYS H 298 21.94 11.07 5.58
CA LYS H 298 21.63 12.14 6.50
C LYS H 298 22.90 12.59 7.17
N ARG H 299 23.77 11.61 7.45
CA ARG H 299 25.11 11.81 7.97
C ARG H 299 25.92 12.78 7.13
N PHE H 300 25.92 12.57 5.82
CA PHE H 300 26.58 13.47 4.89
C PHE H 300 26.09 14.92 5.08
N PHE H 301 24.83 15.18 4.74
CA PHE H 301 24.20 16.52 4.92
C PHE H 301 24.41 17.03 6.35
N GLY H 302 24.47 16.08 7.29
CA GLY H 302 24.42 16.45 8.69
C GLY H 302 25.75 17.01 9.14
N ALA H 303 26.75 16.85 8.27
CA ALA H 303 28.11 17.31 8.49
C ALA H 303 28.11 18.79 8.30
N ALA H 304 27.36 19.31 7.33
CA ALA H 304 27.34 20.75 7.10
C ALA H 304 27.24 21.44 8.46
N ARG H 305 28.13 22.38 8.72
CA ARG H 305 27.97 23.13 9.92
C ARG H 305 28.94 24.28 9.92
N ASN H 306 28.59 25.35 10.63
CA ASN H 306 29.56 26.40 10.94
C ASN H 306 30.28 26.08 12.22
N VAL H 307 31.59 25.96 12.14
CA VAL H 307 32.37 25.51 13.30
C VAL H 307 32.74 26.65 14.22
N GLU H 308 32.39 26.52 15.50
CA GLU H 308 32.67 27.57 16.44
C GLU H 308 34.13 27.86 16.41
N GLU H 309 34.97 26.83 16.39
CA GLU H 309 36.40 27.09 16.53
C GLU H 309 37.05 27.44 15.19
N GLY H 310 36.27 28.08 14.31
CA GLY H 310 36.78 28.45 13.02
C GLY H 310 36.68 27.37 11.96
N GLY H 311 36.52 27.83 10.73
CA GLY H 311 36.34 26.94 9.62
C GLY H 311 34.87 26.62 9.51
N SER H 312 34.49 26.12 8.35
CA SER H 312 33.11 25.86 8.10
C SER H 312 33.02 24.91 6.96
N LEU H 313 32.03 24.03 7.07
CA LEU H 313 31.70 23.15 5.98
C LEU H 313 30.31 23.56 5.48
N THR H 314 30.18 23.88 4.21
CA THR H 314 28.84 24.17 3.76
C THR H 314 28.54 23.22 2.64
N ILE H 315 27.34 22.66 2.69
CA ILE H 315 26.87 21.77 1.67
C ILE H 315 25.58 22.34 1.12
N ILE H 316 25.54 22.45 -0.19
CA ILE H 316 24.33 22.84 -0.89
C ILE H 316 24.02 21.64 -1.75
N ALA H 317 22.80 21.14 -1.60
CA ALA H 317 22.49 19.85 -2.17
C ALA H 317 21.17 19.90 -2.85
N THR H 318 21.19 19.40 -4.05
CA THR H 318 20.04 19.34 -4.90
C THR H 318 19.21 18.19 -4.44
N ALA H 319 17.89 18.36 -4.44
CA ALA H 319 17.01 17.24 -4.14
C ALA H 319 16.06 17.15 -5.33
N LEU H 320 16.00 15.97 -5.98
CA LEU H 320 15.17 15.82 -7.18
C LEU H 320 13.74 15.42 -6.87
N ILE H 321 12.81 16.15 -7.48
CA ILE H 321 11.41 16.10 -7.11
C ILE H 321 10.48 15.95 -8.35
N ASP H 322 9.28 15.44 -8.16
CA ASP H 322 8.34 15.25 -9.28
C ASP H 322 8.96 14.49 -10.43
N THR H 323 9.76 13.47 -10.12
CA THR H 323 10.45 12.75 -11.15
C THR H 323 9.53 11.63 -11.45
N GLY H 324 8.42 11.63 -10.73
CA GLY H 324 7.50 10.53 -10.82
C GLY H 324 8.15 9.22 -10.44
N SER H 325 8.94 9.23 -9.36
CA SER H 325 9.43 8.01 -8.73
C SER H 325 9.01 8.06 -7.24
N LYS H 326 8.40 7.00 -6.73
CA LYS H 326 8.05 7.04 -5.32
C LYS H 326 9.30 7.16 -4.46
N MSE H 327 10.29 6.34 -4.73
CA MSE H 327 11.51 6.44 -3.99
C MSE H 327 11.97 7.91 -3.85
O MSE H 327 12.29 8.39 -2.76
CB MSE H 327 12.58 5.60 -4.68
CG MSE H 327 13.98 5.86 -4.19
SE MSE H 327 14.98 4.29 -4.47
CE MSE H 327 14.99 3.66 -2.66
N ASP H 328 12.02 8.60 -4.98
CA ASP H 328 12.43 9.97 -4.94
C ASP H 328 11.52 10.80 -4.04
N GLU H 329 10.19 10.59 -4.04
CA GLU H 329 9.36 11.44 -3.16
C GLU H 329 9.63 11.19 -1.65
N VAL H 330 9.81 9.95 -1.27
CA VAL H 330 10.17 9.63 0.09
C VAL H 330 11.51 10.24 0.56
N ILE H 331 12.54 10.07 -0.26
CA ILE H 331 13.80 10.60 0.08
C ILE H 331 13.50 12.01 0.33
N TYR H 332 12.78 12.65 -0.57
CA TYR H 332 12.64 14.08 -0.41
C TYR H 332 11.96 14.39 0.91
N GLU H 333 10.92 13.62 1.26
CA GLU H 333 10.20 13.78 2.54
C GLU H 333 11.09 13.55 3.75
N GLU H 334 11.99 12.57 3.71
CA GLU H 334 12.83 12.32 4.87
C GLU H 334 13.83 13.47 5.07
N PHE H 335 14.19 14.13 3.98
CA PHE H 335 15.14 15.20 4.10
C PHE H 335 14.55 16.51 4.60
N LYS H 336 13.26 16.73 4.33
CA LYS H 336 12.54 17.90 4.85
C LYS H 336 12.90 18.12 6.35
N GLY H 337 13.12 19.35 6.75
CA GLY H 337 13.39 19.56 8.15
C GLY H 337 14.85 19.69 8.44
N THR H 338 15.70 18.97 7.72
CA THR H 338 17.10 18.84 8.15
C THR H 338 17.89 20.07 7.83
N GLY H 339 17.64 20.65 6.67
CA GLY H 339 18.45 21.77 6.14
C GLY H 339 18.13 23.10 6.79
N ASN H 340 18.86 24.14 6.42
CA ASN H 340 18.65 25.45 7.07
C ASN H 340 18.56 26.62 6.05
N MSE H 341 18.62 26.27 4.78
CA MSE H 341 18.29 27.15 3.70
C MSE H 341 17.62 26.27 2.68
O MSE H 341 18.04 25.13 2.48
CB MSE H 341 19.54 27.68 3.07
CG MSE H 341 19.27 28.33 1.78
SE MSE H 341 19.65 27.33 0.20
CE MSE H 341 18.97 25.74 0.59
N GLU H 342 16.60 26.75 2.01
CA GLU H 342 16.10 25.98 0.90
C GLU H 342 15.56 26.88 -0.21
N LEU H 343 15.88 26.53 -1.44
CA LEU H 343 15.39 27.24 -2.59
C LEU H 343 14.61 26.26 -3.51
N HIS H 344 13.38 26.59 -3.86
CA HIS H 344 12.58 25.72 -4.68
C HIS H 344 12.59 26.22 -6.11
N LEU H 345 12.86 25.36 -7.08
CA LEU H 345 12.67 25.80 -8.45
C LEU H 345 11.24 25.46 -8.81
N SER H 346 10.78 25.95 -9.97
CA SER H 346 9.41 25.65 -10.42
C SER H 346 9.36 25.37 -11.89
N ARG H 347 8.74 24.25 -12.25
CA ARG H 347 8.44 23.98 -13.66
C ARG H 347 7.61 25.10 -14.32
N LYS H 348 6.48 25.48 -13.71
CA LYS H 348 5.73 26.62 -14.21
C LYS H 348 6.71 27.68 -14.68
N ILE H 349 7.38 28.33 -13.74
CA ILE H 349 8.24 29.42 -14.12
C ILE H 349 9.16 29.01 -15.26
N ALA H 350 9.53 27.74 -15.32
CA ALA H 350 10.44 27.29 -16.37
C ALA H 350 9.75 27.05 -17.70
N GLU H 351 8.53 26.51 -17.67
CA GLU H 351 7.77 26.28 -18.90
C GLU H 351 7.70 27.60 -19.69
N LYS H 352 7.23 28.67 -19.03
CA LYS H 352 7.10 30.04 -19.63
C LYS H 352 8.46 30.66 -19.94
N ARG H 353 9.51 30.01 -19.45
CA ARG H 353 10.91 30.36 -19.76
C ARG H 353 11.43 31.62 -19.08
N VAL H 354 10.95 31.89 -17.87
CA VAL H 354 11.59 32.89 -16.99
C VAL H 354 12.83 32.27 -16.34
N PHE H 355 13.85 33.10 -16.07
CA PHE H 355 15.19 32.60 -15.74
C PHE H 355 15.35 31.93 -14.34
N PRO H 356 15.61 32.68 -13.26
CA PRO H 356 15.80 32.05 -11.96
C PRO H 356 14.70 31.07 -11.54
N ALA H 357 13.62 30.93 -12.29
CA ALA H 357 12.66 29.82 -12.04
C ALA H 357 12.51 29.51 -10.56
N ILE H 358 12.75 30.50 -9.73
CA ILE H 358 12.74 30.31 -8.30
C ILE H 358 11.37 30.65 -7.74
N ASP H 359 10.76 29.71 -7.04
CA ASP H 359 9.55 30.02 -6.34
C ASP H 359 9.87 30.88 -5.11
N TYR H 360 10.01 32.19 -5.31
CA TYR H 360 10.42 33.10 -4.24
C TYR H 360 9.62 32.80 -2.98
N ASN H 361 8.37 32.40 -3.17
CA ASN H 361 7.51 32.25 -2.02
C ASN H 361 7.77 31.05 -1.12
N ARG H 362 8.36 30.00 -1.68
CA ARG H 362 8.77 28.86 -0.85
C ARG H 362 10.24 28.83 -0.42
N SER H 363 11.02 29.83 -0.80
CA SER H 363 12.44 29.80 -0.44
C SER H 363 12.75 30.60 0.80
N GLY H 364 13.95 30.49 1.29
CA GLY H 364 14.25 31.17 2.53
C GLY H 364 15.34 30.42 3.25
N THR H 365 15.99 31.07 4.21
CA THR H 365 16.95 30.40 5.03
C THR H 365 16.74 30.75 6.47
N ARG H 366 17.14 29.87 7.35
CA ARG H 366 16.91 30.14 8.74
C ARG H 366 17.90 31.16 9.22
N LYS H 367 17.44 31.94 10.18
CA LYS H 367 18.28 32.89 10.86
C LYS H 367 18.93 33.85 9.89
N GLU H 368 18.17 34.21 8.84
CA GLU H 368 18.62 35.19 7.85
C GLU H 368 19.22 36.34 8.59
N GLU H 369 18.58 36.68 9.71
CA GLU H 369 19.00 37.82 10.50
C GLU H 369 20.45 37.70 10.99
N LEU H 370 21.09 36.56 10.80
CA LEU H 370 22.49 36.51 11.18
C LEU H 370 23.40 36.66 9.98
N LEU H 371 22.82 36.57 8.76
CA LEU H 371 23.57 36.77 7.53
C LEU H 371 23.25 38.09 6.79
N THR H 372 22.82 39.11 7.53
CA THR H 372 22.43 40.40 6.90
C THR H 372 22.52 41.49 7.96
N THR H 373 22.52 42.76 7.56
CA THR H 373 22.37 43.88 8.49
C THR H 373 20.90 44.10 8.75
N GLN H 374 20.54 44.96 9.70
CA GLN H 374 19.13 45.15 9.99
C GLN H 374 18.39 45.82 8.83
N GLU H 375 19.05 46.76 8.17
CA GLU H 375 18.51 47.40 6.96
C GLU H 375 18.17 46.34 5.91
N GLU H 376 19.12 45.42 5.65
CA GLU H 376 18.96 44.46 4.56
C GLU H 376 17.77 43.55 4.77
N LEU H 377 17.63 43.01 5.97
CA LEU H 377 16.46 42.23 6.33
C LEU H 377 15.19 43.00 6.02
N GLN H 378 15.03 44.15 6.70
CA GLN H 378 13.91 45.08 6.43
C GLN H 378 13.74 45.22 4.94
N LYS H 379 14.83 45.52 4.24
CA LYS H 379 14.74 45.55 2.81
C LYS H 379 14.04 44.29 2.31
N MSE H 380 14.60 43.12 2.67
CA MSE H 380 14.15 41.84 2.13
C MSE H 380 12.75 41.46 2.55
O MSE H 380 11.99 40.91 1.75
CB MSE H 380 15.12 40.72 2.50
CG MSE H 380 16.45 40.81 1.80
SE MSE H 380 17.83 39.65 2.57
CE MSE H 380 17.02 39.16 4.20
N TRP H 381 12.40 41.77 3.79
CA TRP H 381 11.05 41.56 4.29
C TRP H 381 9.96 42.33 3.55
N ILE H 382 10.26 43.56 3.15
CA ILE H 382 9.29 44.33 2.41
C ILE H 382 9.19 43.64 1.10
N LEU H 383 10.32 43.53 0.41
CA LEU H 383 10.28 42.95 -0.91
C LEU H 383 9.38 41.73 -0.83
N ARG H 384 9.54 41.02 0.27
CA ARG H 384 8.93 39.74 0.48
C ARG H 384 7.44 39.93 0.53
N LYS H 385 7.00 40.73 1.50
CA LYS H 385 5.59 40.92 1.71
C LYS H 385 4.83 41.44 0.47
N ILE H 386 5.46 42.28 -0.35
CA ILE H 386 4.83 42.71 -1.61
C ILE H 386 4.75 41.59 -2.68
N ILE H 387 5.45 40.46 -2.46
CA ILE H 387 5.46 39.39 -3.45
C ILE H 387 4.62 38.16 -3.03
N HIS H 388 4.34 38.09 -1.74
CA HIS H 388 3.51 37.03 -1.19
C HIS H 388 2.21 36.73 -1.98
N PRO H 389 1.36 37.73 -2.21
CA PRO H 389 0.09 37.52 -2.92
C PRO H 389 0.24 37.04 -4.36
N MSE H 390 1.37 37.32 -4.99
CA MSE H 390 1.55 37.00 -6.40
C MSE H 390 1.70 35.51 -6.67
O MSE H 390 1.92 34.71 -5.76
CB MSE H 390 2.74 37.79 -6.96
CG MSE H 390 2.65 39.27 -6.64
SE MSE H 390 4.29 40.22 -6.96
CE MSE H 390 4.43 39.93 -8.84
N GLY H 391 1.52 35.12 -7.93
CA GLY H 391 1.73 33.73 -8.32
C GLY H 391 3.18 33.51 -8.69
N GLU H 392 3.59 32.25 -8.81
CA GLU H 392 4.97 31.90 -9.12
C GLU H 392 5.55 32.75 -10.25
N ILE H 393 5.01 32.58 -11.46
CA ILE H 393 5.38 33.41 -12.63
C ILE H 393 5.28 34.90 -12.33
N ASP H 394 4.19 35.28 -11.69
CA ASP H 394 3.99 36.69 -11.34
C ASP H 394 5.15 37.18 -10.51
N ALA H 395 5.54 36.41 -9.50
CA ALA H 395 6.53 36.86 -8.53
C ALA H 395 7.92 36.98 -9.10
N MSE H 396 8.25 36.17 -10.09
CA MSE H 396 9.60 36.18 -10.58
C MSE H 396 9.79 37.30 -11.54
O MSE H 396 10.70 38.12 -11.36
CB MSE H 396 9.99 34.84 -11.21
CG MSE H 396 10.78 33.97 -10.25
SE MSE H 396 12.28 34.92 -9.45
CE MSE H 396 13.29 34.98 -11.00
N GLU H 397 8.89 37.37 -12.51
CA GLU H 397 8.84 38.48 -13.46
C GLU H 397 8.76 39.82 -12.75
N PHE H 398 7.98 39.90 -11.67
CA PHE H 398 8.02 41.12 -10.86
C PHE H 398 9.43 41.42 -10.40
N LEU H 399 10.12 40.39 -9.91
CA LEU H 399 11.45 40.59 -9.34
C LEU H 399 12.53 40.83 -10.39
N ILE H 400 12.51 40.07 -11.47
CA ILE H 400 13.53 40.28 -12.47
C ILE H 400 13.50 41.73 -13.00
N ASN H 401 12.34 42.18 -13.50
CA ASN H 401 12.23 43.51 -14.07
C ASN H 401 12.84 44.54 -13.11
N LYS H 402 12.35 44.53 -11.86
CA LYS H 402 12.85 45.49 -10.88
C LYS H 402 14.34 45.42 -10.82
N LEU H 403 14.91 44.25 -11.01
CA LEU H 403 16.34 44.07 -10.81
C LEU H 403 17.17 44.31 -12.05
N ALA H 404 16.54 44.35 -13.23
CA ALA H 404 17.27 44.67 -14.44
C ALA H 404 17.61 46.16 -14.45
N MSE H 405 16.89 46.91 -13.61
CA MSE H 405 17.07 48.35 -13.50
C MSE H 405 18.44 48.73 -12.94
O MSE H 405 19.06 49.68 -13.40
CB MSE H 405 15.93 48.96 -12.68
CG MSE H 405 14.56 48.40 -13.06
SE MSE H 405 13.04 49.34 -12.27
CE MSE H 405 12.38 50.19 -13.93
N THR H 406 18.92 47.97 -11.94
CA THR H 406 20.16 48.33 -11.25
C THR H 406 21.05 47.12 -10.95
N LYS H 407 21.78 47.20 -9.82
CA LYS H 407 22.52 46.05 -9.20
C LYS H 407 22.21 45.89 -7.67
N THR H 408 21.26 44.94 -7.36
CA THR H 408 20.60 44.68 -6.03
C THR H 408 20.50 45.83 -5.06
N ASN H 409 21.63 46.28 -4.50
CA ASN H 409 21.56 47.37 -3.52
C ASN H 409 21.19 48.69 -4.19
N ASP H 410 21.58 48.84 -5.45
CA ASP H 410 21.21 50.02 -6.19
C ASP H 410 19.72 49.94 -6.55
N ASP H 411 19.16 48.73 -6.51
CA ASP H 411 17.73 48.54 -6.76
C ASP H 411 16.92 49.05 -5.60
N PHE H 412 17.33 48.71 -4.38
CA PHE H 412 16.50 49.08 -3.24
C PHE H 412 16.63 50.52 -2.82
N PHE H 413 17.87 50.98 -2.66
CA PHE H 413 18.09 52.28 -2.07
C PHE H 413 17.39 53.41 -2.80
N GLU H 414 17.79 53.65 -4.04
CA GLU H 414 17.14 54.72 -4.78
C GLU H 414 15.64 54.51 -4.77
N MSE H 415 15.19 53.29 -5.10
CA MSE H 415 13.77 53.00 -5.02
C MSE H 415 13.23 52.71 -3.60
O MSE H 415 12.25 51.97 -3.43
CB MSE H 415 13.39 51.85 -5.93
CG MSE H 415 11.92 51.63 -5.92
SE MSE H 415 11.47 49.84 -5.90
CE MSE H 415 11.54 49.55 -7.83
N MSE H 416 13.87 53.28 -2.57
CA MSE H 416 13.28 53.25 -1.24
C MSE H 416 12.95 54.67 -0.82
O MSE H 416 11.83 54.98 -0.46
CB MSE H 416 14.22 52.57 -0.20
CG MSE H 416 13.70 52.61 1.27
SE MSE H 416 12.79 50.96 2.02
CE MSE H 416 12.90 51.43 3.99
N LYS H 417 13.96 55.54 -0.88
CA LYS H 417 13.86 56.95 -0.48
C LYS H 417 15.09 57.34 0.34
N MSE I 1 40.40 12.29 37.00
CA MSE I 1 40.03 13.11 38.21
C MSE I 1 38.60 12.87 38.73
O MSE I 1 38.37 11.95 39.52
CB MSE I 1 40.28 14.60 37.94
CG MSE I 1 39.77 15.08 36.58
SE MSE I 1 39.10 16.97 36.55
CE MSE I 1 40.73 17.91 37.38
N ASN I 2 37.65 13.74 38.34
CA ASN I 2 36.22 13.53 38.60
C ASN I 2 35.48 13.43 37.28
N LEU I 3 34.92 12.24 37.00
CA LEU I 3 34.45 11.91 35.66
C LEU I 3 33.58 12.96 35.01
N THR I 4 32.51 13.37 35.70
CA THR I 4 31.55 14.30 35.14
C THR I 4 32.21 15.62 34.81
N GLU I 5 33.15 16.02 35.65
CA GLU I 5 33.76 17.33 35.49
C GLU I 5 34.70 17.37 34.31
N LEU I 6 35.38 16.26 34.06
CA LEU I 6 36.15 16.07 32.84
C LEU I 6 35.28 16.18 31.59
N LYS I 7 34.20 15.42 31.53
CA LYS I 7 33.37 15.48 30.35
C LYS I 7 32.69 16.82 30.18
N ASN I 8 32.75 17.64 31.22
CA ASN I 8 32.26 18.99 31.09
C ASN I 8 33.35 19.99 30.70
N THR I 9 34.56 19.52 30.40
CA THR I 9 35.62 20.45 30.01
C THR I 9 35.96 20.41 28.54
N PRO I 10 36.15 21.59 27.96
CA PRO I 10 36.43 21.70 26.54
C PRO I 10 37.49 20.74 26.10
N VAL I 11 37.29 20.16 24.94
CA VAL I 11 38.23 19.22 24.35
C VAL I 11 39.67 19.71 24.45
N SER I 12 39.94 20.93 24.00
CA SER I 12 41.31 21.45 24.02
C SER I 12 41.88 21.34 25.41
N GLU I 13 41.17 21.90 26.39
CA GLU I 13 41.61 21.83 27.78
C GLU I 13 41.95 20.38 28.18
N LEU I 14 41.19 19.41 27.66
CA LEU I 14 41.42 17.99 28.01
C LEU I 14 42.67 17.45 27.36
N ILE I 15 42.86 17.78 26.10
CA ILE I 15 44.08 17.37 25.43
C ILE I 15 45.34 17.90 26.15
N THR I 16 45.35 19.18 26.51
CA THR I 16 46.53 19.72 27.20
C THR I 16 46.71 18.96 28.51
N LEU I 17 45.60 18.75 29.21
CA LEU I 17 45.63 17.97 30.43
C LEU I 17 46.12 16.54 30.16
N GLY I 18 45.80 16.03 28.97
CA GLY I 18 46.22 14.68 28.63
C GLY I 18 47.70 14.58 28.33
N GLU I 19 48.17 15.50 27.48
CA GLU I 19 49.57 15.60 27.12
C GLU I 19 50.38 15.72 28.42
N ASN I 20 49.94 16.64 29.27
CA ASN I 20 50.63 16.93 30.54
C ASN I 20 50.56 15.77 31.54
N MSE I 21 50.22 14.58 31.07
CA MSE I 21 50.32 13.41 31.92
C MSE I 21 51.18 12.37 31.18
O MSE I 21 51.20 11.18 31.52
CB MSE I 21 48.94 12.85 32.25
CG MSE I 21 48.00 13.84 32.97
SE MSE I 21 46.21 13.03 33.39
CE MSE I 21 46.84 11.17 33.66
N GLY I 22 51.88 12.85 30.15
CA GLY I 22 52.76 12.01 29.37
C GLY I 22 52.05 11.07 28.43
N LEU I 23 50.78 11.38 28.16
CA LEU I 23 49.95 10.60 27.25
C LEU I 23 50.07 11.18 25.86
N GLU I 24 50.65 10.40 24.94
CA GLU I 24 51.05 10.96 23.65
C GLU I 24 49.86 11.35 22.79
N ASN I 25 50.00 12.51 22.16
CA ASN I 25 48.91 13.18 21.46
C ASN I 25 47.81 12.27 20.90
N LEU I 26 46.59 12.64 21.31
CA LEU I 26 45.39 11.94 20.98
C LEU I 26 44.41 13.06 20.69
N ALA I 27 44.88 14.08 19.96
CA ALA I 27 44.03 15.21 19.59
C ALA I 27 43.08 14.80 18.49
N ARG I 28 43.39 13.69 17.84
CA ARG I 28 42.56 13.23 16.78
C ARG I 28 41.56 12.18 17.27
N MSE I 29 41.55 11.90 18.57
CA MSE I 29 40.51 11.00 19.06
C MSE I 29 39.21 11.70 19.52
O MSE I 29 39.17 12.93 19.68
CB MSE I 29 41.02 9.93 20.05
CG MSE I 29 41.70 10.38 21.32
SE MSE I 29 42.61 8.82 22.26
CE MSE I 29 43.74 8.17 20.80
N ARG I 30 38.14 10.92 19.68
CA ARG I 30 36.89 11.51 20.11
C ARG I 30 36.96 11.92 21.56
N LYS I 31 36.37 13.07 21.85
CA LYS I 31 36.36 13.58 23.22
C LYS I 31 36.32 12.39 24.16
N GLN I 32 35.35 11.51 23.95
CA GLN I 32 35.14 10.39 24.85
C GLN I 32 36.38 9.49 25.05
N ASP I 33 37.00 8.98 23.98
CA ASP I 33 38.23 8.19 24.12
C ASP I 33 39.27 8.95 24.89
N ILE I 34 39.34 10.26 24.66
CA ILE I 34 40.31 11.04 25.40
C ILE I 34 39.99 10.88 26.88
N ILE I 35 38.75 11.20 27.24
CA ILE I 35 38.33 11.11 28.65
C ILE I 35 38.74 9.76 29.25
N PHE I 36 38.44 8.68 28.54
CA PHE I 36 38.85 7.36 29.00
C PHE I 36 40.38 7.28 29.24
N ALA I 37 41.17 7.65 28.23
CA ALA I 37 42.62 7.71 28.32
C ALA I 37 43.08 8.49 29.54
N ILE I 38 42.51 9.66 29.75
CA ILE I 38 42.85 10.44 30.92
C ILE I 38 42.49 9.73 32.25
N LEU I 39 41.41 8.93 32.27
CA LEU I 39 41.07 8.24 33.51
C LEU I 39 42.08 7.13 33.76
N LYS I 40 42.12 6.17 32.85
CA LYS I 40 43.03 5.06 32.94
C LYS I 40 44.47 5.50 33.34
N GLN I 41 44.92 6.61 32.77
CA GLN I 41 46.26 7.12 33.07
C GLN I 41 46.36 7.78 34.42
N HIS I 42 45.23 8.23 34.95
CA HIS I 42 45.24 8.88 36.25
C HIS I 42 44.81 7.87 37.28
N ALA I 43 45.18 6.62 37.07
CA ALA I 43 44.95 5.57 38.04
C ALA I 43 46.22 5.30 38.84
N LYS I 44 46.94 6.38 39.17
CA LYS I 44 48.05 6.33 40.13
C LYS I 44 47.61 7.08 41.39
N SER I 45 46.55 6.61 42.05
CA SER I 45 45.92 7.34 43.17
C SER I 45 44.55 6.75 43.55
N GLY I 46 44.59 5.69 44.36
CA GLY I 46 43.37 5.06 44.85
C GLY I 46 42.56 6.03 45.70
N GLU I 47 41.22 5.85 45.70
CA GLU I 47 40.30 6.69 46.50
C GLU I 47 39.86 8.00 45.82
N ASP I 48 40.34 8.28 44.61
CA ASP I 48 40.04 9.57 43.96
C ASP I 48 38.87 9.52 42.97
N ILE I 49 39.03 8.79 41.88
CA ILE I 49 38.10 8.87 40.75
C ILE I 49 36.61 8.67 41.10
N PHE I 50 35.86 9.78 41.13
CA PHE I 50 34.41 9.77 41.34
C PHE I 50 33.71 9.63 40.01
N GLY I 51 32.51 9.10 40.04
CA GLY I 51 31.73 8.94 38.82
C GLY I 51 30.25 9.12 39.10
N ASP I 52 29.53 9.63 38.11
CA ASP I 52 28.08 9.77 38.20
C ASP I 52 27.47 9.40 36.86
N GLY I 53 26.18 9.08 36.84
CA GLY I 53 25.49 8.77 35.59
C GLY I 53 24.07 8.26 35.77
N VAL I 54 23.32 8.16 34.67
CA VAL I 54 21.99 7.58 34.74
C VAL I 54 22.06 6.13 34.27
N LEU I 55 21.31 5.28 34.96
CA LEU I 55 21.48 3.85 34.81
C LEU I 55 20.58 3.27 33.73
N GLU I 56 21.16 2.52 32.80
CA GLU I 56 20.41 1.79 31.81
C GLU I 56 20.74 0.31 31.98
N ILE I 57 19.84 -0.41 32.63
CA ILE I 57 20.03 -1.84 32.81
C ILE I 57 19.81 -2.56 31.46
N LEU I 58 20.86 -3.16 30.92
CA LEU I 58 20.70 -3.95 29.71
C LEU I 58 20.22 -5.36 30.10
N GLN I 59 19.58 -6.08 29.17
CA GLN I 59 18.82 -7.30 29.53
C GLN I 59 19.66 -8.44 30.10
N ASP I 60 20.94 -8.47 29.78
CA ASP I 60 21.87 -9.44 30.37
C ASP I 60 21.93 -9.38 31.90
N GLY I 61 21.43 -8.27 32.47
CA GLY I 61 21.35 -8.10 33.91
C GLY I 61 22.23 -6.98 34.44
N PHE I 62 23.23 -6.60 33.66
CA PHE I 62 24.11 -5.50 34.05
C PHE I 62 23.64 -4.22 33.37
N GLY I 63 24.14 -3.08 33.85
CA GLY I 63 23.77 -1.80 33.27
C GLY I 63 24.96 -0.90 33.02
N PHE I 64 24.67 0.35 32.76
CA PHE I 64 25.72 1.31 32.58
C PHE I 64 25.24 2.63 33.08
N LEU I 65 26.08 3.30 33.85
CA LEU I 65 25.78 4.67 34.10
C LEU I 65 26.15 5.39 32.81
N ARG I 66 25.22 6.15 32.26
CA ARG I 66 25.47 6.86 31.02
C ARG I 66 25.31 8.30 31.34
N SER I 67 25.89 9.18 30.54
CA SER I 67 25.93 10.60 30.92
C SER I 67 25.05 11.54 30.12
N ALA I 68 24.47 12.50 30.80
CA ALA I 68 23.51 13.37 30.19
C ALA I 68 24.15 14.36 29.25
N ASP I 69 25.46 14.34 29.14
CA ASP I 69 26.09 15.39 28.35
C ASP I 69 26.43 14.87 27.01
N SER I 70 26.22 13.58 26.84
CA SER I 70 26.36 12.99 25.53
C SER I 70 24.99 12.50 25.10
N SER I 71 23.95 13.06 25.76
CA SER I 71 22.58 12.68 25.50
C SER I 71 22.47 11.17 25.61
N TYR I 72 23.05 10.65 26.67
CA TYR I 72 23.13 9.23 26.99
C TYR I 72 23.53 8.35 25.86
N LEU I 73 24.40 8.84 24.98
CA LEU I 73 24.97 8.02 23.92
C LEU I 73 25.99 7.05 24.51
N ALA I 74 25.71 5.74 24.50
CA ALA I 74 26.69 4.80 25.06
C ALA I 74 28.07 5.10 24.49
N GLY I 75 29.08 5.15 25.38
CA GLY I 75 30.46 5.39 24.97
C GLY I 75 31.51 4.67 25.80
N PRO I 76 32.80 4.78 25.44
CA PRO I 76 33.83 4.06 26.19
C PRO I 76 33.85 4.52 27.65
N ASP I 77 33.55 5.78 27.90
CA ASP I 77 33.66 6.26 29.27
C ASP I 77 32.33 6.14 30.03
N ASP I 78 31.51 5.17 29.65
CA ASP I 78 30.38 4.81 30.49
C ASP I 78 30.89 3.91 31.61
N ILE I 79 30.10 3.75 32.65
CA ILE I 79 30.58 3.09 33.84
C ILE I 79 29.76 1.87 34.08
N TYR I 80 30.40 0.72 33.99
CA TYR I 80 29.74 -0.57 34.13
C TYR I 80 29.13 -0.69 35.52
N VAL I 81 27.99 -1.35 35.61
CA VAL I 81 27.33 -1.59 36.88
C VAL I 81 26.97 -3.06 37.00
N SER I 82 27.40 -3.69 38.09
CA SER I 82 27.30 -5.14 38.24
C SER I 82 25.88 -5.57 38.54
N PRO I 83 25.52 -6.79 38.16
CA PRO I 83 24.15 -7.26 38.41
C PRO I 83 23.91 -7.37 39.89
N SER I 84 24.97 -7.68 40.63
CA SER I 84 24.83 -7.78 42.07
C SER I 84 24.55 -6.36 42.58
N GLN I 85 25.38 -5.41 42.17
CA GLN I 85 25.25 -4.02 42.60
C GLN I 85 23.83 -3.53 42.38
N ILE I 86 23.22 -3.97 41.29
CA ILE I 86 21.82 -3.66 41.01
C ILE I 86 20.85 -4.32 42.00
N ARG I 87 21.15 -5.57 42.39
CA ARG I 87 20.27 -6.31 43.31
C ARG I 87 20.45 -5.88 44.74
N ARG I 88 21.69 -5.61 45.15
CA ARG I 88 21.94 -5.13 46.50
C ARG I 88 21.21 -3.79 46.77
N PHE I 89 21.06 -2.95 45.76
CA PHE I 89 20.38 -1.69 45.99
C PHE I 89 18.94 -1.57 45.45
N ASN I 90 18.49 -2.59 44.73
CA ASN I 90 17.19 -2.54 44.09
C ASN I 90 17.19 -1.49 42.95
N LEU I 91 18.39 -1.29 42.38
CA LEU I 91 18.59 -0.31 41.31
C LEU I 91 17.56 -0.54 40.23
N ARG I 92 17.28 0.49 39.45
CA ARG I 92 16.34 0.40 38.35
C ARG I 92 16.75 1.45 37.32
N THR I 93 16.63 1.11 36.02
CA THR I 93 17.09 2.01 34.96
C THR I 93 16.32 3.31 34.99
N GLY I 94 17.05 4.41 34.86
CA GLY I 94 16.52 5.73 35.14
C GLY I 94 17.22 6.23 36.38
N ASP I 95 17.68 5.32 37.22
CA ASP I 95 18.34 5.68 38.48
C ASP I 95 19.64 6.49 38.26
N THR I 96 19.77 7.59 39.00
CA THR I 96 20.93 8.46 38.92
C THR I 96 21.98 8.06 39.96
N ILE I 97 23.11 7.51 39.49
CA ILE I 97 24.07 6.95 40.41
C ILE I 97 25.38 7.70 40.50
N SER I 98 25.79 7.99 41.75
CA SER I 98 27.04 8.67 42.08
C SER I 98 27.90 7.70 42.83
N GLY I 99 29.20 7.93 42.81
CA GLY I 99 30.10 7.14 43.63
C GLY I 99 31.52 7.22 43.17
N LYS I 100 32.28 6.16 43.48
CA LYS I 100 33.67 6.04 43.07
C LYS I 100 33.74 4.95 42.02
N ILE I 101 34.78 5.01 41.20
CA ILE I 101 34.91 4.08 40.08
C ILE I 101 36.34 3.61 39.99
N ARG I 102 36.54 2.50 39.27
CA ARG I 102 37.86 1.86 39.21
C ARG I 102 38.22 1.39 37.81
N PRO I 103 39.45 1.65 37.41
CA PRO I 103 39.92 1.25 36.09
C PRO I 103 39.59 -0.19 35.89
N PRO I 104 39.42 -0.58 34.63
CA PRO I 104 39.25 -1.99 34.29
C PRO I 104 40.50 -2.77 34.71
N LYS I 105 40.30 -3.98 35.23
CA LYS I 105 41.40 -4.90 35.48
C LYS I 105 41.72 -5.60 34.17
N GLU I 106 42.82 -6.36 34.14
CA GLU I 106 43.22 -7.09 32.94
C GLU I 106 42.06 -7.93 32.40
N GLY I 107 41.40 -7.44 31.35
CA GLY I 107 40.35 -8.23 30.71
C GLY I 107 38.96 -7.58 30.60
N GLU I 108 38.75 -6.48 31.32
CA GLU I 108 37.49 -5.75 31.23
C GLU I 108 37.58 -4.69 30.12
N ARG I 109 36.52 -3.91 29.93
CA ARG I 109 36.54 -2.83 28.92
C ARG I 109 36.11 -1.47 29.51
N TYR I 110 35.71 -1.44 30.78
CA TYR I 110 35.06 -0.25 31.34
C TYR I 110 35.42 0.00 32.76
N PHE I 111 35.60 1.27 33.13
CA PHE I 111 35.67 1.61 34.54
C PHE I 111 34.41 1.11 35.19
N ALA I 112 34.53 0.71 36.44
CA ALA I 112 33.45 0.00 37.08
C ALA I 112 32.99 0.77 38.29
N LEU I 113 31.74 0.55 38.65
CA LEU I 113 31.20 1.22 39.80
C LEU I 113 31.77 0.56 41.05
N LEU I 114 32.64 1.27 41.75
CA LEU I 114 33.24 0.70 42.96
C LEU I 114 32.41 0.88 44.24
N LYS I 115 32.00 2.12 44.53
CA LYS I 115 31.18 2.40 45.72
C LYS I 115 30.00 3.33 45.37
N VAL I 116 28.81 2.90 45.77
CA VAL I 116 27.59 3.68 45.59
C VAL I 116 27.47 4.68 46.75
N ASN I 117 27.43 5.97 46.42
CA ASN I 117 27.29 7.01 47.45
C ASN I 117 25.89 7.54 47.55
N GLU I 118 25.35 7.92 46.40
CA GLU I 118 24.05 8.52 46.32
C GLU I 118 23.26 7.79 45.24
N VAL I 119 21.98 7.55 45.51
CA VAL I 119 21.07 7.04 44.47
C VAL I 119 19.85 7.97 44.41
N ASN I 120 19.71 8.70 43.30
CA ASN I 120 18.61 9.63 43.15
C ASN I 120 18.76 10.81 44.09
N PHE I 121 19.96 11.05 44.58
CA PHE I 121 20.17 12.21 45.46
C PHE I 121 19.59 11.91 46.82
N ASP I 122 19.80 10.67 47.26
CA ASP I 122 19.23 10.18 48.49
C ASP I 122 20.07 8.98 48.93
N LYS I 123 19.82 8.48 50.14
CA LYS I 123 20.65 7.40 50.70
C LYS I 123 20.47 6.09 49.91
N PRO I 124 21.57 5.56 49.38
CA PRO I 124 21.52 4.36 48.54
C PRO I 124 20.60 3.27 49.04
N GLU I 125 20.21 3.32 50.30
CA GLU I 125 19.36 2.26 50.80
C GLU I 125 18.01 2.74 51.25
N ASN I 126 17.60 3.94 50.80
CA ASN I 126 16.31 4.54 51.14
C ASN I 126 15.27 4.35 50.03
N ASN I 129 10.73 3.59 48.27
CA ASN I 129 10.36 4.48 47.15
C ASN I 129 9.59 3.78 46.03
N LYS I 130 8.26 4.01 46.03
CA LYS I 130 7.27 3.26 45.23
C LYS I 130 7.11 3.85 43.85
N ILE I 131 6.82 2.98 42.86
CA ILE I 131 6.90 3.29 41.43
C ILE I 131 5.95 4.34 40.82
N LEU I 132 6.41 5.09 39.80
CA LEU I 132 5.48 5.98 39.06
C LEU I 132 4.18 5.21 38.73
N PHE I 133 4.31 3.97 38.31
CA PHE I 133 3.19 3.23 37.79
C PHE I 133 2.08 3.03 38.83
N GLU I 134 2.39 3.27 40.09
CA GLU I 134 1.31 3.24 41.07
C GLU I 134 1.11 4.47 41.92
N ASN I 135 1.01 5.63 41.33
CA ASN I 135 0.72 6.79 42.12
C ASN I 135 -0.60 7.35 41.63
N LEU I 136 -1.43 7.82 42.54
CA LEU I 136 -2.71 8.35 42.12
C LEU I 136 -2.51 9.65 41.37
N THR I 137 -3.06 9.62 40.20
CA THR I 137 -2.91 10.65 39.22
C THR I 137 -3.94 11.78 39.30
N PRO I 138 -3.98 12.60 40.38
CA PRO I 138 -4.93 13.72 40.31
C PRO I 138 -4.81 14.60 39.06
N LEU I 139 -5.94 15.26 38.77
CA LEU I 139 -6.17 16.16 37.65
C LEU I 139 -5.17 17.29 37.65
N HIS I 140 -4.01 16.98 37.09
CA HIS I 140 -2.92 17.92 36.89
C HIS I 140 -3.29 19.37 37.05
N ALA I 141 -3.57 19.86 38.27
CA ALA I 141 -4.00 21.26 38.36
C ALA I 141 -4.32 21.74 39.77
N ASN I 142 -3.30 21.87 40.60
CA ASN I 142 -3.56 22.56 41.83
C ASN I 142 -2.60 23.66 41.83
N SER I 143 -1.36 23.33 41.48
CA SER I 143 -0.33 24.31 41.61
C SER I 143 0.12 24.82 40.27
N ARG I 144 -0.34 26.02 39.98
CA ARG I 144 0.03 26.72 38.79
C ARG I 144 1.55 26.96 38.63
N LEU I 145 1.92 27.29 37.39
CA LEU I 145 3.26 27.68 37.06
C LEU I 145 3.15 28.92 36.17
N ARG I 146 3.06 30.11 36.78
CA ARG I 146 2.87 31.36 36.02
C ARG I 146 4.13 31.67 35.21
N MSE I 147 3.98 32.46 34.15
CA MSE I 147 5.10 32.75 33.24
C MSE I 147 5.46 34.25 33.14
O MSE I 147 5.28 35.06 34.07
CB MSE I 147 4.79 32.17 31.85
CG MSE I 147 4.20 30.75 31.85
SE MSE I 147 5.53 29.30 31.56
CE MSE I 147 5.93 29.78 29.75
N GLY I 152 9.42 43.62 32.46
CA GLY I 152 8.46 44.41 31.68
C GLY I 152 8.72 44.37 30.17
N SER I 153 9.52 43.39 29.77
CA SER I 153 9.98 43.21 28.40
C SER I 153 8.93 42.76 27.39
N THR I 154 9.42 42.44 26.20
CA THR I 154 8.59 41.89 25.12
C THR I 154 8.54 40.34 25.13
N GLU I 155 9.65 39.69 25.49
CA GLU I 155 9.63 38.23 25.74
C GLU I 155 8.49 37.91 26.67
N ASP I 156 8.38 38.70 27.74
CA ASP I 156 7.33 38.54 28.73
C ASP I 156 5.98 38.63 28.05
N LEU I 157 5.95 39.13 26.84
CA LEU I 157 4.71 39.23 26.08
C LEU I 157 4.19 37.85 25.79
N THR I 158 5.09 36.98 25.36
CA THR I 158 4.77 35.58 25.16
C THR I 158 4.37 34.95 26.50
N ALA I 159 5.25 34.99 27.50
CA ALA I 159 4.90 34.42 28.80
C ALA I 159 3.51 34.86 29.17
N ARG I 160 3.18 36.09 28.77
CA ARG I 160 1.96 36.74 29.19
C ARG I 160 0.77 36.36 28.35
N VAL I 161 0.89 36.41 27.02
CA VAL I 161 -0.20 35.93 26.19
C VAL I 161 -0.49 34.51 26.63
N LEU I 162 0.57 33.72 26.67
CA LEU I 162 0.51 32.34 27.12
C LEU I 162 -0.25 32.16 28.43
N ASP I 163 0.07 32.98 29.42
CA ASP I 163 -0.60 32.91 30.72
C ASP I 163 -2.13 33.20 30.67
N LEU I 164 -2.60 33.83 29.59
CA LEU I 164 -4.04 34.05 29.43
C LEU I 164 -4.72 32.94 28.60
N ALA I 165 -4.05 32.46 27.56
CA ALA I 165 -4.62 31.40 26.72
C ALA I 165 -4.64 30.04 27.44
N SER I 166 -3.46 29.61 27.92
CA SER I 166 -3.24 28.21 28.26
C SER I 166 -2.44 28.00 29.56
N PRO I 167 -3.07 28.32 30.68
CA PRO I 167 -2.48 28.08 31.99
C PRO I 167 -1.89 26.68 32.07
N ILE I 168 -0.62 26.59 32.42
CA ILE I 168 0.06 25.31 32.62
C ILE I 168 0.19 25.06 34.14
N GLY I 169 0.03 23.82 34.59
CA GLY I 169 0.19 23.53 36.01
C GLY I 169 1.12 22.37 36.28
N ARG I 170 1.58 22.24 37.52
CA ARG I 170 2.51 21.18 37.89
C ARG I 170 1.86 19.89 37.48
N GLY I 171 2.47 19.18 36.53
CA GLY I 171 1.87 17.94 36.06
C GLY I 171 0.98 17.99 34.83
N GLN I 172 0.99 19.07 34.05
CA GLN I 172 0.14 19.17 32.86
C GLN I 172 0.66 18.26 31.77
N ARG I 173 -0.25 17.89 30.86
CA ARG I 173 0.11 17.17 29.64
C ARG I 173 -0.26 18.06 28.49
N GLY I 174 0.65 18.96 28.12
CA GLY I 174 0.35 19.97 27.12
C GLY I 174 0.81 19.63 25.71
N LEU I 175 0.12 20.22 24.75
CA LEU I 175 0.46 19.97 23.37
C LEU I 175 0.48 21.30 22.63
N ILE I 176 1.66 21.65 22.13
CA ILE I 176 1.83 22.83 21.32
C ILE I 176 1.69 22.34 19.88
N VAL I 177 0.62 22.75 19.21
CA VAL I 177 0.38 22.34 17.85
C VAL I 177 0.98 23.43 16.98
N ALA I 178 2.04 23.12 16.27
CA ALA I 178 2.66 24.16 15.48
C ALA I 178 2.95 23.77 14.07
N PRO I 179 2.64 24.70 13.18
CA PRO I 179 2.93 24.59 11.74
C PRO I 179 4.34 25.10 11.58
N PRO I 180 4.99 24.92 10.44
CA PRO I 180 6.38 25.40 10.34
C PRO I 180 6.50 26.94 10.38
N LYS I 181 7.72 27.42 10.63
CA LYS I 181 8.00 28.87 10.68
C LYS I 181 6.93 29.62 11.47
N ALA I 182 6.57 29.11 12.64
CA ALA I 182 5.55 29.77 13.44
C ALA I 182 6.06 30.12 14.85
N GLY I 183 7.38 30.26 14.97
CA GLY I 183 8.00 30.65 16.21
C GLY I 183 7.89 29.65 17.36
N LYS I 184 7.81 28.37 17.02
CA LYS I 184 7.70 27.33 18.05
C LYS I 184 8.94 27.12 18.96
N THR I 185 10.15 27.30 18.42
CA THR I 185 11.38 27.19 19.21
C THR I 185 11.50 28.34 20.23
N MSE I 186 11.38 29.58 19.75
CA MSE I 186 11.39 30.75 20.61
C MSE I 186 10.35 30.49 21.67
O MSE I 186 10.62 30.59 22.86
CB MSE I 186 11.05 31.98 19.80
CG MSE I 186 11.90 32.08 18.55
SE MSE I 186 12.74 33.84 18.40
CE MSE I 186 10.91 34.88 18.17
N LEU I 187 9.17 30.08 21.23
CA LEU I 187 8.12 29.78 22.16
C LEU I 187 8.65 28.84 23.23
N LEU I 188 9.26 27.73 22.81
CA LEU I 188 9.85 26.76 23.75
C LEU I 188 10.90 27.35 24.68
N GLN I 189 11.72 28.25 24.15
CA GLN I 189 12.84 28.79 24.89
C GLN I 189 12.31 29.79 25.89
N ASN I 190 11.29 30.52 25.44
CA ASN I 190 10.59 31.44 26.29
C ASN I 190 10.04 30.72 27.53
N ILE I 191 9.53 29.51 27.33
CA ILE I 191 8.99 28.74 28.44
C ILE I 191 10.15 28.22 29.30
N ALA I 192 11.20 27.74 28.65
CA ALA I 192 12.33 27.25 29.38
C ALA I 192 12.87 28.38 30.27
N GLN I 193 12.90 29.61 29.73
CA GLN I 193 13.41 30.75 30.49
C GLN I 193 12.42 31.06 31.61
N SER I 194 11.17 31.23 31.24
CA SER I 194 10.11 31.47 32.19
C SER I 194 10.22 30.49 33.36
N ILE I 195 10.47 29.22 33.09
CA ILE I 195 10.49 28.22 34.18
C ILE I 195 11.74 28.29 35.05
N ALA I 196 12.90 28.46 34.42
CA ALA I 196 14.14 28.54 35.14
C ALA I 196 14.06 29.65 36.17
N TYR I 197 13.67 30.83 35.69
CA TYR I 197 13.62 32.08 36.43
C TYR I 197 12.48 32.10 37.47
N ASN I 198 11.26 31.71 37.07
CA ASN I 198 10.09 31.67 37.97
C ASN I 198 10.03 30.42 38.86
N HIS I 199 10.45 29.27 38.35
CA HIS I 199 10.34 28.03 39.12
C HIS I 199 11.63 27.22 39.17
N PRO I 200 12.64 27.71 39.92
CA PRO I 200 13.94 27.02 40.07
C PRO I 200 13.77 25.68 40.72
N ASP I 201 12.72 25.54 41.50
CA ASP I 201 12.48 24.32 42.28
C ASP I 201 12.19 23.16 41.38
N CYS I 202 11.39 23.41 40.35
CA CYS I 202 11.13 22.40 39.34
C CYS I 202 12.41 21.97 38.59
N VAL I 203 12.58 20.64 38.44
CA VAL I 203 13.65 20.08 37.63
C VAL I 203 13.36 20.15 36.12
N LEU I 204 14.11 20.98 35.39
CA LEU I 204 13.88 21.17 33.96
C LEU I 204 14.76 20.31 32.99
N MSE I 205 14.06 19.55 32.14
CA MSE I 205 14.71 18.81 31.06
C MSE I 205 14.10 19.21 29.74
O MSE I 205 12.89 19.18 29.53
CB MSE I 205 14.58 17.28 31.26
CG MSE I 205 14.74 16.82 32.69
SE MSE I 205 14.58 14.87 32.97
CE MSE I 205 16.30 14.28 32.12
N VAL I 206 14.95 19.59 28.81
CA VAL I 206 14.48 19.83 27.48
C VAL I 206 15.01 18.66 26.66
N LEU I 207 14.14 18.08 25.86
CA LEU I 207 14.49 16.90 25.09
C LEU I 207 14.21 17.13 23.63
N LEU I 208 15.22 17.03 22.78
CA LEU I 208 15.06 17.35 21.37
C LEU I 208 15.20 16.13 20.45
N ILE I 209 14.15 15.83 19.69
CA ILE I 209 14.19 14.59 18.93
C ILE I 209 14.96 14.56 17.60
N ASP I 210 14.46 15.09 16.52
CA ASP I 210 15.21 14.91 15.28
C ASP I 210 15.87 16.26 14.87
N GLU I 211 16.70 16.84 15.74
CA GLU I 211 17.06 18.25 15.61
C GLU I 211 18.26 18.50 14.69
N ARG I 212 18.32 19.69 14.07
CA ARG I 212 19.51 20.13 13.36
C ARG I 212 20.62 20.42 14.42
N PRO I 213 21.84 19.92 14.21
CA PRO I 213 22.88 19.96 15.25
C PRO I 213 23.08 21.36 15.84
N GLU I 214 23.17 22.35 14.97
CA GLU I 214 23.35 23.70 15.43
C GLU I 214 22.20 24.12 16.35
N GLU I 215 21.00 23.64 16.08
CA GLU I 215 19.88 24.01 16.89
C GLU I 215 20.05 23.49 18.29
N VAL I 216 20.70 22.34 18.40
CA VAL I 216 20.97 21.71 19.70
C VAL I 216 21.90 22.60 20.53
N THR I 217 23.07 22.95 19.97
CA THR I 217 24.00 23.80 20.69
C THR I 217 23.34 25.10 21.11
N GLU I 218 22.39 25.62 20.32
CA GLU I 218 21.72 26.85 20.71
C GLU I 218 20.87 26.56 21.93
N MSE I 219 20.03 25.54 21.87
CA MSE I 219 19.13 25.29 22.98
C MSE I 219 20.04 25.05 24.14
O MSE I 219 19.90 25.66 25.18
CB MSE I 219 18.25 24.09 22.73
CG MSE I 219 17.34 23.76 23.88
SE MSE I 219 15.94 25.11 23.90
CE MSE I 219 15.31 24.86 22.12
N GLN I 220 21.03 24.18 23.93
CA GLN I 220 21.95 23.81 25.00
C GLN I 220 22.48 25.03 25.73
N ARG I 221 22.64 26.12 25.02
CA ARG I 221 23.24 27.25 25.66
C ARG I 221 22.28 28.15 26.45
N LEU I 222 20.97 28.11 26.17
CA LEU I 222 20.06 29.02 26.87
C LEU I 222 19.40 28.40 28.07
N VAL I 223 19.22 27.10 28.06
CA VAL I 223 18.27 26.52 28.99
C VAL I 223 18.96 26.24 30.30
N LYS I 224 18.37 26.65 31.41
CA LYS I 224 18.96 26.30 32.71
C LYS I 224 18.38 24.95 33.10
N GLY I 225 19.11 23.89 32.81
CA GLY I 225 18.57 22.55 33.00
C GLY I 225 19.13 21.53 32.04
N GLU I 226 18.56 20.33 32.02
CA GLU I 226 19.14 19.25 31.22
C GLU I 226 18.66 19.41 29.78
N VAL I 227 19.60 19.46 28.83
CA VAL I 227 19.22 19.43 27.43
C VAL I 227 19.78 18.20 26.75
N VAL I 228 18.88 17.26 26.45
CA VAL I 228 19.27 16.02 25.81
C VAL I 228 18.73 16.09 24.41
N ALA I 229 19.56 15.77 23.42
CA ALA I 229 19.05 15.82 22.10
C ALA I 229 19.63 14.70 21.27
N SER I 230 18.88 14.26 20.25
CA SER I 230 19.51 13.48 19.19
C SER I 230 19.31 14.18 17.82
N THR I 231 20.16 13.92 16.83
CA THR I 231 20.05 14.66 15.55
C THR I 231 19.70 13.82 14.36
N PHE I 232 19.24 14.48 13.30
CA PHE I 232 18.77 13.74 12.14
C PHE I 232 19.88 12.86 11.58
N ASP I 233 21.11 13.17 12.00
CA ASP I 233 22.29 12.32 11.89
C ASP I 233 22.11 10.88 12.35
N GLU I 234 21.37 10.72 13.44
CA GLU I 234 21.39 9.47 14.15
C GLU I 234 20.19 8.56 13.85
N PRO I 235 20.39 7.28 14.10
CA PRO I 235 19.36 6.26 13.93
C PRO I 235 18.09 6.48 14.78
N ALA I 236 16.97 6.00 14.25
CA ALA I 236 15.71 6.06 14.97
C ALA I 236 15.89 5.45 16.33
N SER I 237 16.69 4.37 16.40
CA SER I 237 16.98 3.68 17.66
C SER I 237 17.45 4.72 18.64
N ARG I 238 18.35 5.55 18.18
CA ARG I 238 18.99 6.52 19.01
C ARG I 238 17.96 7.58 19.48
N HIS I 239 17.09 8.05 18.56
CA HIS I 239 15.95 8.89 18.99
C HIS I 239 15.19 8.14 20.09
N VAL I 240 14.82 6.89 19.84
CA VAL I 240 14.14 6.10 20.86
C VAL I 240 14.92 5.96 22.17
N GLN I 241 16.25 5.79 22.09
CA GLN I 241 17.07 5.61 23.29
C GLN I 241 16.88 6.86 24.13
N VAL I 242 17.11 8.00 23.51
CA VAL I 242 17.14 9.25 24.23
C VAL I 242 15.86 9.49 25.02
N ALA I 243 14.73 9.28 24.36
CA ALA I 243 13.44 9.59 24.96
C ALA I 243 13.14 8.61 26.08
N GLU I 244 13.47 7.36 25.87
CA GLU I 244 13.31 6.37 26.92
C GLU I 244 14.14 6.69 28.20
N MSE I 245 15.42 6.95 28.06
CA MSE I 245 16.24 7.30 29.22
C MSE I 245 15.72 8.53 29.99
O MSE I 245 15.61 8.53 31.22
CB MSE I 245 17.69 7.51 28.78
CG MSE I 245 18.61 7.32 29.91
SE MSE I 245 19.16 5.49 29.97
CE MSE I 245 17.43 4.60 30.00
N VAL I 246 15.39 9.59 29.24
CA VAL I 246 14.84 10.78 29.83
C VAL I 246 13.60 10.41 30.62
N ILE I 247 12.61 9.79 29.95
CA ILE I 247 11.32 9.60 30.59
C ILE I 247 11.53 8.83 31.88
N GLU I 248 12.47 7.87 31.88
CA GLU I 248 12.73 7.10 33.12
C GLU I 248 13.39 7.92 34.23
N LYS I 249 14.59 8.46 34.03
CA LYS I 249 15.12 9.43 34.98
C LYS I 249 13.97 10.25 35.56
N ALA I 250 13.11 10.76 34.67
CA ALA I 250 11.97 11.59 35.05
C ALA I 250 11.10 10.93 36.14
N LYS I 251 10.69 9.71 35.89
CA LYS I 251 9.87 8.98 36.82
C LYS I 251 10.59 8.73 38.14
N ARG I 252 11.92 8.48 38.12
CA ARG I 252 12.65 8.30 39.37
C ARG I 252 12.55 9.56 40.25
N LEU I 253 12.95 10.69 39.68
CA LEU I 253 12.83 11.95 40.37
C LEU I 253 11.46 12.17 41.01
N VAL I 254 10.40 11.75 40.30
CA VAL I 254 9.03 11.94 40.75
C VAL I 254 8.72 11.01 41.91
N GLU I 255 9.27 9.80 41.83
CA GLU I 255 9.12 8.83 42.89
C GLU I 255 9.70 9.41 44.18
N HIS I 256 10.32 10.59 44.08
CA HIS I 256 10.93 11.29 45.21
C HIS I 256 10.24 12.64 45.49
N LYS I 257 9.02 12.81 45.00
CA LYS I 257 8.26 14.04 45.29
C LYS I 257 8.78 15.33 44.63
N LYS I 258 9.71 15.17 43.69
CA LYS I 258 10.16 16.28 42.89
C LYS I 258 9.16 16.61 41.80
N ASP I 259 9.15 17.85 41.34
CA ASP I 259 8.38 18.24 40.16
C ASP I 259 9.33 18.28 39.01
N VAL I 260 9.22 17.33 38.08
CA VAL I 260 10.03 17.36 36.87
C VAL I 260 9.21 17.98 35.77
N ILE I 261 9.89 18.46 34.73
CA ILE I 261 9.18 19.01 33.59
C ILE I 261 9.97 18.62 32.41
N ILE I 262 9.29 18.04 31.41
CA ILE I 262 9.92 17.77 30.14
C ILE I 262 9.34 18.67 29.06
N LEU I 263 10.25 19.35 28.37
CA LEU I 263 9.92 20.06 27.16
C LEU I 263 10.27 19.13 26.02
N LEU I 264 9.27 18.47 25.45
CA LEU I 264 9.50 17.55 24.31
C LEU I 264 9.34 18.20 22.96
N ASP I 265 10.45 18.51 22.30
CA ASP I 265 10.29 18.99 20.94
C ASP I 265 10.10 17.86 19.97
N SER I 266 8.82 17.63 19.72
CA SER I 266 8.32 16.90 18.63
C SER I 266 8.03 15.52 19.05
N ILE I 267 6.92 15.37 19.75
CA ILE I 267 6.31 14.07 19.95
C ILE I 267 6.17 13.44 18.59
N THR I 268 5.79 14.24 17.60
CA THR I 268 5.61 13.69 16.28
C THR I 268 6.89 13.08 15.70
N ARG I 269 8.05 13.69 15.97
CA ARG I 269 9.27 13.07 15.49
C ARG I 269 9.69 11.76 16.24
N LEU I 270 9.53 11.81 17.56
CA LEU I 270 9.57 10.65 18.39
C LEU I 270 8.66 9.53 17.81
N ALA I 271 7.42 9.87 17.52
CA ALA I 271 6.56 8.82 17.00
C ALA I 271 7.12 8.34 15.70
N ARG I 272 7.67 9.25 14.85
CA ARG I 272 8.31 8.70 13.64
C ARG I 272 9.39 7.66 13.98
N ALA I 273 10.12 7.86 15.05
CA ALA I 273 11.18 6.93 15.36
C ALA I 273 10.63 5.55 15.65
N TYR I 274 9.73 5.48 16.64
CA TYR I 274 9.09 4.23 17.00
C TYR I 274 8.48 3.58 15.76
N ASN I 275 7.92 4.36 14.85
CA ASN I 275 7.47 3.73 13.63
C ASN I 275 8.54 2.91 12.86
N THR I 276 9.79 3.32 12.86
CA THR I 276 10.76 2.54 12.13
C THR I 276 11.54 1.55 13.01
N VAL I 277 11.42 1.68 14.32
CA VAL I 277 12.12 0.74 15.20
C VAL I 277 11.17 -0.39 15.62
N VAL I 278 9.86 -0.13 15.60
CA VAL I 278 8.92 -1.14 16.05
C VAL I 278 8.58 -2.15 14.96
N PRO I 279 8.78 -3.42 15.27
CA PRO I 279 8.41 -4.54 14.40
C PRO I 279 7.09 -4.30 13.71
N ALA I 280 7.08 -4.35 12.39
CA ALA I 280 5.85 -4.03 11.64
C ALA I 280 4.59 -4.73 12.21
N VAL I 284 -1.44 -3.53 9.77
CA VAL I 284 -2.41 -2.44 9.90
C VAL I 284 -1.81 -1.03 9.69
N LEU I 285 -1.87 -0.53 8.45
CA LEU I 285 -1.42 0.85 8.20
C LEU I 285 -2.59 1.86 8.12
N THR I 286 -2.32 3.11 8.50
CA THR I 286 -3.38 4.12 8.61
C THR I 286 -3.11 5.40 7.78
N GLY I 287 -1.98 5.40 7.07
CA GLY I 287 -1.55 6.50 6.22
C GLY I 287 -0.03 6.53 6.10
N GLY I 288 0.60 5.38 6.37
CA GLY I 288 2.05 5.25 6.50
C GLY I 288 2.45 4.60 7.82
N VAL I 289 1.78 5.02 8.90
CA VAL I 289 2.12 4.60 10.24
C VAL I 289 1.40 3.34 10.70
N ASP I 290 2.19 2.37 11.13
CA ASP I 290 1.75 1.19 11.84
C ASP I 290 0.97 1.63 13.11
N ALA I 291 -0.21 1.08 13.37
CA ALA I 291 -0.95 1.55 14.55
C ALA I 291 -0.18 1.18 15.79
N ASN I 292 0.23 -0.08 15.80
CA ASN I 292 0.95 -0.68 16.89
C ASN I 292 2.09 0.20 17.40
N ALA I 293 2.69 0.99 16.53
CA ALA I 293 3.83 1.84 16.93
C ALA I 293 3.46 2.91 17.93
N LEU I 294 2.44 3.72 17.57
CA LEU I 294 1.91 4.82 18.38
C LEU I 294 1.81 4.56 19.89
N HIS I 295 1.99 3.31 20.27
CA HIS I 295 1.95 2.89 21.67
C HIS I 295 2.96 3.60 22.58
N ARG I 296 4.24 3.28 22.36
CA ARG I 296 5.32 3.82 23.16
C ARG I 296 5.24 5.34 23.32
N PRO I 297 4.96 6.09 22.23
CA PRO I 297 4.80 7.56 22.35
C PRO I 297 3.69 7.90 23.32
N LYS I 298 2.51 7.35 23.01
CA LYS I 298 1.34 7.51 23.84
C LYS I 298 1.72 7.22 25.28
N ARG I 299 2.62 6.27 25.48
CA ARG I 299 3.13 6.00 26.81
C ARG I 299 3.91 7.21 27.33
N PHE I 300 4.85 7.66 26.55
CA PHE I 300 5.68 8.73 26.97
C PHE I 300 4.82 9.93 27.42
N PHE I 301 3.88 10.36 26.60
CA PHE I 301 3.07 11.52 26.94
C PHE I 301 2.14 11.12 28.10
N GLY I 302 1.70 9.87 28.08
CA GLY I 302 0.70 9.43 29.02
C GLY I 302 1.16 9.57 30.46
N ALA I 303 2.48 9.43 30.64
CA ALA I 303 3.13 9.58 31.93
C ALA I 303 2.90 10.95 32.55
N ALA I 304 2.91 12.03 31.78
CA ALA I 304 2.64 13.34 32.39
C ALA I 304 1.55 13.13 33.40
N ARG I 305 1.71 13.63 34.59
CA ARG I 305 0.64 13.50 35.52
C ARG I 305 1.03 14.21 36.75
N ASN I 306 0.03 14.67 37.50
CA ASN I 306 0.25 15.26 38.81
C ASN I 306 0.06 14.22 39.89
N VAL I 307 1.10 13.90 40.68
CA VAL I 307 1.00 12.79 41.67
C VAL I 307 0.28 13.09 43.02
N GLU I 308 -0.61 12.21 43.46
CA GLU I 308 -1.34 12.46 44.68
C GLU I 308 -0.44 12.44 45.89
N GLU I 309 0.57 11.56 45.88
CA GLU I 309 1.50 11.50 47.01
C GLU I 309 2.63 12.54 46.88
N GLY I 310 2.52 13.39 45.87
CA GLY I 310 3.46 14.48 45.74
C GLY I 310 4.40 14.25 44.60
N GLY I 311 4.98 15.35 44.14
CA GLY I 311 5.78 15.34 42.95
C GLY I 311 4.84 15.67 41.84
N SER I 312 5.40 15.87 40.66
CA SER I 312 4.61 16.13 39.46
C SER I 312 5.48 15.76 38.26
N LEU I 313 4.88 15.14 37.26
CA LEU I 313 5.54 15.02 35.97
C LEU I 313 4.75 15.83 34.98
N THR I 314 5.25 17.02 34.64
CA THR I 314 4.58 17.77 33.57
C THR I 314 5.33 17.59 32.25
N ILE I 315 4.55 17.44 31.17
CA ILE I 315 5.12 17.33 29.80
C ILE I 315 4.44 18.24 28.77
N ILE I 316 5.26 19.04 28.10
CA ILE I 316 4.81 19.87 27.02
C ILE I 316 5.53 19.41 25.77
N ALA I 317 4.75 19.05 24.76
CA ALA I 317 5.34 18.52 23.55
C ALA I 317 4.71 19.19 22.36
N THR I 318 5.53 19.58 21.42
CA THR I 318 5.04 20.15 20.20
C THR I 318 4.63 19.01 19.32
N ALA I 319 3.59 19.25 18.54
CA ALA I 319 3.15 18.30 17.53
C ALA I 319 3.19 19.06 16.24
N LEU I 320 4.00 18.61 15.29
CA LEU I 320 4.18 19.30 14.01
C LEU I 320 3.01 19.07 13.07
N ILE I 321 2.69 20.11 12.30
CA ILE I 321 1.49 20.12 11.49
C ILE I 321 1.74 20.93 10.23
N ASP I 322 0.92 20.77 9.20
CA ASP I 322 1.15 21.55 7.99
C ASP I 322 2.56 21.28 7.41
N THR I 323 3.12 20.11 7.64
CA THR I 323 4.39 19.83 7.01
C THR I 323 4.20 19.15 5.66
N GLY I 324 2.96 18.84 5.31
CA GLY I 324 2.67 18.25 4.01
C GLY I 324 3.10 16.81 3.96
N SER I 325 3.16 16.19 5.12
CA SER I 325 3.40 14.76 5.19
C SER I 325 2.16 14.07 5.75
N LYS I 326 1.71 13.03 5.10
CA LYS I 326 0.58 12.31 5.65
C LYS I 326 0.90 11.90 7.09
N MSE I 327 2.00 11.20 7.31
CA MSE I 327 2.24 10.64 8.61
C MSE I 327 2.28 11.67 9.75
O MSE I 327 1.64 11.49 10.78
CB MSE I 327 3.44 9.70 8.59
CG MSE I 327 4.69 10.15 9.27
SE MSE I 327 5.98 8.65 9.30
CE MSE I 327 5.18 7.59 10.67
N ASP I 328 2.98 12.77 9.56
CA ASP I 328 2.90 13.84 10.52
C ASP I 328 1.42 14.08 10.87
N GLU I 329 0.56 14.27 9.87
CA GLU I 329 -0.89 14.48 10.09
C GLU I 329 -1.57 13.36 10.90
N VAL I 330 -1.32 12.10 10.56
CA VAL I 330 -1.92 11.01 11.33
C VAL I 330 -1.53 11.05 12.81
N ILE I 331 -0.26 11.29 13.07
CA ILE I 331 0.28 11.27 14.41
C ILE I 331 -0.45 12.33 15.23
N TYR I 332 -0.78 13.45 14.59
CA TYR I 332 -1.44 14.52 15.29
C TYR I 332 -2.80 14.04 15.74
N GLU I 333 -3.58 13.50 14.78
CA GLU I 333 -4.95 13.05 15.03
C GLU I 333 -4.98 12.05 16.14
N GLU I 334 -3.93 11.24 16.25
CA GLU I 334 -3.85 10.17 17.25
C GLU I 334 -3.56 10.68 18.66
N PHE I 335 -3.14 11.94 18.76
CA PHE I 335 -2.80 12.50 20.05
C PHE I 335 -3.89 13.45 20.45
N LYS I 336 -4.72 13.84 19.49
CA LYS I 336 -5.86 14.73 19.71
C LYS I 336 -6.68 14.13 20.83
N GLY I 337 -6.86 14.90 21.88
CA GLY I 337 -7.59 14.38 23.01
C GLY I 337 -6.74 13.80 24.12
N THR I 338 -5.51 13.36 23.85
CA THR I 338 -4.66 12.82 24.92
C THR I 338 -4.28 13.91 25.89
N GLY I 339 -4.04 15.12 25.41
CA GLY I 339 -3.52 16.14 26.29
C GLY I 339 -4.61 16.82 27.10
N ASN I 340 -4.20 17.78 27.92
CA ASN I 340 -5.11 18.50 28.83
C ASN I 340 -4.82 20.01 28.82
N MSE I 341 -3.85 20.40 28.00
CA MSE I 341 -3.61 21.78 27.66
C MSE I 341 -3.17 21.71 26.25
O MSE I 341 -2.43 20.78 25.88
CB MSE I 341 -2.47 22.35 28.50
CG MSE I 341 -2.01 23.74 28.07
SE MSE I 341 -0.41 23.71 26.92
CE MSE I 341 -1.11 23.10 25.41
N GLU I 342 -3.62 22.63 25.42
CA GLU I 342 -3.10 22.66 24.07
C GLU I 342 -3.04 24.08 23.60
N LEU I 343 -1.95 24.39 22.90
CA LEU I 343 -1.64 25.73 22.46
C LEU I 343 -1.39 25.68 20.95
N HIS I 344 -2.24 26.37 20.18
CA HIS I 344 -2.08 26.36 18.73
C HIS I 344 -1.29 27.58 18.18
N LEU I 345 -0.36 27.32 17.27
CA LEU I 345 0.37 28.38 16.60
C LEU I 345 -0.25 28.56 15.27
N SER I 346 -0.28 29.80 14.78
CA SER I 346 -0.86 30.05 13.49
C SER I 346 0.19 30.50 12.50
N ARG I 347 0.22 29.78 11.40
CA ARG I 347 1.05 30.10 10.25
C ARG I 347 0.64 31.50 9.84
N LYS I 348 -0.67 31.78 9.94
CA LYS I 348 -1.24 33.03 9.47
C LYS I 348 -0.60 34.12 10.28
N ILE I 349 -0.79 34.07 11.58
CA ILE I 349 -0.22 35.11 12.42
C ILE I 349 1.27 35.28 12.15
N ALA I 350 1.97 34.19 11.86
CA ALA I 350 3.42 34.22 11.71
C ALA I 350 3.85 34.71 10.35
N GLU I 351 3.03 34.45 9.33
CA GLU I 351 3.29 35.02 8.01
C GLU I 351 3.28 36.54 8.14
N LYS I 352 2.46 37.06 9.05
CA LYS I 352 2.30 38.50 9.17
C LYS I 352 3.22 39.14 10.21
N ARG I 353 3.91 38.34 11.01
CA ARG I 353 4.98 38.86 11.89
C ARG I 353 4.53 39.30 13.28
N VAL I 354 3.30 39.00 13.63
CA VAL I 354 2.84 39.17 14.99
C VAL I 354 3.40 37.97 15.74
N PHE I 355 4.20 38.16 16.78
CA PHE I 355 5.08 37.05 17.17
C PHE I 355 4.59 36.00 18.14
N PRO I 356 4.01 36.36 19.27
CA PRO I 356 3.55 35.25 20.13
C PRO I 356 2.61 34.30 19.36
N ALA I 357 2.25 34.64 18.12
CA ALA I 357 1.58 33.74 17.12
C ALA I 357 0.60 32.69 17.66
N ILE I 358 -0.05 33.03 18.74
CA ILE I 358 -0.94 32.12 19.41
C ILE I 358 -2.35 32.29 18.87
N ASP I 359 -3.04 31.16 18.75
CA ASP I 359 -4.45 31.15 18.38
C ASP I 359 -5.28 31.07 19.66
N TYR I 360 -5.32 32.16 20.43
CA TYR I 360 -6.08 32.26 21.68
C TYR I 360 -7.42 31.57 21.57
N ASN I 361 -8.12 31.81 20.48
CA ASN I 361 -9.41 31.15 20.32
C ASN I 361 -9.36 29.61 20.27
N ARG I 362 -8.21 29.03 19.94
CA ARG I 362 -8.13 27.57 19.87
C ARG I 362 -7.40 26.89 21.04
N SER I 363 -6.77 27.68 21.89
CA SER I 363 -5.92 27.13 22.90
C SER I 363 -6.58 27.27 24.26
N GLY I 364 -6.06 26.59 25.25
CA GLY I 364 -6.70 26.64 26.54
C GLY I 364 -6.50 25.32 27.23
N THR I 365 -6.69 25.32 28.54
CA THR I 365 -6.49 24.09 29.27
C THR I 365 -7.73 23.62 30.02
N ARG I 366 -7.78 22.33 30.32
CA ARG I 366 -8.89 21.76 31.05
C ARG I 366 -8.69 22.09 32.49
N LYS I 367 -9.81 22.24 33.19
CA LYS I 367 -9.81 22.56 34.61
C LYS I 367 -8.97 23.79 34.90
N GLU I 368 -9.19 24.86 34.13
CA GLU I 368 -8.56 26.14 34.42
C GLU I 368 -8.89 26.58 35.84
N GLU I 369 -10.16 26.38 36.22
CA GLU I 369 -10.58 26.78 37.54
C GLU I 369 -9.68 26.24 38.62
N LEU I 370 -8.94 25.18 38.33
CA LEU I 370 -8.05 24.60 39.32
C LEU I 370 -6.67 25.24 39.33
N LEU I 371 -6.46 26.20 38.43
CA LEU I 371 -5.14 26.77 38.22
C LEU I 371 -5.16 28.29 38.21
N THR I 372 -6.31 28.86 38.61
CA THR I 372 -6.53 30.31 38.65
C THR I 372 -7.39 30.64 39.86
N THR I 373 -7.31 31.88 40.33
CA THR I 373 -8.26 32.35 41.36
C THR I 373 -9.60 32.64 40.70
N GLN I 374 -10.65 32.70 41.51
CA GLN I 374 -11.97 33.02 41.00
C GLN I 374 -11.93 34.38 40.31
N GLU I 375 -11.09 35.26 40.85
CA GLU I 375 -10.91 36.59 40.27
C GLU I 375 -10.26 36.49 38.90
N GLU I 376 -9.17 35.71 38.80
CA GLU I 376 -8.42 35.55 37.56
C GLU I 376 -9.28 35.00 36.42
N LEU I 377 -10.00 33.93 36.70
CA LEU I 377 -10.84 33.28 35.70
C LEU I 377 -11.85 34.25 35.12
N GLN I 378 -12.66 34.84 35.99
CA GLN I 378 -13.67 35.83 35.58
C GLN I 378 -13.06 36.83 34.62
N LYS I 379 -11.95 37.43 35.05
CA LYS I 379 -11.19 38.38 34.23
C LYS I 379 -10.84 37.74 32.88
N MSE I 380 -10.32 36.51 32.95
CA MSE I 380 -10.00 35.74 31.75
C MSE I 380 -11.25 35.51 30.90
O MSE I 380 -11.26 35.82 29.71
CB MSE I 380 -9.35 34.42 32.13
CG MSE I 380 -7.92 34.56 32.54
SE MSE I 380 -7.14 32.90 33.16
CE MSE I 380 -7.25 31.85 31.48
N TRP I 381 -12.30 34.99 31.53
CA TRP I 381 -13.60 34.83 30.88
C TRP I 381 -14.16 36.10 30.21
N ILE I 382 -13.91 37.27 30.80
CA ILE I 382 -14.34 38.53 30.16
C ILE I 382 -13.53 38.75 28.89
N LEU I 383 -12.20 38.66 29.02
CA LEU I 383 -11.28 38.76 27.88
C LEU I 383 -11.68 37.81 26.75
N ARG I 384 -12.06 36.60 27.13
CA ARG I 384 -12.49 35.59 26.17
C ARG I 384 -13.77 35.98 25.43
N LYS I 385 -14.76 36.50 26.18
CA LYS I 385 -16.02 36.93 25.58
C LYS I 385 -15.69 37.88 24.45
N ILE I 386 -14.66 38.69 24.65
CA ILE I 386 -14.34 39.72 23.69
C ILE I 386 -13.45 39.29 22.52
N ILE I 387 -12.71 38.19 22.66
CA ILE I 387 -11.85 37.72 21.55
C ILE I 387 -12.49 36.69 20.61
N HIS I 388 -13.52 36.03 21.09
CA HIS I 388 -14.25 35.07 20.26
C HIS I 388 -14.55 35.55 18.81
N PRO I 389 -15.25 36.69 18.63
CA PRO I 389 -15.64 37.14 17.28
C PRO I 389 -14.45 37.60 16.46
N MSE I 390 -13.38 37.95 17.18
CA MSE I 390 -12.17 38.46 16.58
C MSE I 390 -11.51 37.40 15.71
O MSE I 390 -11.66 36.20 15.95
CB MSE I 390 -11.23 38.86 17.70
CG MSE I 390 -10.39 40.03 17.40
SE MSE I 390 -10.26 41.06 18.99
CE MSE I 390 -9.06 40.03 19.95
N GLY I 391 -10.80 37.85 14.68
CA GLY I 391 -10.05 36.93 13.84
C GLY I 391 -8.70 36.57 14.45
N GLU I 392 -8.09 35.49 13.96
CA GLU I 392 -6.81 34.98 14.47
C GLU I 392 -5.83 36.12 14.68
N ILE I 393 -5.51 36.78 13.58
CA ILE I 393 -4.55 37.87 13.57
C ILE I 393 -5.03 39.09 14.34
N ASP I 394 -6.29 39.50 14.12
CA ASP I 394 -6.82 40.63 14.86
C ASP I 394 -6.69 40.35 16.34
N ALA I 395 -6.98 39.11 16.72
CA ALA I 395 -6.98 38.69 18.11
C ALA I 395 -5.62 38.83 18.82
N MSE I 396 -4.53 38.54 18.12
CA MSE I 396 -3.19 38.61 18.72
C MSE I 396 -2.81 40.05 18.89
O MSE I 396 -2.46 40.48 19.99
CB MSE I 396 -2.15 37.92 17.85
CG MSE I 396 -1.46 36.71 18.49
SE MSE I 396 -1.69 36.47 20.44
CE MSE I 396 -0.22 37.50 21.06
N GLU I 397 -2.87 40.78 17.78
CA GLU I 397 -2.63 42.21 17.79
C GLU I 397 -3.47 42.88 18.87
N PHE I 398 -4.77 42.56 18.94
CA PHE I 398 -5.60 43.18 19.95
C PHE I 398 -5.06 42.94 21.34
N LEU I 399 -4.47 41.78 21.56
CA LEU I 399 -4.01 41.40 22.88
C LEU I 399 -2.64 41.98 23.19
N ILE I 400 -1.80 42.13 22.18
CA ILE I 400 -0.49 42.71 22.41
C ILE I 400 -0.54 44.24 22.61
N ASN I 401 -1.16 44.96 21.68
CA ASN I 401 -1.33 46.41 21.84
C ASN I 401 -1.87 46.75 23.24
N LYS I 402 -2.78 45.91 23.72
CA LYS I 402 -3.38 46.13 25.03
C LYS I 402 -2.47 45.64 26.17
N LEU I 403 -1.73 44.56 25.94
CA LEU I 403 -0.75 44.13 26.94
C LEU I 403 0.37 45.15 26.99
N ALA I 404 0.60 45.81 25.85
CA ALA I 404 1.65 46.82 25.71
C ALA I 404 1.50 47.95 26.74
N MSE I 405 0.28 48.22 27.21
CA MSE I 405 0.12 49.23 28.25
C MSE I 405 1.12 48.89 29.37
O MSE I 405 2.17 49.53 29.45
CB MSE I 405 -1.35 49.34 28.75
CG MSE I 405 -2.45 49.05 27.70
SE MSE I 405 -2.71 50.29 26.14
CE MSE I 405 -0.85 50.55 25.53
N THR I 406 0.85 47.86 30.19
CA THR I 406 1.82 47.30 31.17
C THR I 406 1.34 46.03 31.86
N LYS I 407 2.29 45.19 32.31
CA LYS I 407 2.06 43.92 33.08
C LYS I 407 0.79 43.06 32.80
N THR I 408 0.19 42.47 33.83
CA THR I 408 -0.97 41.55 33.66
C THR I 408 -2.22 41.92 34.44
N ASN I 409 -2.03 42.26 35.72
CA ASN I 409 -3.12 42.77 36.53
C ASN I 409 -3.43 44.21 36.16
N ASP I 410 -2.38 45.01 36.02
CA ASP I 410 -2.47 46.40 35.55
C ASP I 410 -3.28 46.48 34.27
N ASP I 411 -3.02 45.52 33.38
CA ASP I 411 -3.70 45.44 32.11
C ASP I 411 -5.22 45.60 32.30
N PHE I 412 -5.82 44.65 33.01
CA PHE I 412 -7.26 44.62 33.15
C PHE I 412 -7.77 45.71 34.11
N PHE I 413 -7.25 45.70 35.34
CA PHE I 413 -7.73 46.59 36.39
C PHE I 413 -7.91 48.02 35.89
N GLU I 414 -6.96 48.48 35.07
CA GLU I 414 -7.00 49.83 34.51
C GLU I 414 -7.82 49.93 33.21
N MSE I 415 -7.86 48.83 32.44
CA MSE I 415 -8.67 48.79 31.21
C MSE I 415 -10.15 49.01 31.49
O MSE I 415 -10.86 49.66 30.71
CB MSE I 415 -8.47 47.47 30.44
CG MSE I 415 -9.05 47.48 29.01
SE MSE I 415 -8.55 45.94 27.86
CE MSE I 415 -9.46 44.51 28.81
N MSE I 416 -10.61 48.46 32.62
CA MSE I 416 -11.99 48.67 33.05
C MSE I 416 -12.31 50.15 33.29
O MSE I 416 -13.47 50.51 33.53
CB MSE I 416 -12.28 47.83 34.30
CG MSE I 416 -12.85 46.46 34.00
SE MSE I 416 -13.82 46.44 32.29
CE MSE I 416 -14.94 44.82 32.55
N LYS I 417 -11.29 50.99 33.19
CA LYS I 417 -11.43 52.45 33.35
C LYS I 417 -12.04 52.85 34.69
N MSE J 1 -4.05 -12.73 52.33
CA MSE J 1 -5.15 -12.82 53.35
C MSE J 1 -6.57 -13.06 52.76
O MSE J 1 -7.11 -14.18 52.86
CB MSE J 1 -5.15 -11.59 54.27
CG MSE J 1 -5.30 -10.24 53.58
SE MSE J 1 -6.70 -9.13 54.40
CE MSE J 1 -5.60 -8.13 55.78
N ASN J 2 -7.18 -12.00 52.19
CA ASN J 2 -8.39 -12.13 51.37
C ASN J 2 -8.19 -11.40 50.04
N LEU J 3 -7.96 -12.18 48.98
CA LEU J 3 -7.50 -11.64 47.69
C LEU J 3 -8.12 -10.30 47.33
N THR J 4 -9.44 -10.27 47.18
CA THR J 4 -10.13 -9.07 46.76
C THR J 4 -10.02 -7.91 47.75
N GLU J 5 -10.00 -8.21 49.04
CA GLU J 5 -9.79 -7.17 50.05
C GLU J 5 -8.35 -6.71 49.93
N LEU J 6 -7.48 -7.65 49.51
CA LEU J 6 -6.08 -7.39 49.23
C LEU J 6 -5.92 -6.50 48.02
N LYS J 7 -6.77 -6.68 47.02
CA LYS J 7 -6.67 -5.87 45.82
C LYS J 7 -7.18 -4.48 46.07
N ASN J 8 -8.13 -4.36 46.98
CA ASN J 8 -8.73 -3.06 47.20
C ASN J 8 -8.02 -2.25 48.27
N THR J 9 -6.82 -2.66 48.65
CA THR J 9 -6.05 -1.88 49.61
C THR J 9 -4.91 -1.09 48.96
N PRO J 10 -4.68 0.12 49.47
CA PRO J 10 -3.64 1.02 48.96
C PRO J 10 -2.20 0.47 49.07
N VAL J 11 -1.39 0.77 48.06
CA VAL J 11 -0.04 0.22 47.96
C VAL J 11 0.73 0.38 49.25
N SER J 12 0.79 1.61 49.76
CA SER J 12 1.57 1.89 50.95
C SER J 12 1.11 0.96 52.06
N GLU J 13 -0.20 0.88 52.26
CA GLU J 13 -0.75 -0.07 53.22
C GLU J 13 -0.29 -1.51 52.96
N LEU J 14 -0.34 -1.95 51.69
CA LEU J 14 0.11 -3.29 51.29
C LEU J 14 1.60 -3.45 51.52
N ILE J 15 2.30 -2.33 51.37
CA ILE J 15 3.70 -2.33 51.65
C ILE J 15 3.92 -2.60 53.17
N THR J 16 3.42 -1.71 54.04
CA THR J 16 3.58 -1.97 55.47
C THR J 16 3.07 -3.38 55.83
N LEU J 17 1.98 -3.81 55.17
CA LEU J 17 1.42 -5.15 55.36
C LEU J 17 2.42 -6.26 55.07
N GLY J 18 3.01 -6.24 53.87
CA GLY J 18 3.99 -7.26 53.50
C GLY J 18 5.29 -7.22 54.29
N GLU J 19 5.72 -6.02 54.71
CA GLU J 19 6.97 -5.86 55.45
C GLU J 19 6.90 -6.55 56.81
N ASN J 20 5.73 -6.46 57.43
CA ASN J 20 5.44 -7.17 58.66
C ASN J 20 5.63 -8.68 58.50
N MSE J 21 5.16 -9.25 57.39
CA MSE J 21 5.38 -10.67 57.12
C MSE J 21 6.83 -10.97 56.77
O MSE J 21 7.13 -12.00 56.15
CB MSE J 21 4.46 -11.14 56.01
CG MSE J 21 3.01 -10.73 56.21
SE MSE J 21 2.05 -10.99 54.57
CE MSE J 21 1.93 -12.94 54.56
N GLY J 22 7.72 -10.04 57.14
CA GLY J 22 9.14 -10.22 56.91
C GLY J 22 9.47 -10.28 55.44
N LEU J 23 8.69 -9.51 54.67
CA LEU J 23 8.93 -9.41 53.24
C LEU J 23 9.90 -8.30 52.98
N GLU J 24 11.05 -8.66 52.40
CA GLU J 24 12.08 -7.66 52.11
C GLU J 24 11.58 -6.68 51.07
N ASN J 25 11.64 -5.41 51.46
CA ASN J 25 11.06 -4.26 50.73
C ASN J 25 10.70 -4.39 49.22
N LEU J 26 9.46 -3.97 48.92
CA LEU J 26 8.79 -4.17 47.62
C LEU J 26 8.26 -2.90 46.97
N ALA J 27 8.28 -1.79 47.70
CA ALA J 27 7.81 -0.51 47.14
C ALA J 27 8.16 -0.30 45.67
N ARG J 28 9.28 -0.90 45.25
CA ARG J 28 9.76 -0.72 43.91
C ARG J 28 9.12 -1.68 42.85
N MSE J 29 8.19 -2.53 43.28
CA MSE J 29 7.49 -3.45 42.36
C MSE J 29 6.00 -3.07 42.13
O MSE J 29 5.48 -2.16 42.77
CB MSE J 29 7.73 -4.96 42.74
CG MSE J 29 6.85 -5.57 43.84
SE MSE J 29 7.38 -7.45 44.45
CE MSE J 29 9.41 -7.29 44.44
N ARG J 30 5.32 -3.74 41.19
CA ARG J 30 3.97 -3.32 40.79
C ARG J 30 2.86 -3.83 41.70
N LYS J 31 1.91 -2.95 42.05
CA LYS J 31 0.79 -3.32 42.90
C LYS J 31 0.46 -4.81 42.85
N GLN J 32 0.44 -5.38 41.64
CA GLN J 32 0.09 -6.81 41.47
C GLN J 32 1.21 -7.75 41.85
N ASP J 33 2.45 -7.30 41.71
CA ASP J 33 3.54 -8.15 42.10
C ASP J 33 3.61 -8.20 43.62
N ILE J 34 3.42 -7.03 44.23
CA ILE J 34 3.38 -6.94 45.68
C ILE J 34 2.31 -7.85 46.23
N ILE J 35 1.12 -7.78 45.65
CA ILE J 35 0.01 -8.64 46.07
C ILE J 35 0.36 -10.14 46.00
N PHE J 36 1.13 -10.53 44.99
CA PHE J 36 1.43 -11.93 44.77
C PHE J 36 2.43 -12.40 45.82
N ALA J 37 3.41 -11.56 46.09
CA ALA J 37 4.40 -11.83 47.14
C ALA J 37 3.66 -12.06 48.43
N ILE J 38 2.80 -11.11 48.77
CA ILE J 38 2.03 -11.18 50.00
C ILE J 38 1.22 -12.46 50.03
N LEU J 39 0.69 -12.88 48.88
CA LEU J 39 -0.10 -14.10 48.79
C LEU J 39 0.78 -15.35 48.90
N LYS J 40 1.92 -15.31 48.22
CA LYS J 40 2.91 -16.40 48.26
C LYS J 40 3.36 -16.69 49.70
N GLN J 41 3.81 -15.65 50.41
CA GLN J 41 4.29 -15.80 51.79
C GLN J 41 3.19 -16.18 52.75
N HIS J 42 1.94 -15.92 52.37
CA HIS J 42 0.80 -16.35 53.16
C HIS J 42 0.43 -17.81 52.82
N ALA J 43 1.42 -18.55 52.34
CA ALA J 43 1.24 -19.95 51.99
C ALA J 43 0.84 -20.82 53.18
N LYS J 44 1.10 -20.34 54.40
CA LYS J 44 0.61 -21.01 55.63
C LYS J 44 -0.17 -19.97 56.45
N SER J 45 -1.45 -20.22 56.78
CA SER J 45 -2.15 -21.52 56.74
C SER J 45 -2.84 -21.90 55.42
N GLY J 46 -3.74 -22.90 55.49
CA GLY J 46 -4.34 -23.50 54.31
C GLY J 46 -5.79 -23.20 53.93
N GLU J 47 -6.66 -22.94 54.92
CA GLU J 47 -8.09 -22.66 54.63
C GLU J 47 -8.41 -21.16 54.65
N ASP J 48 -7.38 -20.32 54.82
CA ASP J 48 -7.59 -18.86 54.87
C ASP J 48 -7.11 -18.17 53.60
N ILE J 49 -7.31 -18.80 52.43
CA ILE J 49 -7.07 -18.09 51.16
C ILE J 49 -8.24 -18.14 50.18
N PHE J 50 -8.99 -17.03 50.17
CA PHE J 50 -10.20 -16.88 49.35
C PHE J 50 -9.95 -15.99 48.13
N GLY J 51 -10.43 -16.43 46.98
CA GLY J 51 -10.34 -15.62 45.77
C GLY J 51 -11.68 -15.38 45.10
N ASP J 52 -11.75 -14.30 44.33
CA ASP J 52 -12.89 -14.04 43.45
C ASP J 52 -12.35 -13.34 42.24
N GLY J 53 -13.09 -13.40 41.15
CA GLY J 53 -12.76 -12.69 39.94
C GLY J 53 -13.77 -12.89 38.82
N VAL J 54 -13.64 -12.11 37.76
CA VAL J 54 -14.42 -12.35 36.57
C VAL J 54 -13.64 -13.32 35.73
N LEU J 55 -14.32 -14.30 35.12
CA LEU J 55 -13.62 -15.30 34.34
C LEU J 55 -13.41 -14.96 32.88
N GLU J 56 -12.17 -15.05 32.43
CA GLU J 56 -11.85 -14.97 31.02
C GLU J 56 -11.38 -16.35 30.57
N ILE J 57 -12.14 -16.99 29.68
CA ILE J 57 -11.75 -18.31 29.11
C ILE J 57 -11.01 -18.20 27.79
N LEU J 58 -9.70 -18.42 27.82
CA LEU J 58 -8.93 -18.40 26.59
C LEU J 58 -9.23 -19.63 25.70
N GLN J 59 -8.96 -19.52 24.40
CA GLN J 59 -9.33 -20.56 23.43
C GLN J 59 -8.73 -21.92 23.71
N ASP J 60 -7.55 -21.92 24.32
CA ASP J 60 -6.88 -23.15 24.69
C ASP J 60 -7.68 -23.97 25.73
N GLY J 61 -8.80 -23.41 26.20
CA GLY J 61 -9.71 -24.17 27.03
C GLY J 61 -9.68 -23.78 28.50
N PHE J 62 -8.61 -23.13 28.91
CA PHE J 62 -8.46 -22.71 30.31
C PHE J 62 -8.85 -21.24 30.48
N GLY J 63 -8.99 -20.81 31.73
CA GLY J 63 -9.33 -19.43 32.01
C GLY J 63 -8.68 -18.86 33.23
N PHE J 64 -8.84 -17.55 33.38
CA PHE J 64 -8.36 -16.85 34.54
C PHE J 64 -9.49 -16.02 35.11
N LEU J 65 -9.61 -16.02 36.42
CA LEU J 65 -10.48 -15.05 37.04
C LEU J 65 -9.66 -13.76 37.12
N ARG J 66 -10.14 -12.72 36.45
CA ARG J 66 -9.40 -11.47 36.38
C ARG J 66 -10.09 -10.42 37.21
N SER J 67 -9.37 -9.37 37.62
CA SER J 67 -9.86 -8.46 38.67
C SER J 67 -10.40 -7.15 38.17
N ALA J 68 -11.55 -6.74 38.69
CA ALA J 68 -12.17 -5.49 38.25
C ALA J 68 -11.40 -4.28 38.70
N ASP J 69 -10.61 -4.40 39.75
CA ASP J 69 -9.91 -3.22 40.25
C ASP J 69 -8.72 -2.89 39.37
N SER J 70 -8.43 -3.78 38.42
CA SER J 70 -7.37 -3.58 37.45
C SER J 70 -8.01 -3.30 36.11
N SER J 71 -9.33 -3.27 36.12
CA SER J 71 -10.02 -3.17 34.87
C SER J 71 -9.62 -4.41 34.09
N TYR J 72 -9.53 -5.54 34.81
CA TYR J 72 -9.35 -6.85 34.20
C TYR J 72 -8.11 -6.98 33.35
N LEU J 73 -7.05 -6.30 33.73
CA LEU J 73 -5.78 -6.44 33.05
C LEU J 73 -5.01 -7.70 33.48
N ALA J 74 -4.74 -8.61 32.56
CA ALA J 74 -3.97 -9.81 32.89
C ALA J 74 -2.85 -9.39 33.78
N GLY J 75 -2.72 -10.05 34.92
CA GLY J 75 -1.60 -9.84 35.82
C GLY J 75 -1.30 -11.06 36.70
N PRO J 76 -0.22 -10.96 37.49
CA PRO J 76 0.27 -12.07 38.29
C PRO J 76 -0.81 -12.65 39.22
N ASP J 77 -1.44 -11.82 40.03
CA ASP J 77 -2.36 -12.35 41.02
C ASP J 77 -3.73 -12.72 40.44
N ASP J 78 -3.79 -12.90 39.12
CA ASP J 78 -4.92 -13.56 38.47
C ASP J 78 -5.00 -14.97 38.99
N ILE J 79 -6.19 -15.51 39.10
CA ILE J 79 -6.34 -16.91 39.51
C ILE J 79 -6.51 -17.82 38.31
N TYR J 80 -5.75 -18.91 38.29
CA TYR J 80 -5.90 -19.89 37.23
C TYR J 80 -7.19 -20.68 37.38
N VAL J 81 -7.86 -20.94 36.27
CA VAL J 81 -9.06 -21.77 36.27
C VAL J 81 -8.92 -22.83 35.20
N SER J 82 -9.10 -24.08 35.63
CA SER J 82 -8.83 -25.27 34.81
C SER J 82 -9.99 -25.62 33.88
N PRO J 83 -9.66 -26.18 32.71
CA PRO J 83 -10.71 -26.69 31.83
C PRO J 83 -11.69 -27.54 32.62
N SER J 84 -11.16 -28.46 33.42
CA SER J 84 -12.02 -29.39 34.14
C SER J 84 -12.97 -28.65 35.06
N GLN J 85 -12.50 -27.57 35.67
CA GLN J 85 -13.37 -26.75 36.52
C GLN J 85 -14.39 -26.04 35.62
N ILE J 86 -13.89 -25.50 34.51
CA ILE J 86 -14.75 -24.83 33.54
C ILE J 86 -15.89 -25.75 33.12
N ARG J 87 -15.58 -27.03 32.91
CA ARG J 87 -16.56 -27.97 32.39
C ARG J 87 -17.46 -28.63 33.43
N ARG J 88 -16.93 -28.88 34.63
CA ARG J 88 -17.74 -29.43 35.70
C ARG J 88 -18.82 -28.46 36.16
N PHE J 89 -18.62 -27.16 35.90
CA PHE J 89 -19.60 -26.18 36.35
C PHE J 89 -20.26 -25.43 35.22
N ASN J 90 -19.89 -25.79 34.00
CA ASN J 90 -20.46 -25.13 32.84
C ASN J 90 -20.25 -23.62 32.90
N LEU J 91 -19.09 -23.21 33.40
CA LEU J 91 -18.76 -21.81 33.49
C LEU J 91 -18.65 -21.17 32.12
N ARG J 92 -18.98 -19.88 32.02
CA ARG J 92 -18.75 -19.10 30.78
C ARG J 92 -18.04 -17.79 31.11
N THR J 93 -17.28 -17.24 30.15
CA THR J 93 -16.60 -15.99 30.45
C THR J 93 -17.64 -14.89 30.73
N GLY J 94 -17.28 -13.99 31.65
CA GLY J 94 -18.22 -13.00 32.18
C GLY J 94 -18.54 -13.41 33.61
N ASP J 95 -18.83 -14.70 33.78
CA ASP J 95 -19.06 -15.35 35.07
C ASP J 95 -18.19 -14.86 36.22
N THR J 96 -18.84 -14.36 37.24
CA THR J 96 -18.18 -13.83 38.40
C THR J 96 -18.05 -15.02 39.34
N ILE J 97 -16.81 -15.38 39.71
CA ILE J 97 -16.57 -16.63 40.47
C ILE J 97 -15.87 -16.39 41.80
N SER J 98 -16.37 -17.03 42.86
CA SER J 98 -15.79 -16.92 44.21
C SER J 98 -15.37 -18.28 44.76
N GLY J 99 -14.29 -18.29 45.55
CA GLY J 99 -13.83 -19.50 46.21
C GLY J 99 -12.44 -19.44 46.84
N LYS J 100 -11.97 -20.59 47.35
CA LYS J 100 -10.63 -20.72 47.96
C LYS J 100 -9.56 -20.88 46.88
N ILE J 101 -8.40 -20.25 47.07
CA ILE J 101 -7.33 -20.41 46.09
C ILE J 101 -6.08 -21.00 46.70
N ARG J 102 -5.38 -21.82 45.91
CA ARG J 102 -4.15 -22.45 46.37
C ARG J 102 -2.96 -21.99 45.53
N PRO J 103 -1.81 -21.81 46.18
CA PRO J 103 -0.59 -21.34 45.50
C PRO J 103 -0.24 -22.23 44.33
N PRO J 104 0.74 -21.82 43.54
CA PRO J 104 1.24 -22.65 42.45
C PRO J 104 2.05 -23.84 42.98
N LYS J 105 1.71 -25.05 42.56
CA LYS J 105 2.62 -26.17 42.72
C LYS J 105 3.86 -25.79 41.93
N GLU J 106 5.02 -26.32 42.33
CA GLU J 106 6.25 -25.95 41.65
C GLU J 106 6.18 -26.40 40.19
N GLY J 107 6.51 -25.48 39.27
CA GLY J 107 6.31 -25.70 37.85
C GLY J 107 5.18 -24.83 37.31
N GLU J 108 4.29 -24.41 38.22
CA GLU J 108 3.14 -23.56 37.89
C GLU J 108 3.47 -22.09 38.10
N ARG J 109 2.70 -21.20 37.45
CA ARG J 109 2.90 -19.75 37.57
C ARG J 109 1.84 -19.04 38.40
N TYR J 110 0.64 -19.59 38.48
CA TYR J 110 -0.43 -18.86 39.15
C TYR J 110 -1.02 -19.63 40.33
N PHE J 111 -1.57 -18.87 41.29
CA PHE J 111 -2.46 -19.43 42.28
C PHE J 111 -3.61 -20.03 41.52
N ALA J 112 -4.18 -21.11 42.05
CA ALA J 112 -5.20 -21.84 41.32
C ALA J 112 -6.50 -21.84 42.08
N LEU J 113 -7.59 -21.92 41.31
CA LEU J 113 -8.92 -22.02 41.90
C LEU J 113 -9.03 -23.40 42.55
N LEU J 114 -9.05 -23.43 43.88
CA LEU J 114 -9.14 -24.70 44.56
C LEU J 114 -10.58 -25.19 44.62
N LYS J 115 -11.45 -24.42 45.27
CA LYS J 115 -12.85 -24.80 45.34
C LYS J 115 -13.82 -23.67 45.03
N VAL J 116 -14.58 -23.85 43.95
CA VAL J 116 -15.65 -22.94 43.53
C VAL J 116 -16.72 -22.85 44.62
N ASN J 117 -16.83 -21.71 45.30
CA ASN J 117 -17.91 -21.60 46.29
C ASN J 117 -19.20 -21.08 45.69
N GLU J 118 -19.14 -19.88 45.10
CA GLU J 118 -20.32 -19.16 44.59
C GLU J 118 -20.08 -18.86 43.12
N VAL J 119 -21.11 -18.95 42.29
CA VAL J 119 -20.99 -18.50 40.89
C VAL J 119 -22.01 -17.42 40.55
N ASN J 120 -21.56 -16.34 39.95
CA ASN J 120 -22.45 -15.22 39.57
C ASN J 120 -23.35 -14.81 40.71
N PHE J 121 -22.85 -14.99 41.93
CA PHE J 121 -23.61 -14.74 43.16
C PHE J 121 -24.69 -15.77 43.49
N ASP J 122 -24.44 -17.02 43.11
CA ASP J 122 -25.42 -18.08 43.29
C ASP J 122 -24.73 -19.42 43.46
N LYS J 123 -25.49 -20.40 43.94
CA LYS J 123 -25.02 -21.77 44.10
C LYS J 123 -24.45 -22.32 42.80
N PRO J 124 -23.16 -22.67 42.81
CA PRO J 124 -22.43 -23.06 41.59
C PRO J 124 -23.21 -23.89 40.60
N GLU J 125 -24.19 -24.64 41.09
CA GLU J 125 -24.93 -25.53 40.22
C GLU J 125 -26.32 -24.95 40.03
N ASN J 126 -26.40 -23.62 40.03
CA ASN J 126 -27.61 -22.90 39.69
C ASN J 126 -27.28 -21.85 38.63
N ASN J 129 -28.74 -21.14 33.89
CA ASN J 129 -29.49 -19.94 33.51
C ASN J 129 -29.40 -19.71 32.00
N LYS J 130 -30.56 -19.51 31.35
CA LYS J 130 -30.62 -19.31 29.90
C LYS J 130 -29.82 -18.11 29.52
N ILE J 131 -29.08 -18.26 28.43
CA ILE J 131 -28.20 -17.26 27.84
C ILE J 131 -28.93 -15.94 27.51
N LEU J 132 -28.22 -14.80 27.58
CA LEU J 132 -28.89 -13.51 27.23
C LEU J 132 -29.47 -13.59 25.82
N PHE J 133 -28.78 -14.31 24.93
CA PHE J 133 -28.99 -14.22 23.48
C PHE J 133 -30.28 -14.83 23.08
N GLU J 134 -30.95 -15.45 24.03
CA GLU J 134 -32.25 -15.97 23.72
C GLU J 134 -33.19 -15.61 24.83
N ASN J 135 -33.29 -14.34 25.09
CA ASN J 135 -34.26 -13.85 26.03
C ASN J 135 -35.08 -12.82 25.25
N LEU J 136 -36.37 -12.75 25.52
CA LEU J 136 -37.15 -11.83 24.74
C LEU J 136 -36.82 -10.40 25.09
N THR J 137 -36.69 -9.65 24.03
CA THR J 137 -36.25 -8.29 24.03
C THR J 137 -37.31 -7.21 23.84
N PRO J 138 -38.17 -6.93 24.84
CA PRO J 138 -39.06 -5.73 24.79
C PRO J 138 -38.34 -4.36 24.77
N LEU J 139 -39.11 -3.32 24.39
CA LEU J 139 -38.66 -1.93 24.25
C LEU J 139 -38.02 -1.33 25.50
N HIS J 140 -38.54 -1.77 26.64
CA HIS J 140 -38.00 -1.34 27.92
C HIS J 140 -38.57 -0.01 28.22
N ALA J 141 -39.54 0.37 27.43
CA ALA J 141 -40.19 1.64 27.65
C ALA J 141 -40.78 1.62 29.07
N ASN J 142 -41.05 0.43 29.58
CA ASN J 142 -41.67 0.18 30.89
C ASN J 142 -40.67 0.28 32.03
N SER J 143 -41.08 0.94 33.11
CA SER J 143 -40.20 1.10 34.28
C SER J 143 -39.13 2.12 33.96
N ARG J 144 -39.25 3.27 34.60
CA ARG J 144 -38.42 4.40 34.31
C ARG J 144 -37.32 4.56 35.35
N LEU J 145 -36.23 5.17 34.93
CA LEU J 145 -35.17 5.54 35.85
C LEU J 145 -35.19 7.06 35.89
N ARG J 146 -35.73 7.62 36.97
CA ARG J 146 -35.82 9.08 37.10
C ARG J 146 -34.46 9.63 37.56
N MSE J 147 -34.19 10.91 37.29
CA MSE J 147 -32.89 11.45 37.68
C MSE J 147 -32.94 12.62 38.67
O MSE J 147 -33.98 12.89 39.34
CB MSE J 147 -32.09 11.84 36.43
CG MSE J 147 -32.02 10.74 35.32
SE MSE J 147 -30.39 9.64 35.34
CE MSE J 147 -31.04 7.98 35.96
N GLY J 152 -32.76 18.55 45.93
CA GLY J 152 -33.26 19.92 45.95
C GLY J 152 -32.32 20.92 45.30
N SER J 153 -31.03 20.72 45.56
CA SER J 153 -29.95 21.62 45.13
C SER J 153 -29.62 21.61 43.62
N THR J 154 -29.02 22.73 43.18
CA THR J 154 -28.69 23.05 41.77
C THR J 154 -28.18 21.97 40.83
N GLU J 155 -27.52 20.94 41.37
CA GLU J 155 -27.06 19.84 40.51
C GLU J 155 -28.20 19.05 39.82
N ASP J 156 -29.38 18.95 40.46
CA ASP J 156 -30.52 18.29 39.82
C ASP J 156 -31.00 19.02 38.59
N LEU J 157 -30.49 20.21 38.34
CA LEU J 157 -30.96 20.92 37.17
C LEU J 157 -30.63 20.09 35.96
N THR J 158 -29.40 19.57 35.93
CA THR J 158 -29.00 18.62 34.91
C THR J 158 -29.96 17.45 34.88
N ALA J 159 -30.08 16.76 36.01
CA ALA J 159 -30.93 15.58 36.08
C ALA J 159 -32.39 15.87 35.69
N ARG J 160 -32.90 17.02 36.09
CA ARG J 160 -34.28 17.35 35.82
C ARG J 160 -34.51 17.71 34.34
N VAL J 161 -33.52 18.35 33.73
CA VAL J 161 -33.58 18.65 32.30
C VAL J 161 -33.53 17.33 31.51
N LEU J 162 -32.57 16.50 31.87
CA LEU J 162 -32.45 15.17 31.31
C LEU J 162 -33.79 14.47 31.36
N ASP J 163 -34.45 14.63 32.51
CA ASP J 163 -35.67 13.95 32.85
C ASP J 163 -36.87 14.43 32.02
N LEU J 164 -36.79 15.66 31.49
CA LEU J 164 -37.85 16.15 30.61
C LEU J 164 -37.46 16.01 29.12
N ALA J 165 -36.18 16.18 28.85
CA ALA J 165 -35.72 16.11 27.48
C ALA J 165 -35.72 14.67 26.98
N SER J 166 -35.11 13.77 27.74
CA SER J 166 -34.92 12.40 27.27
C SER J 166 -34.92 11.31 28.35
N PRO J 167 -36.12 10.90 28.79
CA PRO J 167 -36.27 9.87 29.80
C PRO J 167 -35.48 8.63 29.50
N ILE J 168 -34.89 8.01 30.52
CA ILE J 168 -34.13 6.78 30.39
C ILE J 168 -34.86 5.62 31.11
N GLY J 169 -34.97 4.47 30.47
CA GLY J 169 -35.66 3.36 31.13
C GLY J 169 -34.74 2.18 31.33
N ARG J 170 -35.06 1.38 32.36
CA ARG J 170 -34.34 0.14 32.60
C ARG J 170 -34.34 -0.58 31.25
N GLY J 171 -33.28 -0.43 30.47
CA GLY J 171 -33.18 -1.14 29.19
C GLY J 171 -32.89 -0.23 27.98
N GLN J 172 -32.75 1.09 28.19
CA GLN J 172 -32.55 2.04 27.13
C GLN J 172 -31.23 1.76 26.44
N ARG J 173 -31.20 2.20 25.19
CA ARG J 173 -30.04 2.11 24.34
C ARG J 173 -29.90 3.51 23.80
N GLY J 174 -29.35 4.31 24.71
CA GLY J 174 -29.10 5.72 24.55
C GLY J 174 -27.73 6.14 24.04
N LEU J 175 -27.78 7.15 23.21
CA LEU J 175 -26.61 7.71 22.63
C LEU J 175 -26.46 9.14 23.08
N ILE J 176 -25.32 9.47 23.66
CA ILE J 176 -25.09 10.86 24.00
C ILE J 176 -24.14 11.44 22.95
N VAL J 177 -24.65 12.42 22.21
CA VAL J 177 -23.92 12.99 21.05
C VAL J 177 -23.24 14.24 21.52
N ALA J 178 -21.92 14.25 21.54
CA ALA J 178 -21.25 15.32 22.25
C ALA J 178 -20.05 15.86 21.51
N PRO J 179 -20.11 17.15 21.20
CA PRO J 179 -18.97 17.86 20.65
C PRO J 179 -18.03 18.03 21.80
N PRO J 180 -16.82 18.49 21.56
CA PRO J 180 -15.85 18.67 22.64
C PRO J 180 -16.23 19.86 23.55
N LYS J 181 -15.63 19.88 24.73
CA LYS J 181 -16.00 20.83 25.78
C LYS J 181 -17.49 21.19 25.88
N ALA J 182 -18.41 20.22 25.86
CA ALA J 182 -19.83 20.56 26.12
C ALA J 182 -20.29 19.96 27.44
N GLY J 183 -19.35 19.82 28.35
CA GLY J 183 -19.59 19.18 29.62
C GLY J 183 -20.24 17.82 29.49
N LYS J 184 -19.76 17.00 28.56
CA LYS J 184 -20.23 15.64 28.43
C LYS J 184 -19.81 14.75 29.60
N THR J 185 -18.69 15.06 30.22
CA THR J 185 -18.26 14.30 31.41
C THR J 185 -19.11 14.61 32.63
N MSE J 186 -19.44 15.88 32.85
CA MSE J 186 -20.21 16.24 34.01
C MSE J 186 -21.53 15.53 33.84
O MSE J 186 -22.05 14.91 34.77
CB MSE J 186 -20.41 17.74 34.10
CG MSE J 186 -19.18 18.51 33.85
SE MSE J 186 -18.81 19.88 35.16
CE MSE J 186 -20.59 20.93 35.01
N LEU J 187 -22.04 15.57 32.63
CA LEU J 187 -23.27 14.91 32.39
C LEU J 187 -23.12 13.46 32.87
N LEU J 188 -22.11 12.73 32.42
CA LEU J 188 -21.96 11.33 32.82
C LEU J 188 -21.94 11.15 34.32
N GLN J 189 -21.18 12.00 34.98
CA GLN J 189 -20.98 11.92 36.40
C GLN J 189 -22.28 12.22 37.11
N ASN J 190 -23.02 13.18 36.55
CA ASN J 190 -24.33 13.56 37.03
C ASN J 190 -25.17 12.34 36.96
N ILE J 191 -25.21 11.76 35.75
CA ILE J 191 -26.06 10.60 35.50
C ILE J 191 -25.74 9.46 36.48
N ALA J 192 -24.45 9.19 36.70
CA ALA J 192 -24.10 8.12 37.60
C ALA J 192 -24.57 8.40 39.03
N GLN J 193 -24.37 9.65 39.47
CA GLN J 193 -24.73 10.04 40.84
C GLN J 193 -26.23 9.83 41.00
N SER J 194 -26.99 10.24 39.98
CA SER J 194 -28.44 10.05 39.93
C SER J 194 -28.85 8.56 39.97
N ILE J 195 -28.04 7.70 39.39
CA ILE J 195 -28.32 6.28 39.42
C ILE J 195 -28.03 5.66 40.81
N ALA J 196 -26.95 6.08 41.45
CA ALA J 196 -26.64 5.59 42.80
C ALA J 196 -27.68 6.02 43.87
N TYR J 197 -27.94 7.32 44.00
CA TYR J 197 -28.89 7.82 44.98
C TYR J 197 -30.29 7.24 44.71
N ASN J 198 -30.77 7.37 43.47
CA ASN J 198 -32.12 6.91 43.12
C ASN J 198 -32.26 5.41 42.78
N HIS J 199 -31.22 4.77 42.26
CA HIS J 199 -31.40 3.38 41.78
C HIS J 199 -30.36 2.39 42.28
N PRO J 200 -30.22 2.28 43.62
CA PRO J 200 -29.11 1.56 44.27
C PRO J 200 -29.14 0.07 43.97
N ASP J 201 -30.33 -0.37 43.59
CA ASP J 201 -30.69 -1.76 43.33
C ASP J 201 -30.11 -2.21 42.02
N CYS J 202 -29.94 -1.27 41.10
CA CYS J 202 -29.39 -1.57 39.78
C CYS J 202 -27.89 -1.62 39.85
N VAL J 203 -27.31 -2.58 39.14
CA VAL J 203 -25.86 -2.71 39.06
C VAL J 203 -25.28 -1.63 38.14
N LEU J 204 -24.43 -0.76 38.70
CA LEU J 204 -23.81 0.32 37.92
C LEU J 204 -22.43 0.03 37.33
N MSE J 205 -22.36 -0.03 36.02
CA MSE J 205 -21.08 -0.23 35.37
C MSE J 205 -20.67 0.99 34.54
O MSE J 205 -21.36 1.36 33.59
CB MSE J 205 -21.11 -1.51 34.51
CG MSE J 205 -21.47 -2.74 35.30
SE MSE J 205 -20.91 -4.36 34.43
CE MSE J 205 -18.96 -4.00 34.40
N VAL J 206 -19.55 1.62 34.92
CA VAL J 206 -19.04 2.76 34.12
C VAL J 206 -17.80 2.40 33.30
N LEU J 207 -17.98 2.29 32.00
CA LEU J 207 -16.87 1.92 31.13
C LEU J 207 -16.20 3.13 30.40
N LEU J 208 -14.95 3.39 30.76
CA LEU J 208 -14.17 4.49 30.15
C LEU J 208 -13.22 3.96 29.10
N ILE J 209 -13.47 4.28 27.85
CA ILE J 209 -12.63 3.67 26.86
C ILE J 209 -11.24 4.28 26.71
N ASP J 210 -11.12 5.38 26.01
CA ASP J 210 -9.78 5.73 25.61
C ASP J 210 -9.20 6.87 26.43
N GLU J 211 -9.27 6.80 27.76
CA GLU J 211 -9.23 8.03 28.57
C GLU J 211 -7.86 8.49 29.12
N ARG J 212 -7.85 9.67 29.71
CA ARG J 212 -6.68 10.24 30.32
C ARG J 212 -6.62 9.67 31.73
N PRO J 213 -5.43 9.36 32.24
CA PRO J 213 -5.33 8.68 33.53
C PRO J 213 -6.02 9.44 34.64
N GLU J 214 -5.88 10.76 34.63
CA GLU J 214 -6.33 11.55 35.74
C GLU J 214 -7.84 11.60 35.71
N GLU J 215 -8.36 11.56 34.51
CA GLU J 215 -9.78 11.58 34.32
C GLU J 215 -10.33 10.27 34.91
N VAL J 216 -9.59 9.16 34.73
CA VAL J 216 -10.02 7.86 35.26
C VAL J 216 -10.18 7.97 36.76
N THR J 217 -9.10 8.40 37.43
CA THR J 217 -9.13 8.47 38.89
C THR J 217 -10.16 9.45 39.41
N GLU J 218 -10.54 10.45 38.64
CA GLU J 218 -11.64 11.26 39.10
C GLU J 218 -12.88 10.35 39.19
N MSE J 219 -13.33 9.83 38.05
CA MSE J 219 -14.53 9.04 37.94
C MSE J 219 -14.58 7.95 39.01
O MSE J 219 -15.59 7.80 39.69
CB MSE J 219 -14.58 8.39 36.55
CG MSE J 219 -15.87 7.72 36.18
SE MSE J 219 -17.31 9.03 35.86
CE MSE J 219 -16.64 10.05 34.35
N GLN J 220 -13.46 7.21 39.15
CA GLN J 220 -13.33 6.08 40.08
C GLN J 220 -13.67 6.56 41.47
N ARG J 221 -13.38 7.82 41.71
CA ARG J 221 -13.68 8.43 42.97
C ARG J 221 -15.09 9.05 43.08
N LEU J 222 -15.85 9.17 41.99
CA LEU J 222 -17.24 9.61 42.16
C LEU J 222 -18.23 8.46 42.07
N VAL J 223 -17.98 7.52 41.18
CA VAL J 223 -19.00 6.53 40.91
C VAL J 223 -19.22 5.64 42.12
N LYS J 224 -20.46 5.24 42.34
CA LYS J 224 -20.72 4.18 43.30
C LYS J 224 -21.08 2.93 42.48
N GLY J 225 -20.06 2.12 42.16
CA GLY J 225 -20.23 0.95 41.32
C GLY J 225 -18.91 0.49 40.70
N GLU J 226 -18.97 -0.15 39.55
CA GLU J 226 -17.75 -0.64 38.93
C GLU J 226 -17.30 0.39 37.93
N VAL J 227 -16.08 0.90 38.09
CA VAL J 227 -15.53 1.77 37.08
C VAL J 227 -14.31 1.13 36.44
N VAL J 228 -14.51 0.69 35.20
CA VAL J 228 -13.51 -0.05 34.43
C VAL J 228 -12.94 0.83 33.35
N ALA J 229 -11.62 0.97 33.29
CA ALA J 229 -11.09 1.88 32.31
C ALA J 229 -9.81 1.44 31.64
N SER J 230 -9.71 1.65 30.34
CA SER J 230 -8.40 1.53 29.72
C SER J 230 -7.95 2.94 29.44
N THR J 231 -6.65 3.17 29.31
CA THR J 231 -6.23 4.53 29.02
C THR J 231 -5.64 4.60 27.65
N PHE J 232 -5.33 5.80 27.21
CA PHE J 232 -4.75 5.96 25.89
C PHE J 232 -3.32 5.43 25.76
N ASP J 233 -2.64 5.14 26.87
CA ASP J 233 -1.30 4.54 26.77
C ASP J 233 -1.35 3.06 26.51
N GLU J 234 -2.53 2.47 26.57
CA GLU J 234 -2.63 1.05 26.32
C GLU J 234 -3.05 0.81 24.88
N PRO J 235 -2.92 -0.40 24.39
CA PRO J 235 -3.28 -0.71 22.99
C PRO J 235 -4.77 -1.02 22.69
N ALA J 236 -5.13 -0.91 21.41
CA ALA J 236 -6.45 -1.28 20.90
C ALA J 236 -6.91 -2.58 21.49
N SER J 237 -6.04 -3.60 21.45
CA SER J 237 -6.36 -4.92 22.04
C SER J 237 -6.91 -4.77 23.43
N ARG J 238 -6.24 -3.93 24.21
CA ARG J 238 -6.63 -3.72 25.59
C ARG J 238 -7.97 -2.95 25.68
N HIS J 239 -8.17 -1.93 24.85
CA HIS J 239 -9.46 -1.25 24.80
C HIS J 239 -10.55 -2.28 24.54
N VAL J 240 -10.38 -3.01 23.45
CA VAL J 240 -11.30 -4.07 23.13
C VAL J 240 -11.49 -5.02 24.34
N GLN J 241 -10.42 -5.32 25.06
CA GLN J 241 -10.53 -6.36 26.08
C GLN J 241 -11.43 -5.90 27.20
N VAL J 242 -10.99 -4.88 27.92
CA VAL J 242 -11.83 -4.20 28.88
C VAL J 242 -13.28 -4.14 28.45
N ALA J 243 -13.55 -3.71 27.23
CA ALA J 243 -14.94 -3.62 26.74
C ALA J 243 -15.63 -4.96 26.70
N GLU J 244 -14.96 -5.96 26.13
CA GLU J 244 -15.63 -7.22 25.91
C GLU J 244 -15.85 -7.97 27.21
N MSE J 245 -14.98 -7.70 28.19
CA MSE J 245 -15.05 -8.33 29.50
C MSE J 245 -16.21 -7.71 30.29
O MSE J 245 -16.98 -8.40 30.94
CB MSE J 245 -13.73 -8.09 30.21
CG MSE J 245 -13.53 -8.87 31.46
SE MSE J 245 -13.07 -10.74 31.12
CE MSE J 245 -12.91 -10.71 29.14
N VAL J 246 -16.39 -6.41 30.12
CA VAL J 246 -17.49 -5.70 30.74
C VAL J 246 -18.90 -6.18 30.30
N ILE J 247 -19.13 -6.33 28.99
CA ILE J 247 -20.46 -6.63 28.45
C ILE J 247 -20.90 -8.05 28.84
N GLU J 248 -19.95 -8.96 28.77
CA GLU J 248 -20.17 -10.32 29.19
C GLU J 248 -20.56 -10.35 30.65
N LYS J 249 -19.74 -9.77 31.53
CA LYS J 249 -20.13 -9.72 32.92
C LYS J 249 -21.55 -9.14 33.03
N ALA J 250 -21.94 -8.28 32.11
CA ALA J 250 -23.29 -7.74 32.22
C ALA J 250 -24.34 -8.75 31.77
N LYS J 251 -24.02 -9.53 30.75
CA LYS J 251 -25.01 -10.47 30.30
C LYS J 251 -25.29 -11.51 31.39
N ARG J 252 -24.23 -12.17 31.90
CA ARG J 252 -24.39 -13.16 32.96
C ARG J 252 -25.27 -12.62 34.11
N LEU J 253 -25.16 -11.33 34.42
CA LEU J 253 -25.97 -10.76 35.48
C LEU J 253 -27.43 -10.54 35.06
N VAL J 254 -27.67 -9.99 33.88
CA VAL J 254 -29.04 -9.99 33.37
C VAL J 254 -29.51 -11.47 33.36
N GLU J 255 -28.62 -12.38 32.96
CA GLU J 255 -28.95 -13.80 32.97
C GLU J 255 -29.55 -14.28 34.31
N HIS J 256 -29.33 -13.54 35.39
CA HIS J 256 -29.92 -13.84 36.68
C HIS J 256 -30.96 -12.78 37.03
N LYS J 257 -31.61 -12.19 36.03
CA LYS J 257 -32.71 -11.27 36.28
C LYS J 257 -32.33 -9.93 36.90
N LYS J 258 -31.07 -9.51 36.76
CA LYS J 258 -30.62 -8.22 37.34
C LYS J 258 -30.72 -7.05 36.36
N ASP J 259 -30.91 -5.86 36.89
CA ASP J 259 -30.84 -4.67 36.06
C ASP J 259 -29.45 -4.09 36.04
N VAL J 260 -28.87 -4.02 34.86
CA VAL J 260 -27.51 -3.54 34.74
C VAL J 260 -27.46 -2.31 33.86
N ILE J 261 -26.74 -1.31 34.32
CA ILE J 261 -26.57 -0.10 33.55
C ILE J 261 -25.12 0.14 33.26
N ILE J 262 -24.73 0.05 32.00
CA ILE J 262 -23.39 0.45 31.56
C ILE J 262 -23.36 1.89 31.03
N LEU J 263 -22.60 2.78 31.68
CA LEU J 263 -22.25 4.11 31.08
C LEU J 263 -20.95 4.03 30.26
N LEU J 264 -21.09 4.02 28.94
CA LEU J 264 -19.94 3.90 28.05
C LEU J 264 -19.38 5.23 27.56
N ASP J 265 -18.37 5.79 28.23
CA ASP J 265 -17.62 6.92 27.61
C ASP J 265 -16.81 6.61 26.36
N SER J 266 -17.38 7.14 25.28
CA SER J 266 -17.06 6.94 23.86
C SER J 266 -17.21 5.56 23.37
N ILE J 267 -18.41 5.30 22.83
CA ILE J 267 -18.63 4.21 21.90
C ILE J 267 -17.71 4.44 20.72
N THR J 268 -17.56 5.70 20.32
CA THR J 268 -16.67 5.96 19.20
C THR J 268 -15.20 5.57 19.46
N ARG J 269 -14.66 5.75 20.65
CA ARG J 269 -13.31 5.21 20.80
C ARG J 269 -13.29 3.68 20.70
N LEU J 270 -14.27 3.06 21.36
CA LEU J 270 -14.34 1.61 21.30
C LEU J 270 -14.21 1.23 19.83
N ALA J 271 -14.97 1.96 18.99
CA ALA J 271 -14.97 1.72 17.55
C ALA J 271 -13.60 1.97 16.95
N ARG J 272 -12.87 2.98 17.41
CA ARG J 272 -11.52 3.13 16.85
C ARG J 272 -10.77 1.89 17.17
N ALA J 273 -10.85 1.44 18.42
CA ALA J 273 -10.11 0.22 18.82
C ALA J 273 -10.35 -0.94 17.85
N TYR J 274 -11.61 -1.27 17.64
CA TYR J 274 -11.98 -2.40 16.80
C TYR J 274 -11.46 -2.22 15.39
N ASN J 275 -11.42 -0.98 14.95
CA ASN J 275 -10.93 -0.72 13.62
C ASN J 275 -9.44 -1.08 13.45
N THR J 276 -8.64 -1.00 14.49
CA THR J 276 -7.25 -1.32 14.26
C THR J 276 -6.97 -2.79 14.56
N VAL J 277 -7.73 -3.32 15.49
CA VAL J 277 -7.51 -4.64 15.99
C VAL J 277 -8.12 -5.67 15.04
N VAL J 278 -9.06 -5.24 14.22
CA VAL J 278 -9.77 -6.18 13.36
C VAL J 278 -9.06 -6.46 12.04
N PRO J 279 -8.89 -7.74 11.76
CA PRO J 279 -8.33 -8.19 10.48
C PRO J 279 -8.89 -7.29 9.40
N ALA J 280 -8.03 -6.56 8.70
CA ALA J 280 -8.48 -5.58 7.70
C ALA J 280 -9.42 -6.20 6.66
N LEU J 285 -13.05 0.44 2.81
CA LEU J 285 -12.98 1.56 3.76
C LEU J 285 -14.02 2.66 3.42
N THR J 286 -14.33 3.51 4.41
CA THR J 286 -15.38 4.53 4.21
C THR J 286 -14.96 5.96 4.63
N GLY J 287 -13.74 6.07 5.14
CA GLY J 287 -13.18 7.35 5.57
C GLY J 287 -11.98 7.04 6.46
N GLY J 288 -11.33 5.91 6.15
CA GLY J 288 -10.27 5.35 6.97
C GLY J 288 -10.77 4.12 7.70
N VAL J 289 -12.08 4.01 7.85
CA VAL J 289 -12.69 2.91 8.62
C VAL J 289 -13.24 1.83 7.72
N ASP J 290 -12.80 0.63 8.02
CA ASP J 290 -13.16 -0.56 7.30
C ASP J 290 -14.58 -0.86 7.70
N ALA J 291 -15.43 -1.19 6.73
CA ALA J 291 -16.84 -1.50 7.05
C ALA J 291 -16.91 -2.52 8.16
N ASN J 292 -16.17 -3.60 7.94
CA ASN J 292 -16.20 -4.77 8.79
C ASN J 292 -16.02 -4.58 10.30
N ALA J 293 -15.33 -3.50 10.71
CA ALA J 293 -14.98 -3.30 12.12
C ALA J 293 -16.17 -3.03 13.01
N LEU J 294 -16.90 -1.95 12.71
CA LEU J 294 -18.11 -1.59 13.44
C LEU J 294 -19.01 -2.74 13.92
N HIS J 295 -18.98 -3.86 13.22
CA HIS J 295 -19.74 -5.02 13.66
C HIS J 295 -19.79 -5.24 15.18
N ARG J 296 -18.63 -5.41 15.80
CA ARG J 296 -18.59 -5.69 17.23
C ARG J 296 -19.12 -4.51 18.04
N PRO J 297 -18.67 -3.30 17.74
CA PRO J 297 -19.21 -2.12 18.41
C PRO J 297 -20.72 -2.21 18.36
N LYS J 298 -21.29 -2.47 17.20
CA LYS J 298 -22.73 -2.53 17.11
C LYS J 298 -23.23 -3.68 18.00
N ARG J 299 -22.69 -4.89 17.81
CA ARG J 299 -22.89 -5.97 18.76
C ARG J 299 -22.92 -5.45 20.21
N PHE J 300 -21.87 -4.78 20.65
CA PHE J 300 -21.85 -4.30 22.01
C PHE J 300 -23.08 -3.40 22.24
N PHE J 301 -23.24 -2.35 21.45
CA PHE J 301 -24.34 -1.44 21.68
C PHE J 301 -25.60 -2.21 21.52
N GLY J 302 -25.62 -3.05 20.49
CA GLY J 302 -26.83 -3.78 20.17
C GLY J 302 -27.38 -4.55 21.37
N ALA J 303 -26.55 -4.86 22.37
CA ALA J 303 -26.96 -5.73 23.45
C ALA J 303 -28.03 -5.12 24.37
N ALA J 304 -28.06 -3.79 24.52
CA ALA J 304 -29.06 -3.16 25.40
C ALA J 304 -30.49 -3.68 25.17
N ARG J 305 -31.27 -3.95 26.25
CA ARG J 305 -32.67 -4.39 26.10
C ARG J 305 -33.44 -4.57 27.41
N ASN J 306 -34.78 -4.29 27.41
CA ASN J 306 -35.61 -4.74 28.55
C ASN J 306 -35.90 -6.21 28.29
N VAL J 307 -35.34 -7.01 29.16
CA VAL J 307 -35.48 -8.44 29.06
C VAL J 307 -36.86 -8.94 29.51
N GLU J 308 -37.63 -9.55 28.60
CA GLU J 308 -38.96 -10.01 28.98
C GLU J 308 -38.92 -10.94 30.19
N GLU J 309 -37.97 -11.88 30.24
CA GLU J 309 -37.97 -12.87 31.31
C GLU J 309 -37.26 -12.36 32.59
N GLY J 310 -37.22 -11.05 32.75
CA GLY J 310 -36.63 -10.44 33.92
C GLY J 310 -35.25 -9.87 33.69
N GLY J 311 -34.90 -8.83 34.44
CA GLY J 311 -33.60 -8.24 34.31
C GLY J 311 -33.66 -7.31 33.13
N SER J 312 -32.58 -6.55 32.90
CA SER J 312 -32.43 -5.71 31.73
C SER J 312 -31.03 -5.14 31.60
N LEU J 313 -30.59 -4.94 30.37
CA LEU J 313 -29.30 -4.34 30.14
C LEU J 313 -29.48 -2.97 29.48
N THR J 314 -29.12 -1.91 30.21
CA THR J 314 -29.23 -0.56 29.66
C THR J 314 -27.83 0.00 29.47
N ILE J 315 -27.62 0.67 28.34
CA ILE J 315 -26.32 1.23 28.03
C ILE J 315 -26.49 2.65 27.54
N ILE J 316 -25.79 3.60 28.15
CA ILE J 316 -25.73 4.95 27.64
C ILE J 316 -24.28 5.19 27.20
N ALA J 317 -24.10 5.55 25.93
CA ALA J 317 -22.75 5.80 25.44
C ALA J 317 -22.64 7.13 24.75
N THR J 318 -21.51 7.79 25.00
CA THR J 318 -21.15 8.99 24.28
C THR J 318 -20.65 8.65 22.87
N ALA J 319 -21.02 9.54 21.96
CA ALA J 319 -20.59 9.51 20.58
C ALA J 319 -19.98 10.86 20.39
N LEU J 320 -18.64 10.88 20.28
CA LEU J 320 -17.91 12.10 20.11
C LEU J 320 -18.07 12.57 18.68
N ILE J 321 -18.06 13.87 18.51
CA ILE J 321 -18.51 14.49 17.30
C ILE J 321 -17.82 15.85 17.21
N ASP J 322 -17.69 16.43 16.01
CA ASP J 322 -17.02 17.71 15.88
C ASP J 322 -15.59 17.63 16.41
N THR J 323 -14.91 16.51 16.15
CA THR J 323 -13.53 16.34 16.58
C THR J 323 -12.57 16.73 15.46
N GLY J 324 -13.13 17.09 14.31
CA GLY J 324 -12.34 17.34 13.13
C GLY J 324 -11.62 16.07 12.68
N SER J 325 -12.17 14.91 13.05
CA SER J 325 -11.59 13.63 12.64
C SER J 325 -12.54 12.92 11.76
N LYS J 326 -12.16 12.58 10.53
CA LYS J 326 -13.10 11.92 9.62
C LYS J 326 -13.74 10.74 10.33
N MSE J 327 -12.95 9.74 10.73
CA MSE J 327 -13.58 8.55 11.34
C MSE J 327 -14.55 8.82 12.48
O MSE J 327 -15.68 8.36 12.44
CB MSE J 327 -12.61 7.40 11.61
CG MSE J 327 -11.81 7.45 12.85
SE MSE J 327 -10.66 5.79 12.91
CE MSE J 327 -11.86 4.59 11.98
N ASP J 328 -14.14 9.59 13.47
CA ASP J 328 -15.08 9.93 14.50
C ASP J 328 -16.43 10.24 13.80
N GLU J 329 -16.38 11.02 12.71
CA GLU J 329 -17.59 11.37 11.95
C GLU J 329 -18.36 10.17 11.33
N VAL J 330 -17.66 9.31 10.60
CA VAL J 330 -18.28 8.11 10.02
C VAL J 330 -18.84 7.17 11.06
N ILE J 331 -18.23 7.17 12.23
CA ILE J 331 -18.67 6.28 13.28
C ILE J 331 -20.01 6.75 13.79
N TYR J 332 -20.14 8.05 14.07
CA TYR J 332 -21.41 8.59 14.54
C TYR J 332 -22.45 8.25 13.51
N GLU J 333 -22.14 8.55 12.25
CA GLU J 333 -23.01 8.18 11.13
C GLU J 333 -23.60 6.77 11.32
N GLU J 334 -22.71 5.79 11.49
CA GLU J 334 -23.11 4.40 11.57
C GLU J 334 -23.94 4.03 12.79
N PHE J 335 -24.02 4.91 13.78
CA PHE J 335 -24.79 4.56 14.95
C PHE J 335 -26.15 5.22 14.98
N LYS J 336 -26.34 6.28 14.19
CA LYS J 336 -27.63 6.92 14.03
C LYS J 336 -28.71 5.83 13.89
N GLY J 337 -29.78 5.95 14.67
CA GLY J 337 -30.90 5.03 14.58
C GLY J 337 -30.69 3.67 15.23
N THR J 338 -29.52 3.42 15.79
CA THR J 338 -29.35 2.15 16.45
C THR J 338 -29.94 2.36 17.80
N GLY J 339 -29.88 3.60 18.28
CA GLY J 339 -30.37 3.94 19.62
C GLY J 339 -31.85 4.20 19.83
N ASN J 340 -32.26 4.30 21.08
CA ASN J 340 -33.69 4.49 21.40
C ASN J 340 -33.89 5.65 22.41
N MSE J 341 -32.78 6.33 22.72
CA MSE J 341 -32.81 7.56 23.46
C MSE J 341 -31.66 8.32 22.92
O MSE J 341 -30.62 7.72 22.63
CB MSE J 341 -32.54 7.30 24.93
CG MSE J 341 -32.45 8.54 25.72
SE MSE J 341 -30.63 9.16 26.03
CE MSE J 341 -29.80 8.61 24.52
N GLU J 342 -31.79 9.63 22.76
CA GLU J 342 -30.60 10.41 22.51
C GLU J 342 -30.56 11.75 23.22
N LEU J 343 -29.36 12.11 23.65
CA LEU J 343 -29.13 13.42 24.25
C LEU J 343 -28.14 14.15 23.38
N HIS J 344 -28.57 15.26 22.79
CA HIS J 344 -27.67 16.07 22.01
C HIS J 344 -27.10 17.22 22.84
N LEU J 345 -25.80 17.40 22.74
CA LEU J 345 -25.13 18.46 23.43
C LEU J 345 -24.67 19.44 22.39
N SER J 346 -24.73 20.74 22.72
CA SER J 346 -24.43 21.79 21.75
C SER J 346 -23.37 22.73 22.23
N ARG J 347 -22.29 22.87 21.43
CA ARG J 347 -21.16 23.74 21.75
C ARG J 347 -21.57 25.19 22.01
N LYS J 348 -22.59 25.66 21.28
CA LYS J 348 -23.13 26.98 21.49
C LYS J 348 -23.51 27.15 22.95
N ILE J 349 -24.42 26.30 23.43
CA ILE J 349 -24.93 26.44 24.79
C ILE J 349 -23.76 26.42 25.72
N ALA J 350 -22.70 25.73 25.32
CA ALA J 350 -21.51 25.60 26.14
C ALA J 350 -20.69 26.87 26.11
N GLU J 351 -20.34 27.35 24.92
CA GLU J 351 -19.55 28.56 24.81
C GLU J 351 -20.10 29.71 25.68
N LYS J 352 -21.39 29.70 26.00
CA LYS J 352 -21.95 30.80 26.78
C LYS J 352 -22.12 30.48 28.26
N ARG J 353 -21.37 29.48 28.71
CA ARG J 353 -21.32 29.12 30.13
C ARG J 353 -22.63 28.74 30.72
N VAL J 354 -23.49 28.20 29.91
CA VAL J 354 -24.66 27.58 30.49
C VAL J 354 -24.25 26.15 30.71
N PHE J 355 -24.74 25.43 31.68
CA PHE J 355 -24.03 24.17 31.84
C PHE J 355 -24.74 22.94 31.47
N PRO J 356 -26.02 22.89 31.69
CA PRO J 356 -26.75 21.74 31.10
C PRO J 356 -26.50 21.39 29.57
N ALA J 357 -26.15 22.27 28.61
CA ALA J 357 -25.72 21.87 27.21
C ALA J 357 -26.81 21.31 26.28
N ILE J 358 -27.49 20.27 26.74
CA ILE J 358 -28.60 19.67 26.03
C ILE J 358 -29.42 20.64 25.17
N ASP J 359 -29.38 20.43 23.86
CA ASP J 359 -30.28 21.18 23.01
C ASP J 359 -31.61 20.38 23.01
N TYR J 360 -32.59 20.94 23.70
CA TYR J 360 -33.87 20.29 23.95
C TYR J 360 -34.46 19.76 22.67
N ASN J 361 -34.64 20.65 21.70
CA ASN J 361 -35.32 20.29 20.47
C ASN J 361 -34.79 19.07 19.72
N ARG J 362 -33.55 18.67 19.96
CA ARG J 362 -33.02 17.48 19.26
C ARG J 362 -32.89 16.22 20.09
N SER J 363 -33.24 16.32 21.36
CA SER J 363 -33.18 15.17 22.22
C SER J 363 -34.54 14.51 22.39
N GLY J 364 -34.55 13.34 22.97
CA GLY J 364 -35.76 12.58 23.04
C GLY J 364 -35.49 11.09 23.06
N THR J 365 -36.43 10.37 23.59
CA THR J 365 -36.37 8.93 23.65
C THR J 365 -37.63 8.39 23.03
N ARG J 366 -37.57 7.16 22.53
CA ARG J 366 -38.70 6.52 21.88
C ARG J 366 -39.63 5.89 22.89
N LYS J 367 -40.86 5.68 22.47
CA LYS J 367 -41.90 5.14 23.35
C LYS J 367 -41.87 5.75 24.75
N GLU J 368 -41.68 7.07 24.80
CA GLU J 368 -41.82 7.86 26.02
C GLU J 368 -43.05 7.47 26.79
N GLU J 369 -44.15 7.26 26.06
CA GLU J 369 -45.42 6.88 26.68
C GLU J 369 -45.29 5.71 27.59
N LEU J 370 -44.24 4.92 27.41
CA LEU J 370 -44.11 3.72 28.23
C LEU J 370 -43.29 3.97 29.48
N LEU J 371 -42.61 5.13 29.48
CA LEU J 371 -41.74 5.57 30.57
C LEU J 371 -42.30 6.72 31.40
N THR J 372 -43.53 7.10 31.07
CA THR J 372 -44.14 8.31 31.58
C THR J 372 -45.63 8.14 31.68
N THR J 373 -46.18 8.42 32.86
CA THR J 373 -47.65 8.44 33.11
C THR J 373 -48.34 9.49 32.24
N GLN J 374 -49.59 9.23 31.85
CA GLN J 374 -50.27 10.08 30.86
C GLN J 374 -50.30 11.53 31.29
N GLU J 375 -50.37 11.77 32.59
CA GLU J 375 -50.39 13.13 33.13
C GLU J 375 -49.11 13.81 32.69
N GLU J 376 -48.01 13.28 33.20
CA GLU J 376 -46.70 13.77 32.84
C GLU J 376 -46.49 13.88 31.31
N LEU J 377 -46.79 12.84 30.54
CA LEU J 377 -46.58 12.92 29.11
C LEU J 377 -47.13 14.23 28.58
N GLN J 378 -48.44 14.46 28.75
CA GLN J 378 -49.07 15.71 28.28
C GLN J 378 -48.33 16.96 28.73
N LYS J 379 -47.98 17.01 30.02
CA LYS J 379 -47.22 18.13 30.61
C LYS J 379 -45.95 18.41 29.81
N MSE J 380 -45.24 17.34 29.45
CA MSE J 380 -44.04 17.44 28.63
C MSE J 380 -44.36 17.91 27.22
O MSE J 380 -43.62 18.70 26.65
CB MSE J 380 -43.31 16.09 28.57
CG MSE J 380 -43.32 15.31 29.87
SE MSE J 380 -41.92 13.93 30.06
CE MSE J 380 -42.28 12.81 28.51
N TRP J 381 -45.47 17.45 26.65
CA TRP J 381 -45.86 17.88 25.31
C TRP J 381 -46.08 19.38 25.25
N ILE J 382 -46.62 19.95 26.32
CA ILE J 382 -46.89 21.39 26.34
C ILE J 382 -45.56 22.11 26.36
N LEU J 383 -44.74 21.77 27.36
CA LEU J 383 -43.37 22.29 27.46
C LEU J 383 -42.70 22.28 26.10
N ARG J 384 -42.80 21.13 25.46
CA ARG J 384 -42.29 20.92 24.12
C ARG J 384 -42.85 21.89 23.09
N LYS J 385 -44.18 22.05 23.05
CA LYS J 385 -44.80 23.00 22.13
C LYS J 385 -44.23 24.39 22.35
N ILE J 386 -43.91 24.71 23.60
CA ILE J 386 -43.46 26.07 23.93
C ILE J 386 -42.01 26.38 23.57
N ILE J 387 -41.11 25.39 23.72
CA ILE J 387 -39.68 25.56 23.41
C ILE J 387 -39.35 25.35 21.95
N HIS J 388 -40.12 24.49 21.29
CA HIS J 388 -39.88 24.16 19.91
C HIS J 388 -39.34 25.33 19.06
N PRO J 389 -39.99 26.51 19.06
CA PRO J 389 -39.57 27.64 18.23
C PRO J 389 -38.33 28.31 18.79
N MSE J 390 -38.12 28.18 20.10
CA MSE J 390 -36.97 28.76 20.72
C MSE J 390 -35.73 28.12 20.15
O MSE J 390 -35.77 26.96 19.71
CB MSE J 390 -37.02 28.52 22.22
CG MSE J 390 -38.08 29.32 22.90
SE MSE J 390 -38.06 28.95 24.77
CE MSE J 390 -36.39 29.71 25.22
N GLY J 391 -34.64 28.88 20.13
CA GLY J 391 -33.37 28.37 19.70
C GLY J 391 -32.62 27.78 20.88
N GLU J 392 -31.58 27.00 20.57
CA GLU J 392 -30.74 26.32 21.55
C GLU J 392 -30.55 27.08 22.86
N ILE J 393 -29.61 28.02 22.86
CA ILE J 393 -29.28 28.87 24.00
C ILE J 393 -30.51 29.38 24.76
N ASP J 394 -31.38 30.07 24.03
CA ASP J 394 -32.62 30.52 24.61
C ASP J 394 -33.18 29.40 25.44
N ALA J 395 -33.59 28.34 24.73
CA ALA J 395 -34.31 27.19 25.29
C ALA J 395 -33.74 26.59 26.58
N MSE J 396 -32.43 26.50 26.68
CA MSE J 396 -31.85 26.00 27.92
C MSE J 396 -31.99 27.03 29.00
O MSE J 396 -32.39 26.70 30.12
CB MSE J 396 -30.38 25.60 27.75
CG MSE J 396 -30.16 24.09 27.59
SE MSE J 396 -31.35 22.94 28.69
CE MSE J 396 -30.49 23.19 30.30
N GLU J 397 -31.71 28.30 28.66
CA GLU J 397 -31.77 29.39 29.62
C GLU J 397 -33.19 29.58 30.14
N PHE J 398 -34.17 29.40 29.24
CA PHE J 398 -35.60 29.43 29.58
C PHE J 398 -35.94 28.34 30.57
N LEU J 399 -35.45 27.13 30.27
CA LEU J 399 -35.71 25.96 31.10
C LEU J 399 -35.03 26.04 32.45
N ILE J 400 -33.86 26.64 32.49
CA ILE J 400 -33.10 26.72 33.72
C ILE J 400 -33.63 27.79 34.70
N ASN J 401 -34.15 28.91 34.18
CA ASN J 401 -34.80 29.90 35.05
C ASN J 401 -36.08 29.34 35.61
N LYS J 402 -36.86 28.69 34.74
CA LYS J 402 -38.16 28.18 35.13
C LYS J 402 -38.07 26.92 35.99
N LEU J 403 -36.97 26.20 35.91
CA LEU J 403 -36.77 25.04 36.80
C LEU J 403 -36.15 25.53 38.11
N ALA J 404 -35.47 26.67 38.05
CA ALA J 404 -34.69 27.16 39.18
C ALA J 404 -35.60 27.63 40.30
N MSE J 405 -36.89 27.74 40.01
CA MSE J 405 -37.84 28.18 41.00
C MSE J 405 -38.23 27.07 41.99
O MSE J 405 -38.60 27.38 43.13
CB MSE J 405 -39.03 28.89 40.35
CG MSE J 405 -38.68 30.34 39.86
SE MSE J 405 -39.60 31.00 38.23
CE MSE J 405 -38.16 32.05 37.43
N THR J 406 -38.04 25.78 41.61
CA THR J 406 -38.45 24.65 42.47
C THR J 406 -37.97 23.27 41.97
N LYS J 407 -38.73 22.19 42.28
CA LYS J 407 -38.45 20.79 41.84
C LYS J 407 -39.60 20.12 41.02
N THR J 408 -39.24 19.06 40.27
CA THR J 408 -40.10 18.26 39.38
C THR J 408 -41.56 18.71 39.09
N ASN J 409 -42.52 18.11 39.79
CA ASN J 409 -43.95 18.43 39.62
C ASN J 409 -44.30 19.83 40.10
N ASP J 410 -43.82 20.17 41.30
CA ASP J 410 -44.20 21.40 42.00
C ASP J 410 -43.88 22.67 41.24
N ASP J 411 -43.55 22.53 39.96
CA ASP J 411 -43.28 23.67 39.12
C ASP J 411 -44.47 23.95 38.21
N PHE J 412 -44.82 22.97 37.38
CA PHE J 412 -45.84 23.12 36.38
C PHE J 412 -47.13 23.66 36.97
N PHE J 413 -47.61 22.98 38.00
CA PHE J 413 -48.85 23.35 38.66
C PHE J 413 -48.99 24.87 38.76
N GLU J 414 -48.22 25.46 39.69
CA GLU J 414 -48.33 26.90 39.99
C GLU J 414 -48.05 27.79 38.78
N MSE J 415 -46.97 27.47 38.06
CA MSE J 415 -46.53 28.30 36.92
C MSE J 415 -47.65 28.50 35.88
O MSE J 415 -47.68 29.51 35.16
CB MSE J 415 -45.26 27.71 36.30
CG MSE J 415 -44.22 27.19 37.31
SE MSE J 415 -42.85 28.45 38.02
CE MSE J 415 -42.14 29.10 36.31
N MSE J 416 -48.59 27.55 35.85
CA MSE J 416 -49.76 27.66 34.97
C MSE J 416 -50.86 28.54 35.57
O MSE J 416 -51.61 29.18 34.82
CB MSE J 416 -50.31 26.27 34.65
CG MSE J 416 -49.51 25.53 33.57
SE MSE J 416 -49.42 26.52 31.87
CE MSE J 416 -51.14 25.94 31.08
N LYS J 417 -50.96 28.55 36.90
CA LYS J 417 -52.03 29.25 37.63
C LYS J 417 -53.14 28.27 38.05
N MSE K 1 -38.26 -34.63 17.43
CA MSE K 1 -39.64 -34.92 16.91
C MSE K 1 -39.86 -34.46 15.47
O MSE K 1 -39.67 -35.22 14.51
CB MSE K 1 -40.72 -34.30 17.85
CG MSE K 1 -40.41 -32.85 18.34
SE MSE K 1 -42.03 -31.78 18.87
CE MSE K 1 -41.98 -32.07 20.86
N ASN K 2 -40.30 -33.21 15.33
CA ASN K 2 -40.38 -32.51 14.06
C ASN K 2 -39.65 -31.16 14.22
N LEU K 3 -38.58 -30.96 13.45
CA LEU K 3 -37.72 -29.79 13.65
C LEU K 3 -38.47 -28.44 13.76
N THR K 4 -39.29 -28.11 12.74
CA THR K 4 -40.00 -26.83 12.74
C THR K 4 -40.77 -26.67 14.05
N GLU K 5 -41.28 -27.80 14.55
CA GLU K 5 -41.97 -27.80 15.82
C GLU K 5 -40.99 -27.57 16.96
N LEU K 6 -39.78 -28.13 16.84
CA LEU K 6 -38.75 -27.88 17.83
C LEU K 6 -38.32 -26.41 17.86
N LYS K 7 -38.22 -25.77 16.69
CA LYS K 7 -37.86 -24.35 16.69
C LYS K 7 -38.97 -23.41 17.16
N ASN K 8 -40.22 -23.86 17.10
CA ASN K 8 -41.32 -23.03 17.53
C ASN K 8 -41.69 -23.23 19.01
N THR K 9 -40.92 -24.08 19.71
CA THR K 9 -41.08 -24.27 21.16
C THR K 9 -40.12 -23.37 21.96
N PRO K 10 -40.62 -22.77 23.04
CA PRO K 10 -39.82 -21.89 23.90
C PRO K 10 -38.51 -22.54 24.37
N VAL K 11 -37.49 -21.71 24.58
CA VAL K 11 -36.21 -22.26 25.00
C VAL K 11 -36.35 -23.05 26.32
N SER K 12 -37.23 -22.58 27.20
CA SER K 12 -37.44 -23.23 28.51
C SER K 12 -37.91 -24.66 28.36
N GLU K 13 -38.90 -24.87 27.48
CA GLU K 13 -39.51 -26.18 27.28
C GLU K 13 -38.52 -27.15 26.60
N LEU K 14 -37.81 -26.65 25.58
CA LEU K 14 -36.80 -27.46 24.87
C LEU K 14 -35.76 -28.07 25.79
N ILE K 15 -35.45 -27.38 26.89
CA ILE K 15 -34.47 -27.85 27.87
C ILE K 15 -34.94 -29.08 28.64
N THR K 16 -36.05 -28.96 29.36
CA THR K 16 -36.60 -30.11 30.09
C THR K 16 -36.83 -31.26 29.13
N LEU K 17 -37.29 -30.94 27.93
CA LEU K 17 -37.40 -31.94 26.87
C LEU K 17 -36.07 -32.67 26.70
N GLY K 18 -34.99 -31.91 26.63
CA GLY K 18 -33.69 -32.47 26.36
C GLY K 18 -33.05 -33.13 27.58
N GLU K 19 -33.38 -32.63 28.76
CA GLU K 19 -32.86 -33.22 30.00
C GLU K 19 -33.41 -34.62 30.13
N ASN K 20 -34.71 -34.75 29.84
CA ASN K 20 -35.42 -36.03 29.92
C ASN K 20 -34.77 -37.16 29.11
N MSE K 21 -34.09 -36.81 28.02
CA MSE K 21 -33.47 -37.81 27.14
C MSE K 21 -31.98 -38.06 27.44
O MSE K 21 -31.20 -38.32 26.51
CB MSE K 21 -33.63 -37.44 25.67
CG MSE K 21 -34.91 -36.72 25.35
SE MSE K 21 -34.60 -35.71 23.74
CE MSE K 21 -34.15 -37.19 22.49
N GLY K 22 -31.61 -37.98 28.71
CA GLY K 22 -30.24 -38.23 29.13
C GLY K 22 -29.35 -37.00 29.03
N LEU K 23 -29.58 -36.21 27.97
CA LEU K 23 -28.79 -35.03 27.68
C LEU K 23 -28.60 -34.20 28.92
N GLU K 24 -27.42 -34.30 29.53
CA GLU K 24 -27.14 -33.47 30.68
C GLU K 24 -27.21 -32.02 30.23
N ASN K 25 -27.68 -31.16 31.13
CA ASN K 25 -28.16 -29.80 30.83
C ASN K 25 -27.45 -28.94 29.75
N LEU K 26 -28.28 -28.25 28.97
CA LEU K 26 -27.86 -27.37 27.89
C LEU K 26 -28.38 -25.92 28.08
N ALA K 27 -28.79 -25.61 29.31
CA ALA K 27 -29.44 -24.32 29.62
C ALA K 27 -28.64 -23.14 29.08
N ARG K 28 -27.31 -23.25 29.20
CA ARG K 28 -26.41 -22.20 28.84
C ARG K 28 -26.02 -22.18 27.36
N MSE K 29 -26.58 -23.06 26.53
CA MSE K 29 -26.30 -22.97 25.08
C MSE K 29 -27.41 -22.33 24.22
O MSE K 29 -28.49 -22.01 24.72
CB MSE K 29 -25.74 -24.29 24.48
CG MSE K 29 -26.56 -25.54 24.65
SE MSE K 29 -25.54 -27.13 24.07
CE MSE K 29 -24.70 -27.65 25.82
N ARG K 30 -27.12 -22.12 22.94
CA ARG K 30 -28.01 -21.38 22.05
C ARG K 30 -29.09 -22.31 21.54
N LYS K 31 -30.34 -21.86 21.61
CA LYS K 31 -31.49 -22.65 21.19
C LYS K 31 -31.12 -23.51 19.99
N GLN K 32 -30.44 -22.91 19.02
CA GLN K 32 -29.99 -23.67 17.87
C GLN K 32 -29.14 -24.87 18.29
N ASP K 33 -28.15 -24.65 19.15
CA ASP K 33 -27.31 -25.74 19.62
C ASP K 33 -28.07 -26.68 20.56
N ILE K 34 -29.17 -26.20 21.14
CA ILE K 34 -30.01 -27.03 21.98
C ILE K 34 -30.83 -27.95 21.11
N ILE K 35 -31.47 -27.35 20.11
CA ILE K 35 -32.20 -28.13 19.13
C ILE K 35 -31.31 -29.21 18.51
N PHE K 36 -30.23 -28.81 17.85
CA PHE K 36 -29.33 -29.80 17.19
C PHE K 36 -28.96 -30.99 18.09
N ALA K 37 -28.66 -30.69 19.35
CA ALA K 37 -28.38 -31.72 20.35
C ALA K 37 -29.60 -32.59 20.71
N ILE K 38 -30.76 -31.96 20.94
CA ILE K 38 -31.97 -32.73 21.15
C ILE K 38 -32.13 -33.70 19.96
N LEU K 39 -32.00 -33.15 18.76
CA LEU K 39 -32.11 -33.96 17.54
C LEU K 39 -31.11 -35.12 17.53
N LYS K 40 -29.86 -34.88 17.91
CA LYS K 40 -28.84 -35.92 17.85
C LYS K 40 -29.15 -37.15 18.70
N GLN K 41 -29.70 -36.92 19.89
CA GLN K 41 -30.19 -38.03 20.72
C GLN K 41 -31.35 -38.75 20.08
N HIS K 42 -32.22 -37.99 19.42
CA HIS K 42 -33.40 -38.55 18.81
C HIS K 42 -33.07 -39.29 17.53
N ALA K 43 -31.79 -39.66 17.39
CA ALA K 43 -31.34 -40.48 16.28
C ALA K 43 -31.76 -41.96 16.41
N LYS K 44 -32.39 -42.33 17.52
CA LYS K 44 -32.80 -43.72 17.77
C LYS K 44 -34.19 -44.03 17.20
N SER K 45 -34.43 -43.67 15.94
CA SER K 45 -35.79 -43.66 15.41
C SER K 45 -35.80 -43.30 13.93
N GLY K 46 -35.54 -44.30 13.09
CA GLY K 46 -35.64 -44.16 11.65
C GLY K 46 -37.10 -44.03 11.24
N GLU K 47 -37.33 -43.49 10.03
CA GLU K 47 -38.69 -43.11 9.58
C GLU K 47 -39.17 -41.89 10.38
N ASP K 48 -38.46 -41.55 11.44
CA ASP K 48 -38.79 -40.39 12.25
C ASP K 48 -38.01 -39.15 11.78
N ILE K 49 -38.34 -38.00 12.38
CA ILE K 49 -37.70 -36.70 12.10
C ILE K 49 -38.06 -36.14 10.74
N PHE K 50 -39.04 -35.24 10.73
CA PHE K 50 -39.36 -34.46 9.55
C PHE K 50 -38.54 -33.17 9.60
N GLY K 51 -38.28 -32.61 8.43
CA GLY K 51 -37.59 -31.32 8.33
C GLY K 51 -38.25 -30.44 7.30
N ASP K 52 -38.42 -29.17 7.63
CA ASP K 52 -38.88 -28.21 6.62
C ASP K 52 -37.97 -27.03 6.79
N GLY K 53 -37.92 -26.18 5.77
CA GLY K 53 -37.08 -25.00 5.80
C GLY K 53 -36.99 -24.41 4.42
N VAL K 54 -36.66 -23.13 4.34
CA VAL K 54 -36.54 -22.51 3.04
C VAL K 54 -35.19 -22.89 2.47
N LEU K 55 -35.06 -22.95 1.14
CA LEU K 55 -33.81 -23.38 0.55
C LEU K 55 -32.83 -22.27 0.15
N GLU K 56 -31.64 -22.31 0.73
CA GLU K 56 -30.57 -21.43 0.28
C GLU K 56 -29.48 -22.23 -0.45
N ILE K 57 -29.36 -22.01 -1.75
CA ILE K 57 -28.37 -22.72 -2.52
C ILE K 57 -27.13 -21.85 -2.64
N LEU K 58 -25.98 -22.34 -2.18
CA LEU K 58 -24.76 -21.55 -2.30
C LEU K 58 -24.14 -21.80 -3.66
N GLN K 59 -23.07 -21.06 -3.99
CA GLN K 59 -22.48 -21.16 -5.32
C GLN K 59 -21.79 -22.50 -5.55
N ASP K 60 -21.45 -23.20 -4.49
CA ASP K 60 -20.87 -24.53 -4.62
C ASP K 60 -21.84 -25.51 -5.30
N GLY K 61 -23.13 -25.39 -4.99
CA GLY K 61 -24.15 -26.19 -5.68
C GLY K 61 -25.01 -27.05 -4.78
N PHE K 62 -24.69 -27.04 -3.49
CA PHE K 62 -25.53 -27.66 -2.48
C PHE K 62 -26.28 -26.52 -1.79
N GLY K 63 -27.16 -26.84 -0.87
CA GLY K 63 -27.82 -25.80 -0.10
C GLY K 63 -28.24 -26.26 1.27
N PHE K 64 -28.99 -25.39 1.94
CA PHE K 64 -29.46 -25.70 3.27
C PHE K 64 -30.91 -25.31 3.40
N LEU K 65 -31.62 -26.08 4.21
CA LEU K 65 -32.98 -25.75 4.55
C LEU K 65 -32.88 -24.83 5.75
N ARG K 66 -33.16 -23.55 5.49
CA ARG K 66 -32.94 -22.50 6.44
C ARG K 66 -34.27 -22.15 7.04
N SER K 67 -34.27 -21.79 8.32
CA SER K 67 -35.52 -21.64 9.07
C SER K 67 -35.99 -20.19 9.27
N ALA K 68 -37.29 -19.97 9.27
CA ALA K 68 -37.81 -18.60 9.32
C ALA K 68 -37.84 -17.99 10.73
N ASP K 69 -37.97 -18.83 11.74
CA ASP K 69 -38.08 -18.32 13.09
C ASP K 69 -36.75 -17.72 13.42
N SER K 70 -35.85 -17.76 12.43
CA SER K 70 -34.54 -17.20 12.65
C SER K 70 -34.27 -16.20 11.58
N SER K 71 -35.31 -15.86 10.83
CA SER K 71 -35.14 -15.00 9.70
C SER K 71 -34.04 -15.65 8.84
N TYR K 72 -34.12 -16.97 8.71
CA TYR K 72 -33.16 -17.71 7.91
C TYR K 72 -31.67 -17.48 8.26
N LEU K 73 -31.37 -17.29 9.55
CA LEU K 73 -29.96 -17.21 10.00
C LEU K 73 -29.17 -18.53 9.89
N ALA K 74 -28.04 -18.53 9.19
CA ALA K 74 -27.35 -19.81 9.07
C ALA K 74 -27.16 -20.35 10.47
N GLY K 75 -27.41 -21.63 10.67
CA GLY K 75 -27.19 -22.24 11.98
C GLY K 75 -26.89 -23.73 11.93
N PRO K 76 -26.57 -24.31 13.08
CA PRO K 76 -26.14 -25.71 13.11
C PRO K 76 -27.32 -26.60 12.80
N ASP K 77 -28.51 -26.18 13.22
CA ASP K 77 -29.71 -26.96 13.04
C ASP K 77 -30.25 -26.82 11.61
N ASP K 78 -29.46 -26.20 10.73
CA ASP K 78 -29.84 -26.10 9.33
C ASP K 78 -29.68 -27.45 8.70
N ILE K 79 -30.47 -27.71 7.65
CA ILE K 79 -30.49 -28.99 6.97
C ILE K 79 -29.78 -28.98 5.62
N TYR K 80 -28.90 -29.96 5.42
CA TYR K 80 -28.12 -30.08 4.18
C TYR K 80 -28.92 -30.57 2.99
N VAL K 81 -28.77 -29.89 1.86
CA VAL K 81 -29.46 -30.29 0.65
C VAL K 81 -28.44 -30.43 -0.46
N SER K 82 -28.49 -31.58 -1.14
CA SER K 82 -27.48 -31.99 -2.10
C SER K 82 -27.68 -31.40 -3.49
N PRO K 83 -26.58 -31.15 -4.19
CA PRO K 83 -26.64 -30.73 -5.60
C PRO K 83 -27.53 -31.64 -6.43
N SER K 84 -27.53 -32.94 -6.12
CA SER K 84 -28.36 -33.90 -6.84
C SER K 84 -29.82 -33.68 -6.50
N GLN K 85 -30.12 -33.67 -5.20
CA GLN K 85 -31.47 -33.36 -4.77
C GLN K 85 -31.93 -32.09 -5.47
N ILE K 86 -31.05 -31.08 -5.50
CA ILE K 86 -31.36 -29.86 -6.25
C ILE K 86 -31.64 -30.12 -7.72
N ARG K 87 -30.76 -30.87 -8.38
CA ARG K 87 -30.91 -31.16 -9.80
C ARG K 87 -32.14 -32.00 -10.01
N ARG K 88 -32.37 -32.94 -9.10
CA ARG K 88 -33.48 -33.86 -9.23
C ARG K 88 -34.77 -33.10 -9.46
N PHE K 89 -35.08 -32.20 -8.53
CA PHE K 89 -36.35 -31.52 -8.58
C PHE K 89 -36.25 -30.12 -9.16
N ASN K 90 -35.08 -29.81 -9.70
CA ASN K 90 -34.89 -28.53 -10.38
C ASN K 90 -35.10 -27.40 -9.35
N LEU K 91 -34.43 -27.51 -8.21
CA LEU K 91 -34.70 -26.63 -7.08
C LEU K 91 -34.01 -25.27 -7.20
N ARG K 92 -34.56 -24.26 -6.54
CA ARG K 92 -34.03 -22.91 -6.62
C ARG K 92 -34.11 -22.30 -5.23
N THR K 93 -33.19 -21.38 -4.92
CA THR K 93 -33.17 -20.81 -3.58
C THR K 93 -34.49 -20.09 -3.34
N GLY K 94 -35.16 -20.40 -2.22
CA GLY K 94 -36.50 -19.89 -1.98
C GLY K 94 -37.59 -20.97 -2.10
N ASP K 95 -37.18 -22.17 -2.50
CA ASP K 95 -38.10 -23.30 -2.45
C ASP K 95 -38.32 -23.66 -0.99
N THR K 96 -39.57 -23.62 -0.57
CA THR K 96 -39.92 -24.14 0.75
C THR K 96 -39.90 -25.67 0.57
N ILE K 97 -39.38 -26.43 1.56
CA ILE K 97 -39.17 -27.88 1.39
C ILE K 97 -39.31 -28.71 2.66
N SER K 98 -40.15 -29.73 2.59
CA SER K 98 -40.39 -30.63 3.71
C SER K 98 -39.87 -31.99 3.31
N GLY K 99 -39.54 -32.80 4.30
CA GLY K 99 -38.97 -34.10 4.03
C GLY K 99 -38.51 -34.78 5.30
N LYS K 100 -37.96 -35.97 5.16
CA LYS K 100 -37.40 -36.68 6.29
C LYS K 100 -35.90 -36.46 6.27
N ILE K 101 -35.38 -36.00 7.39
CA ILE K 101 -33.95 -35.76 7.52
C ILE K 101 -33.30 -36.86 8.34
N ARG K 102 -32.01 -37.01 8.13
CA ARG K 102 -31.25 -38.02 8.82
C ARG K 102 -30.04 -37.35 9.47
N PRO K 103 -29.54 -37.95 10.56
CA PRO K 103 -28.33 -37.48 11.26
C PRO K 103 -27.09 -37.37 10.38
N PRO K 104 -26.13 -36.56 10.80
CA PRO K 104 -24.82 -36.50 10.15
C PRO K 104 -24.13 -37.84 10.29
N LYS K 105 -23.44 -38.28 9.24
CA LYS K 105 -22.60 -39.47 9.31
C LYS K 105 -21.21 -39.04 9.71
N GLU K 106 -20.59 -39.78 10.63
CA GLU K 106 -19.20 -39.51 11.02
C GLU K 106 -18.42 -38.96 9.81
N GLY K 107 -17.90 -37.74 9.95
CA GLY K 107 -17.26 -37.05 8.84
C GLY K 107 -18.07 -35.83 8.43
N GLU K 108 -19.37 -35.89 8.68
CA GLU K 108 -20.34 -34.84 8.33
C GLU K 108 -20.55 -33.85 9.48
N ARG K 109 -21.34 -32.80 9.23
CA ARG K 109 -21.66 -31.76 10.23
C ARG K 109 -23.14 -31.51 10.46
N TYR K 110 -23.96 -31.78 9.44
CA TYR K 110 -25.37 -31.42 9.51
C TYR K 110 -26.25 -32.61 9.29
N PHE K 111 -27.48 -32.53 9.78
CA PHE K 111 -28.50 -33.43 9.32
C PHE K 111 -28.68 -33.07 7.85
N ALA K 112 -29.02 -34.06 7.02
CA ALA K 112 -29.29 -33.80 5.61
C ALA K 112 -30.72 -34.16 5.23
N LEU K 113 -31.15 -33.65 4.08
CA LEU K 113 -32.43 -34.03 3.50
C LEU K 113 -32.32 -35.44 2.94
N LEU K 114 -32.99 -36.38 3.59
CA LEU K 114 -33.02 -37.76 3.13
C LEU K 114 -34.01 -37.93 1.98
N LYS K 115 -35.20 -37.36 2.15
CA LYS K 115 -36.28 -37.48 1.18
C LYS K 115 -37.10 -36.19 1.14
N VAL K 116 -37.35 -35.69 -0.05
CA VAL K 116 -38.26 -34.57 -0.21
C VAL K 116 -39.72 -35.03 -0.14
N ASN K 117 -40.50 -34.42 0.74
CA ASN K 117 -41.93 -34.66 0.80
C ASN K 117 -42.70 -33.66 -0.05
N GLU K 118 -42.53 -32.37 0.25
CA GLU K 118 -43.18 -31.30 -0.50
C GLU K 118 -42.15 -30.30 -1.01
N VAL K 119 -42.54 -29.51 -2.01
CA VAL K 119 -41.78 -28.38 -2.54
C VAL K 119 -42.78 -27.27 -2.85
N ASN K 120 -42.65 -26.12 -2.20
CA ASN K 120 -43.63 -25.06 -2.39
C ASN K 120 -45.05 -25.60 -2.14
N PHE K 121 -45.17 -26.47 -1.12
CA PHE K 121 -46.46 -26.99 -0.66
C PHE K 121 -47.25 -27.77 -1.72
N ASP K 122 -46.57 -28.25 -2.76
CA ASP K 122 -47.19 -29.02 -3.83
C ASP K 122 -46.43 -30.32 -4.08
N LYS K 123 -47.00 -31.17 -4.93
CA LYS K 123 -46.36 -32.42 -5.34
C LYS K 123 -44.97 -32.12 -5.89
N PRO K 124 -43.95 -32.77 -5.32
CA PRO K 124 -42.55 -32.57 -5.69
C PRO K 124 -42.25 -32.37 -7.18
N GLU K 125 -43.04 -32.99 -8.06
CA GLU K 125 -42.79 -32.86 -9.48
C GLU K 125 -43.84 -32.00 -10.19
N ASN K 126 -44.65 -31.28 -9.39
CA ASN K 126 -45.73 -30.44 -9.93
C ASN K 126 -45.32 -28.97 -10.11
N ASN K 129 -43.07 -24.94 -12.74
CA ASN K 129 -43.83 -23.80 -13.28
C ASN K 129 -42.91 -22.77 -13.91
N LYS K 130 -43.43 -22.01 -14.87
CA LYS K 130 -42.65 -20.96 -15.51
C LYS K 130 -42.11 -19.99 -14.45
N ILE K 131 -40.99 -19.32 -14.76
CA ILE K 131 -40.29 -18.47 -13.80
C ILE K 131 -40.85 -17.04 -13.74
N LEU K 132 -41.03 -16.51 -12.53
CA LEU K 132 -41.55 -15.15 -12.38
C LEU K 132 -40.99 -14.22 -13.46
N PHE K 133 -39.69 -14.39 -13.76
CA PHE K 133 -39.02 -13.59 -14.79
C PHE K 133 -39.87 -13.49 -16.04
N GLU K 134 -40.55 -14.59 -16.37
CA GLU K 134 -41.33 -14.68 -17.58
C GLU K 134 -42.83 -14.85 -17.29
N ASN K 135 -43.50 -13.73 -16.98
CA ASN K 135 -44.92 -13.71 -16.73
C ASN K 135 -45.47 -12.36 -17.20
N LEU K 136 -46.46 -12.40 -18.08
CA LEU K 136 -46.96 -11.17 -18.66
C LEU K 136 -47.54 -10.29 -17.55
N THR K 137 -47.28 -8.98 -17.66
CA THR K 137 -47.61 -8.05 -16.57
C THR K 137 -48.62 -6.97 -17.01
N PRO K 138 -49.92 -7.27 -16.82
CA PRO K 138 -50.98 -6.27 -16.92
C PRO K 138 -50.62 -4.98 -16.20
N LEU K 139 -51.30 -3.88 -16.55
CA LEU K 139 -51.02 -2.57 -15.97
C LEU K 139 -51.22 -2.55 -14.46
N HIS K 140 -51.34 -3.74 -13.87
CA HIS K 140 -51.47 -3.93 -12.42
C HIS K 140 -52.51 -2.97 -11.83
N ALA K 141 -53.61 -2.79 -12.56
CA ALA K 141 -54.61 -1.81 -12.18
C ALA K 141 -56.01 -2.39 -12.28
N ASN K 142 -56.22 -3.45 -11.52
CA ASN K 142 -57.56 -3.99 -11.29
C ASN K 142 -57.57 -4.73 -9.96
N SER K 143 -58.75 -4.78 -9.34
CA SER K 143 -58.91 -5.29 -7.98
C SER K 143 -57.96 -4.54 -7.05
N ARG K 144 -58.33 -3.30 -6.74
CA ARG K 144 -57.56 -2.48 -5.82
C ARG K 144 -57.48 -3.14 -4.46
N LEU K 145 -56.49 -2.73 -3.68
CA LEU K 145 -56.30 -3.26 -2.34
C LEU K 145 -56.84 -2.29 -1.31
N ARG K 146 -58.08 -2.52 -0.90
CA ARG K 146 -58.71 -1.62 0.07
C ARG K 146 -58.25 -1.91 1.49
N MSE K 147 -58.47 -0.94 2.39
CA MSE K 147 -58.06 -1.10 3.79
C MSE K 147 -58.98 -0.33 4.76
O MSE K 147 -60.19 -0.64 4.90
CB MSE K 147 -56.56 -0.79 3.96
CG MSE K 147 -55.70 -1.99 3.39
SE MSE K 147 -53.75 -1.91 2.98
CE MSE K 147 -53.67 -0.10 2.23
N GLY K 152 -65.98 0.53 12.51
CA GLY K 152 -64.63 0.69 13.02
C GLY K 152 -64.40 1.99 13.77
N SER K 153 -63.30 2.02 14.55
CA SER K 153 -62.95 3.18 15.37
C SER K 153 -61.58 3.74 14.98
N THR K 154 -60.83 4.24 15.98
CA THR K 154 -59.63 5.04 15.74
C THR K 154 -58.66 4.42 14.73
N GLU K 155 -58.25 3.17 14.97
CA GLU K 155 -57.21 2.53 14.16
C GLU K 155 -57.43 2.60 12.66
N ASP K 156 -58.70 2.61 12.26
CA ASP K 156 -59.04 2.51 10.86
C ASP K 156 -58.87 3.82 10.12
N LEU K 157 -58.98 4.94 10.84
CA LEU K 157 -58.77 6.25 10.21
C LEU K 157 -57.54 6.22 9.30
N THR K 158 -56.42 5.69 9.80
CA THR K 158 -55.20 5.54 8.99
C THR K 158 -55.49 4.89 7.64
N ALA K 159 -56.06 3.70 7.69
CA ALA K 159 -56.43 2.97 6.48
C ALA K 159 -57.23 3.83 5.49
N ARG K 160 -58.38 4.33 5.97
CA ARG K 160 -59.26 5.20 5.20
C ARG K 160 -58.46 6.34 4.55
N VAL K 161 -57.53 6.92 5.30
CA VAL K 161 -56.72 8.00 4.75
C VAL K 161 -55.87 7.43 3.66
N LEU K 162 -55.01 6.50 4.05
CA LEU K 162 -54.14 5.80 3.13
C LEU K 162 -54.90 5.41 1.87
N ASP K 163 -56.14 4.97 2.08
CA ASP K 163 -57.06 4.54 1.04
C ASP K 163 -57.54 5.66 0.10
N LEU K 164 -57.68 6.88 0.63
CA LEU K 164 -58.06 8.06 -0.16
C LEU K 164 -56.78 8.71 -0.65
N ALA K 165 -55.76 8.64 0.19
CA ALA K 165 -54.49 9.30 -0.05
C ALA K 165 -53.58 8.63 -1.11
N SER K 166 -53.51 7.28 -1.08
CA SER K 166 -52.62 6.55 -2.01
C SER K 166 -53.01 5.08 -2.31
N PRO K 167 -54.14 4.90 -3.00
CA PRO K 167 -54.67 3.56 -3.33
C PRO K 167 -53.64 2.59 -3.93
N ILE K 168 -53.57 1.39 -3.36
CA ILE K 168 -52.79 0.31 -3.95
C ILE K 168 -53.69 -0.72 -4.65
N GLY K 169 -53.21 -1.24 -5.78
CA GLY K 169 -53.80 -2.43 -6.38
C GLY K 169 -52.90 -3.66 -6.24
N ARG K 170 -53.42 -4.82 -6.64
CA ARG K 170 -52.67 -6.05 -6.58
C ARG K 170 -51.63 -6.02 -7.67
N GLY K 171 -50.36 -5.85 -7.28
CA GLY K 171 -49.28 -5.82 -8.25
C GLY K 171 -48.63 -4.45 -8.36
N GLN K 172 -49.03 -3.53 -7.47
CA GLN K 172 -48.46 -2.19 -7.41
C GLN K 172 -47.08 -2.19 -6.72
N ARG K 173 -46.28 -1.20 -7.05
CA ARG K 173 -45.01 -0.93 -6.36
C ARG K 173 -45.34 0.23 -5.43
N GLY K 174 -45.27 0.02 -4.13
CA GLY K 174 -45.52 1.12 -3.22
C GLY K 174 -44.23 1.67 -2.68
N LEU K 175 -44.12 3.01 -2.63
CA LEU K 175 -43.07 3.66 -1.84
C LEU K 175 -43.67 4.49 -0.70
N ILE K 176 -43.10 4.39 0.50
CA ILE K 176 -43.58 5.18 1.63
C ILE K 176 -42.46 6.07 2.11
N VAL K 177 -42.63 7.38 1.94
CA VAL K 177 -41.51 8.31 2.13
C VAL K 177 -41.55 8.87 3.51
N ALA K 178 -40.52 8.59 4.31
CA ALA K 178 -40.59 8.86 5.74
C ALA K 178 -39.37 9.57 6.31
N PRO K 179 -39.63 10.68 6.98
CA PRO K 179 -38.63 11.38 7.80
C PRO K 179 -38.50 10.59 9.10
N PRO K 180 -37.61 10.98 10.01
CA PRO K 180 -37.59 10.35 11.33
C PRO K 180 -38.76 10.84 12.18
N LYS K 181 -39.32 9.92 12.99
CA LYS K 181 -40.51 10.17 13.84
C LYS K 181 -41.79 10.68 13.15
N ALA K 182 -42.20 10.05 12.04
CA ALA K 182 -43.44 10.45 11.36
C ALA K 182 -44.49 9.36 11.46
N GLY K 183 -44.26 8.40 12.35
CA GLY K 183 -45.14 7.26 12.49
C GLY K 183 -45.06 6.21 11.39
N LYS K 184 -44.01 6.22 10.61
CA LYS K 184 -43.75 5.10 9.69
C LYS K 184 -44.10 3.68 10.24
N THR K 185 -43.64 3.36 11.47
CA THR K 185 -43.86 2.01 12.03
C THR K 185 -45.34 1.74 12.23
N MSE K 186 -45.98 2.59 13.02
CA MSE K 186 -47.37 2.38 13.28
C MSE K 186 -48.14 2.23 11.99
O MSE K 186 -49.07 1.43 11.91
CB MSE K 186 -47.91 3.51 14.13
CG MSE K 186 -47.64 3.24 15.59
SE MSE K 186 -48.47 4.52 16.81
CE MSE K 186 -49.76 5.44 15.56
N LEU K 187 -47.72 2.96 10.96
CA LEU K 187 -48.43 2.92 9.69
C LEU K 187 -48.22 1.57 9.01
N LEU K 188 -46.97 1.09 9.04
CA LEU K 188 -46.62 -0.22 8.51
C LEU K 188 -47.49 -1.26 9.20
N GLN K 189 -47.47 -1.23 10.53
CA GLN K 189 -48.24 -2.15 11.36
C GLN K 189 -49.69 -2.01 11.05
N ASN K 190 -50.11 -0.79 10.73
CA ASN K 190 -51.51 -0.54 10.38
C ASN K 190 -51.77 -1.24 9.08
N ILE K 191 -50.95 -0.98 8.08
CA ILE K 191 -51.09 -1.70 6.82
C ILE K 191 -51.13 -3.23 7.01
N ALA K 192 -50.27 -3.77 7.86
CA ALA K 192 -50.28 -5.22 8.09
C ALA K 192 -51.58 -5.67 8.77
N GLN K 193 -51.93 -5.03 9.87
CA GLN K 193 -53.20 -5.33 10.54
C GLN K 193 -54.33 -5.37 9.50
N SER K 194 -54.42 -4.31 8.68
CA SER K 194 -55.43 -4.22 7.63
C SER K 194 -55.30 -5.40 6.70
N ILE K 195 -54.11 -5.60 6.14
CA ILE K 195 -53.94 -6.65 5.15
C ILE K 195 -54.46 -8.01 5.60
N ALA K 196 -54.15 -8.37 6.84
CA ALA K 196 -54.60 -9.62 7.45
C ALA K 196 -56.13 -9.70 7.64
N TYR K 197 -56.76 -8.62 8.10
CA TYR K 197 -58.21 -8.60 8.26
C TYR K 197 -58.92 -8.81 6.92
N ASN K 198 -58.55 -8.05 5.90
CA ASN K 198 -59.28 -8.06 4.63
C ASN K 198 -58.79 -9.02 3.56
N HIS K 199 -57.60 -9.60 3.75
CA HIS K 199 -57.03 -10.44 2.70
C HIS K 199 -56.23 -11.63 3.21
N PRO K 200 -56.81 -12.47 4.08
CA PRO K 200 -56.09 -13.63 4.64
C PRO K 200 -55.50 -14.53 3.53
N ASP K 201 -56.13 -14.47 2.36
CA ASP K 201 -55.73 -15.18 1.14
C ASP K 201 -54.48 -14.62 0.49
N CYS K 202 -54.20 -13.31 0.72
CA CYS K 202 -52.93 -12.68 0.33
C CYS K 202 -51.88 -13.24 1.33
N VAL K 203 -50.72 -13.71 0.85
CA VAL K 203 -49.63 -14.11 1.77
C VAL K 203 -48.77 -12.91 2.14
N LEU K 204 -48.64 -12.65 3.43
CA LEU K 204 -48.07 -11.38 3.94
C LEU K 204 -46.63 -11.47 4.47
N MSE K 205 -45.73 -10.72 3.84
CA MSE K 205 -44.31 -10.81 4.18
C MSE K 205 -43.73 -9.47 4.61
O MSE K 205 -43.39 -8.64 3.76
CB MSE K 205 -43.53 -11.41 3.03
CG MSE K 205 -43.62 -12.95 2.97
SE MSE K 205 -42.44 -13.67 1.61
CE MSE K 205 -40.91 -14.10 2.75
N VAL K 206 -43.61 -9.28 5.91
CA VAL K 206 -43.03 -8.09 6.50
C VAL K 206 -41.52 -8.32 6.64
N LEU K 207 -40.74 -7.54 5.91
CA LEU K 207 -39.28 -7.67 5.94
C LEU K 207 -38.68 -6.45 6.64
N LEU K 208 -37.74 -6.67 7.58
CA LEU K 208 -37.14 -5.55 8.32
C LEU K 208 -35.63 -5.54 8.16
N ILE K 209 -35.08 -4.48 7.57
CA ILE K 209 -33.62 -4.37 7.34
C ILE K 209 -32.94 -3.43 8.31
N ASP K 210 -31.76 -3.82 8.80
CA ASP K 210 -30.96 -2.98 9.70
C ASP K 210 -31.83 -2.43 10.82
N GLU K 211 -32.65 -3.29 11.42
CA GLU K 211 -33.61 -2.86 12.47
C GLU K 211 -33.09 -3.06 13.91
N ARG K 212 -33.74 -2.42 14.88
CA ARG K 212 -33.43 -2.63 16.31
C ARG K 212 -34.11 -3.88 16.83
N PRO K 213 -33.47 -4.57 17.78
CA PRO K 213 -33.97 -5.89 18.23
C PRO K 213 -35.40 -5.79 18.81
N GLU K 214 -35.58 -4.93 19.80
CA GLU K 214 -36.87 -4.74 20.42
C GLU K 214 -37.89 -4.37 19.38
N GLU K 215 -37.50 -3.58 18.40
CA GLU K 215 -38.46 -3.17 17.40
C GLU K 215 -38.82 -4.40 16.55
N VAL K 216 -37.84 -5.26 16.33
CA VAL K 216 -38.15 -6.52 15.69
C VAL K 216 -39.23 -7.23 16.47
N THR K 217 -38.97 -7.56 17.73
CA THR K 217 -39.88 -8.45 18.45
C THR K 217 -41.27 -7.88 18.59
N GLU K 218 -41.41 -6.58 18.45
CA GLU K 218 -42.72 -5.99 18.44
C GLU K 218 -43.46 -6.42 17.18
N MSE K 219 -42.84 -6.24 16.01
CA MSE K 219 -43.52 -6.59 14.76
C MSE K 219 -43.85 -8.08 14.72
O MSE K 219 -44.98 -8.47 14.44
CB MSE K 219 -42.69 -6.23 13.55
CG MSE K 219 -43.49 -6.23 12.28
SE MSE K 219 -44.44 -4.53 12.06
CE MSE K 219 -42.97 -3.24 11.89
N GLN K 220 -42.85 -8.89 15.01
CA GLN K 220 -43.04 -10.33 15.13
C GLN K 220 -44.33 -10.61 15.87
N ARG K 221 -44.57 -9.88 16.95
CA ARG K 221 -45.77 -10.12 17.74
C ARG K 221 -47.03 -9.41 17.21
N LEU K 222 -46.95 -8.70 16.09
CA LEU K 222 -48.18 -8.10 15.52
C LEU K 222 -48.55 -8.71 14.19
N VAL K 223 -47.60 -8.79 13.27
CA VAL K 223 -47.95 -9.21 11.94
C VAL K 223 -48.64 -10.55 12.04
N LYS K 224 -49.70 -10.73 11.26
CA LYS K 224 -50.20 -12.10 11.08
C LYS K 224 -49.62 -12.62 9.79
N GLY K 225 -48.44 -13.22 9.89
CA GLY K 225 -47.67 -13.66 8.74
C GLY K 225 -46.18 -13.65 8.99
N GLU K 226 -45.41 -13.73 7.92
CA GLU K 226 -43.97 -13.84 8.06
C GLU K 226 -43.26 -12.52 8.34
N VAL K 227 -42.63 -12.44 9.51
CA VAL K 227 -41.76 -11.31 9.84
C VAL K 227 -40.32 -11.77 9.78
N VAL K 228 -39.61 -11.37 8.73
CA VAL K 228 -38.18 -11.66 8.64
C VAL K 228 -37.40 -10.37 8.87
N ALA K 229 -36.42 -10.38 9.76
CA ALA K 229 -35.68 -9.15 9.97
C ALA K 229 -34.17 -9.37 10.05
N SER K 230 -33.40 -8.31 9.84
CA SER K 230 -32.01 -8.34 10.28
C SER K 230 -31.73 -7.15 11.21
N THR K 231 -30.88 -7.32 12.20
CA THR K 231 -30.66 -6.20 13.11
C THR K 231 -29.36 -5.47 12.85
N PHE K 232 -29.27 -4.27 13.40
CA PHE K 232 -28.09 -3.47 13.15
C PHE K 232 -26.77 -4.09 13.61
N ASP K 233 -26.82 -5.27 14.25
CA ASP K 233 -25.58 -6.00 14.63
C ASP K 233 -25.02 -6.79 13.47
N GLU K 234 -25.93 -7.26 12.63
CA GLU K 234 -25.56 -8.21 11.62
C GLU K 234 -24.81 -7.49 10.52
N PRO K 235 -23.95 -8.25 9.86
CA PRO K 235 -23.15 -7.75 8.73
C PRO K 235 -24.05 -7.42 7.58
N ALA K 236 -23.62 -6.52 6.70
CA ALA K 236 -24.40 -6.16 5.51
C ALA K 236 -24.76 -7.44 4.74
N SER K 237 -23.81 -8.36 4.65
CA SER K 237 -24.09 -9.63 4.02
C SER K 237 -25.40 -10.20 4.58
N ARG K 238 -25.53 -10.21 5.90
CA ARG K 238 -26.77 -10.67 6.49
C ARG K 238 -27.97 -9.83 6.04
N HIS K 239 -27.88 -8.49 6.03
CA HIS K 239 -29.02 -7.68 5.54
C HIS K 239 -29.41 -8.16 4.17
N VAL K 240 -28.42 -8.24 3.29
CA VAL K 240 -28.61 -8.69 1.92
C VAL K 240 -29.23 -10.06 1.88
N GLN K 241 -28.73 -10.97 2.70
CA GLN K 241 -29.30 -12.30 2.74
C GLN K 241 -30.79 -12.30 3.06
N VAL K 242 -31.15 -12.06 4.30
CA VAL K 242 -32.55 -11.86 4.63
C VAL K 242 -33.37 -11.37 3.42
N ALA K 243 -32.92 -10.30 2.78
CA ALA K 243 -33.73 -9.74 1.71
C ALA K 243 -33.85 -10.77 0.60
N GLU K 244 -32.72 -11.16 0.05
CA GLU K 244 -32.76 -12.05 -1.07
C GLU K 244 -33.54 -13.32 -0.77
N MSE K 245 -33.35 -13.86 0.42
CA MSE K 245 -34.19 -14.97 0.84
C MSE K 245 -35.69 -14.67 0.74
O MSE K 245 -36.48 -15.53 0.36
CB MSE K 245 -33.86 -15.36 2.26
CG MSE K 245 -34.24 -16.76 2.55
SE MSE K 245 -32.93 -18.09 1.93
CE MSE K 245 -31.96 -17.11 0.54
N VAL K 246 -36.09 -13.45 1.08
CA VAL K 246 -37.50 -13.12 1.17
C VAL K 246 -38.08 -12.95 -0.20
N ILE K 247 -37.36 -12.27 -1.09
CA ILE K 247 -37.89 -12.02 -2.42
C ILE K 247 -38.01 -13.33 -3.15
N GLU K 248 -36.98 -14.15 -3.07
CA GLU K 248 -37.01 -15.43 -3.70
C GLU K 248 -38.19 -16.27 -3.23
N LYS K 249 -38.25 -16.61 -1.95
CA LYS K 249 -39.48 -17.15 -1.40
C LYS K 249 -40.71 -16.46 -2.04
N ALA K 250 -40.66 -15.14 -2.21
CA ALA K 250 -41.80 -14.42 -2.82
C ALA K 250 -42.09 -14.88 -4.26
N LYS K 251 -41.05 -14.81 -5.10
CA LYS K 251 -41.19 -15.11 -6.52
C LYS K 251 -41.78 -16.50 -6.76
N ARG K 252 -41.31 -17.51 -6.00
CA ARG K 252 -41.75 -18.89 -6.18
C ARG K 252 -43.23 -19.03 -5.89
N LEU K 253 -43.68 -18.37 -4.83
CA LEU K 253 -45.09 -18.42 -4.46
C LEU K 253 -46.04 -17.95 -5.56
N VAL K 254 -45.64 -16.91 -6.31
CA VAL K 254 -46.43 -16.41 -7.44
C VAL K 254 -46.38 -17.45 -8.55
N GLU K 255 -45.23 -18.09 -8.68
CA GLU K 255 -45.07 -19.21 -9.60
C GLU K 255 -46.11 -20.29 -9.31
N HIS K 256 -46.84 -20.09 -8.21
CA HIS K 256 -48.03 -20.88 -7.93
C HIS K 256 -49.27 -19.93 -7.90
N LYS K 257 -49.36 -19.07 -8.91
CA LYS K 257 -50.54 -18.20 -9.09
C LYS K 257 -51.03 -17.61 -7.76
N LYS K 258 -50.10 -17.34 -6.84
CA LYS K 258 -50.44 -16.78 -5.53
C LYS K 258 -50.35 -15.25 -5.43
N ASP K 259 -50.88 -14.74 -4.33
CA ASP K 259 -50.78 -13.32 -4.01
C ASP K 259 -49.84 -13.10 -2.83
N VAL K 260 -48.80 -12.32 -3.08
CA VAL K 260 -47.71 -12.12 -2.13
C VAL K 260 -47.48 -10.62 -1.85
N ILE K 261 -47.65 -10.22 -0.59
CA ILE K 261 -47.44 -8.84 -0.22
C ILE K 261 -46.14 -8.75 0.58
N ILE K 262 -45.19 -7.97 0.07
CA ILE K 262 -43.99 -7.67 0.81
C ILE K 262 -44.12 -6.28 1.44
N LEU K 263 -43.95 -6.19 2.76
CA LEU K 263 -43.85 -4.91 3.46
C LEU K 263 -42.41 -4.72 3.87
N LEU K 264 -41.74 -3.78 3.22
CA LEU K 264 -40.30 -3.57 3.36
C LEU K 264 -39.94 -2.37 4.23
N ASP K 265 -39.17 -2.58 5.29
CA ASP K 265 -38.69 -1.41 6.01
C ASP K 265 -37.30 -0.99 5.66
N SER K 266 -37.25 0.27 5.21
CA SER K 266 -36.16 0.87 4.48
C SER K 266 -35.62 -0.01 3.35
N ILE K 267 -36.16 0.27 2.16
CA ILE K 267 -35.47 0.01 0.90
C ILE K 267 -34.16 0.79 0.94
N THR K 268 -34.15 1.92 1.66
CA THR K 268 -32.94 2.71 1.70
C THR K 268 -31.85 1.98 2.50
N ARG K 269 -32.23 1.36 3.60
CA ARG K 269 -31.22 0.63 4.37
C ARG K 269 -30.71 -0.66 3.70
N LEU K 270 -31.58 -1.34 2.95
CA LEU K 270 -31.14 -2.47 2.12
C LEU K 270 -30.16 -2.00 1.04
N ALA K 271 -30.47 -0.85 0.42
CA ALA K 271 -29.57 -0.25 -0.56
C ALA K 271 -28.20 0.06 0.04
N ARG K 272 -28.18 0.61 1.25
CA ARG K 272 -26.89 0.81 1.90
C ARG K 272 -26.13 -0.53 1.95
N ALA K 273 -26.80 -1.59 2.39
CA ALA K 273 -26.13 -2.88 2.53
C ALA K 273 -25.46 -3.33 1.20
N TYR K 274 -26.26 -3.42 0.15
CA TYR K 274 -25.74 -3.76 -1.15
C TYR K 274 -24.49 -2.97 -1.41
N ASN K 275 -24.56 -1.64 -1.31
CA ASN K 275 -23.35 -0.84 -1.54
C ASN K 275 -22.12 -1.36 -0.78
N THR K 276 -22.22 -1.57 0.52
CA THR K 276 -21.06 -2.07 1.25
C THR K 276 -20.65 -3.49 0.83
N VAL K 277 -21.60 -4.28 0.36
CA VAL K 277 -21.31 -5.68 0.07
C VAL K 277 -20.75 -5.85 -1.32
N VAL K 278 -21.17 -4.98 -2.23
CA VAL K 278 -20.81 -5.14 -3.63
C VAL K 278 -19.57 -4.32 -3.99
N PRO K 279 -18.58 -5.00 -4.58
CA PRO K 279 -17.34 -4.37 -5.08
C PRO K 279 -17.59 -3.13 -5.96
N ALA K 280 -16.68 -2.16 -5.91
CA ALA K 280 -16.85 -0.89 -6.63
C ALA K 280 -17.35 -1.09 -8.08
N VAL K 284 -16.86 4.38 -8.90
CA VAL K 284 -17.75 5.50 -9.23
C VAL K 284 -18.57 5.93 -8.01
N LEU K 285 -18.53 7.23 -7.71
CA LEU K 285 -19.27 7.77 -6.57
C LEU K 285 -20.15 8.97 -7.00
N THR K 286 -21.40 8.94 -6.54
CA THR K 286 -22.34 10.03 -6.83
C THR K 286 -22.56 10.86 -5.56
N GLY K 287 -22.23 10.26 -4.41
CA GLY K 287 -22.36 10.94 -3.13
C GLY K 287 -22.04 9.99 -1.99
N GLY K 288 -21.02 9.17 -2.19
CA GLY K 288 -20.63 8.17 -1.19
C GLY K 288 -21.12 6.78 -1.60
N VAL K 289 -22.30 6.73 -2.20
CA VAL K 289 -22.88 5.48 -2.67
C VAL K 289 -22.36 5.14 -4.07
N ASP K 290 -22.27 3.85 -4.34
CA ASP K 290 -21.84 3.33 -5.62
C ASP K 290 -23.06 3.27 -6.56
N ALA K 291 -22.85 3.63 -7.84
CA ALA K 291 -23.89 3.56 -8.86
C ALA K 291 -24.22 2.11 -9.27
N ASN K 292 -23.18 1.31 -9.54
CA ASN K 292 -23.30 -0.11 -9.86
C ASN K 292 -24.14 -0.89 -8.83
N ALA K 293 -24.20 -0.37 -7.60
CA ALA K 293 -24.89 -1.05 -6.50
C ALA K 293 -26.42 -0.96 -6.57
N LEU K 294 -26.96 0.27 -6.66
CA LEU K 294 -28.40 0.48 -6.58
C LEU K 294 -29.16 -0.53 -7.39
N HIS K 295 -28.47 -1.12 -8.37
CA HIS K 295 -29.08 -2.09 -9.26
C HIS K 295 -29.93 -3.11 -8.53
N ARG K 296 -29.32 -3.82 -7.58
CA ARG K 296 -30.01 -4.91 -6.90
C ARG K 296 -31.33 -4.49 -6.25
N PRO K 297 -31.30 -3.45 -5.41
CA PRO K 297 -32.52 -2.93 -4.78
C PRO K 297 -33.52 -2.44 -5.82
N LYS K 298 -33.03 -1.89 -6.92
CA LYS K 298 -33.95 -1.50 -7.99
C LYS K 298 -34.64 -2.78 -8.48
N ARG K 299 -33.84 -3.80 -8.79
CA ARG K 299 -34.35 -5.12 -9.19
C ARG K 299 -35.34 -5.73 -8.16
N PHE K 300 -35.06 -5.53 -6.88
CA PHE K 300 -35.93 -6.02 -5.82
C PHE K 300 -37.27 -5.29 -5.91
N PHE K 301 -37.24 -3.96 -5.91
CA PHE K 301 -38.48 -3.21 -6.02
C PHE K 301 -39.21 -3.59 -7.31
N GLY K 302 -38.45 -3.66 -8.40
CA GLY K 302 -38.99 -3.99 -9.70
C GLY K 302 -39.73 -5.32 -9.80
N ALA K 303 -39.58 -6.18 -8.79
CA ALA K 303 -40.20 -7.50 -8.85
C ALA K 303 -41.70 -7.42 -8.75
N ALA K 304 -42.21 -6.38 -8.09
CA ALA K 304 -43.65 -6.15 -8.00
C ALA K 304 -44.31 -6.18 -9.38
N ARG K 305 -45.26 -7.10 -9.57
CA ARG K 305 -45.98 -7.26 -10.83
C ARG K 305 -47.27 -8.08 -10.70
N ASN K 306 -48.30 -7.65 -11.42
CA ASN K 306 -49.57 -8.38 -11.49
C ASN K 306 -49.62 -9.29 -12.72
N VAL K 307 -49.52 -10.59 -12.48
CA VAL K 307 -49.21 -11.59 -13.51
C VAL K 307 -50.41 -12.12 -14.31
N GLU K 308 -50.26 -12.11 -15.64
CA GLU K 308 -51.36 -12.47 -16.55
C GLU K 308 -51.76 -13.95 -16.47
N GLU K 309 -50.84 -14.78 -15.97
CA GLU K 309 -51.12 -16.20 -15.75
C GLU K 309 -51.60 -16.50 -14.33
N GLY K 310 -51.89 -15.45 -13.56
CA GLY K 310 -52.42 -15.61 -12.21
C GLY K 310 -51.46 -15.40 -11.05
N GLY K 311 -52.02 -14.93 -9.94
CA GLY K 311 -51.26 -14.62 -8.74
C GLY K 311 -50.53 -13.31 -8.86
N SER K 312 -50.20 -12.69 -7.73
CA SER K 312 -49.52 -11.41 -7.81
C SER K 312 -48.44 -11.22 -6.79
N LEU K 313 -47.59 -10.23 -7.05
CA LEU K 313 -46.61 -9.76 -6.09
C LEU K 313 -46.63 -8.22 -6.09
N THR K 314 -47.15 -7.65 -5.02
CA THR K 314 -47.09 -6.19 -4.82
C THR K 314 -46.22 -5.85 -3.60
N ILE K 315 -45.32 -4.87 -3.77
CA ILE K 315 -44.37 -4.47 -2.72
C ILE K 315 -44.56 -3.02 -2.28
N ILE K 316 -44.33 -2.80 -0.97
CA ILE K 316 -44.51 -1.53 -0.29
C ILE K 316 -43.31 -1.40 0.65
N ALA K 317 -42.38 -0.52 0.28
CA ALA K 317 -41.09 -0.37 0.94
C ALA K 317 -40.92 1.06 1.40
N THR K 318 -40.44 1.26 2.62
CA THR K 318 -40.23 2.62 3.07
C THR K 318 -38.87 3.17 2.60
N ALA K 319 -38.87 4.43 2.18
CA ALA K 319 -37.65 5.14 1.83
C ALA K 319 -37.37 6.24 2.87
N LEU K 320 -36.21 6.14 3.52
CA LEU K 320 -35.87 7.06 4.59
C LEU K 320 -35.29 8.37 4.06
N ILE K 321 -35.87 9.48 4.51
CA ILE K 321 -35.49 10.80 4.07
C ILE K 321 -35.13 11.55 5.34
N ASP K 322 -34.41 12.67 5.23
CA ASP K 322 -34.16 13.51 6.40
C ASP K 322 -33.41 12.82 7.56
N THR K 323 -32.57 11.81 7.27
CA THR K 323 -31.76 11.19 8.34
C THR K 323 -30.55 12.07 8.47
N GLY K 324 -30.44 12.98 7.52
CA GLY K 324 -29.33 13.90 7.46
C GLY K 324 -28.03 13.24 7.00
N SER K 325 -28.15 12.16 6.22
CA SER K 325 -26.97 11.50 5.66
C SER K 325 -26.98 11.48 4.13
N LYS K 326 -25.94 12.05 3.55
CA LYS K 326 -25.86 12.24 2.11
C LYS K 326 -26.35 11.03 1.35
N MSE K 327 -25.77 9.87 1.65
CA MSE K 327 -26.06 8.68 0.85
C MSE K 327 -27.50 8.16 1.01
O MSE K 327 -28.03 7.52 0.11
CB MSE K 327 -25.04 7.58 1.10
CG MSE K 327 -25.31 6.74 2.31
SE MSE K 327 -24.24 5.13 2.27
CE MSE K 327 -25.18 4.13 0.79
N ASP K 328 -28.12 8.44 2.15
CA ASP K 328 -29.53 8.17 2.32
C ASP K 328 -30.30 9.07 1.35
N GLU K 329 -29.94 10.36 1.31
CA GLU K 329 -30.57 11.30 0.38
C GLU K 329 -30.33 10.90 -1.07
N VAL K 330 -29.10 10.48 -1.38
CA VAL K 330 -28.79 9.99 -2.71
C VAL K 330 -29.72 8.83 -3.13
N ILE K 331 -29.88 7.84 -2.26
CA ILE K 331 -30.77 6.73 -2.55
C ILE K 331 -32.18 7.22 -2.78
N TYR K 332 -32.68 8.08 -1.87
CA TYR K 332 -34.01 8.60 -2.09
C TYR K 332 -34.04 9.05 -3.53
N GLU K 333 -33.19 10.01 -3.90
CA GLU K 333 -33.18 10.52 -5.28
C GLU K 333 -33.35 9.44 -6.35
N GLU K 334 -32.82 8.24 -6.10
CA GLU K 334 -32.86 7.22 -7.14
C GLU K 334 -34.16 6.42 -7.18
N PHE K 335 -35.03 6.63 -6.20
CA PHE K 335 -36.31 5.94 -6.16
C PHE K 335 -37.52 6.87 -6.28
N LYS K 336 -37.43 8.08 -5.75
CA LYS K 336 -38.53 9.02 -5.92
C LYS K 336 -38.94 8.93 -7.37
N GLY K 337 -40.18 8.55 -7.63
CA GLY K 337 -40.69 8.58 -8.99
C GLY K 337 -40.67 7.24 -9.69
N THR K 338 -40.10 6.22 -9.03
CA THR K 338 -40.11 4.86 -9.56
C THR K 338 -41.32 4.14 -8.97
N GLY K 339 -42.00 4.83 -8.08
CA GLY K 339 -43.19 4.27 -7.50
C GLY K 339 -44.36 4.40 -8.46
N ASN K 340 -45.29 3.46 -8.39
CA ASN K 340 -46.59 3.67 -8.97
C ASN K 340 -47.56 4.07 -7.88
N MSE K 341 -47.00 4.62 -6.80
CA MSE K 341 -47.76 5.09 -5.63
C MSE K 341 -46.75 5.54 -4.60
O MSE K 341 -45.84 4.79 -4.26
CB MSE K 341 -48.62 3.96 -5.05
CG MSE K 341 -49.27 4.27 -3.71
SE MSE K 341 -48.10 3.84 -2.19
CE MSE K 341 -49.22 2.68 -1.15
N GLU K 342 -46.89 6.76 -4.11
CA GLU K 342 -46.06 7.14 -2.99
C GLU K 342 -46.78 7.95 -1.92
N LEU K 343 -46.54 7.54 -0.69
CA LEU K 343 -47.11 8.17 0.47
C LEU K 343 -45.99 8.98 1.12
N HIS K 344 -46.29 10.21 1.51
CA HIS K 344 -45.32 11.05 2.18
C HIS K 344 -45.81 11.37 3.57
N LEU K 345 -45.05 10.97 4.57
CA LEU K 345 -45.35 11.31 5.95
C LEU K 345 -44.70 12.64 6.25
N SER K 346 -45.30 13.41 7.15
CA SER K 346 -44.80 14.75 7.42
C SER K 346 -44.34 14.85 8.84
N ARG K 347 -43.09 15.24 9.02
CA ARG K 347 -42.56 15.52 10.35
C ARG K 347 -43.39 16.62 11.07
N LYS K 348 -43.78 17.69 10.35
CA LYS K 348 -44.66 18.75 10.89
C LYS K 348 -45.94 18.17 11.48
N ILE K 349 -46.61 17.30 10.73
CA ILE K 349 -47.88 16.76 11.19
C ILE K 349 -47.67 15.91 12.44
N ALA K 350 -46.59 15.15 12.46
CA ALA K 350 -46.28 14.31 13.61
C ALA K 350 -45.79 15.14 14.78
N GLU K 351 -45.02 16.20 14.48
CA GLU K 351 -44.61 17.15 15.51
C GLU K 351 -45.86 17.60 16.28
N LYS K 352 -46.90 18.02 15.57
CA LYS K 352 -48.08 18.54 16.28
C LYS K 352 -49.14 17.49 16.69
N ARG K 353 -48.69 16.23 16.78
CA ARG K 353 -49.47 15.08 17.33
C ARG K 353 -50.61 14.51 16.49
N VAL K 354 -50.99 15.22 15.42
CA VAL K 354 -52.03 14.72 14.52
C VAL K 354 -51.62 13.34 14.00
N PHE K 355 -52.60 12.46 13.80
CA PHE K 355 -52.30 11.07 13.41
C PHE K 355 -51.68 10.94 12.04
N PRO K 356 -52.25 10.07 11.18
CA PRO K 356 -51.56 9.73 9.96
C PRO K 356 -50.85 10.94 9.36
N ALA K 357 -49.57 11.06 9.67
CA ALA K 357 -48.75 12.17 9.23
C ALA K 357 -48.71 12.24 7.71
N ILE K 358 -49.58 11.48 7.07
CA ILE K 358 -49.72 11.56 5.62
C ILE K 358 -49.90 13.01 5.16
N ASP K 359 -49.05 13.43 4.24
CA ASP K 359 -49.22 14.73 3.66
C ASP K 359 -50.00 14.56 2.34
N TYR K 360 -51.32 14.52 2.46
CA TYR K 360 -52.22 14.23 1.35
C TYR K 360 -51.83 14.92 0.03
N ASN K 361 -51.41 16.19 0.12
CA ASN K 361 -51.19 16.95 -1.11
C ASN K 361 -50.04 16.43 -2.00
N ARG K 362 -49.08 15.71 -1.40
CA ARG K 362 -47.93 15.16 -2.12
C ARG K 362 -48.04 13.65 -2.40
N SER K 363 -48.88 12.96 -1.65
CA SER K 363 -49.09 11.54 -1.86
C SER K 363 -50.07 11.34 -3.00
N GLY K 364 -50.08 10.13 -3.55
CA GLY K 364 -50.93 9.82 -4.67
C GLY K 364 -50.38 8.72 -5.54
N THR K 365 -51.29 7.95 -6.12
CA THR K 365 -50.94 6.77 -6.90
C THR K 365 -51.23 7.06 -8.35
N ARG K 366 -50.41 6.52 -9.24
CA ARG K 366 -50.67 6.61 -10.68
C ARG K 366 -51.84 5.69 -11.12
N LYS K 367 -52.66 6.17 -12.05
CA LYS K 367 -53.77 5.38 -12.63
C LYS K 367 -54.85 4.89 -11.63
N GLU K 368 -55.41 5.83 -10.84
CA GLU K 368 -56.46 5.55 -9.84
C GLU K 368 -57.73 4.93 -10.44
N GLU K 369 -58.09 5.37 -11.65
CA GLU K 369 -59.33 4.95 -12.32
C GLU K 369 -59.43 3.44 -12.47
N LEU K 370 -58.28 2.82 -12.71
CA LEU K 370 -58.21 1.38 -12.90
C LEU K 370 -58.51 0.65 -11.60
N LEU K 371 -58.47 1.38 -10.49
CA LEU K 371 -58.68 0.80 -9.18
C LEU K 371 -60.07 1.17 -8.63
N THR K 372 -60.46 2.43 -8.85
CA THR K 372 -61.69 2.96 -8.26
C THR K 372 -62.68 3.35 -9.37
N THR K 373 -63.95 2.99 -9.19
CA THR K 373 -64.99 3.22 -10.20
C THR K 373 -65.22 4.71 -10.54
N GLN K 374 -65.68 4.98 -11.77
CA GLN K 374 -65.86 6.37 -12.24
C GLN K 374 -66.54 7.29 -11.23
N GLU K 375 -67.52 6.76 -10.49
CA GLU K 375 -68.21 7.54 -9.45
C GLU K 375 -67.23 7.89 -8.35
N GLU K 376 -66.51 6.86 -7.87
CA GLU K 376 -65.50 7.04 -6.83
C GLU K 376 -64.35 7.94 -7.31
N LEU K 377 -63.99 7.83 -8.58
CA LEU K 377 -62.92 8.65 -9.14
C LEU K 377 -63.25 10.13 -9.03
N GLN K 378 -64.35 10.54 -9.65
CA GLN K 378 -64.84 11.90 -9.48
C GLN K 378 -64.79 12.22 -7.99
N LYS K 379 -65.53 11.45 -7.20
CA LYS K 379 -65.58 11.62 -5.75
C LYS K 379 -64.24 12.06 -5.15
N MSE K 380 -63.16 11.47 -5.66
CA MSE K 380 -61.82 11.74 -5.16
C MSE K 380 -61.25 13.06 -5.66
O MSE K 380 -60.80 13.88 -4.86
CB MSE K 380 -60.88 10.59 -5.51
CG MSE K 380 -61.37 9.26 -4.98
SE MSE K 380 -59.93 7.99 -4.79
CE MSE K 380 -59.41 7.84 -6.67
N TRP K 381 -61.22 13.25 -6.98
CA TRP K 381 -60.74 14.50 -7.58
C TRP K 381 -61.32 15.71 -6.89
N ILE K 382 -62.62 15.63 -6.63
CA ILE K 382 -63.32 16.71 -5.99
C ILE K 382 -62.81 16.83 -4.57
N LEU K 383 -62.88 15.72 -3.81
CA LEU K 383 -62.34 15.71 -2.46
C LEU K 383 -60.91 16.23 -2.42
N ARG K 384 -60.16 15.94 -3.47
CA ARG K 384 -58.76 16.33 -3.54
C ARG K 384 -58.61 17.82 -3.88
N LYS K 385 -59.41 18.28 -4.84
CA LYS K 385 -59.35 19.68 -5.31
C LYS K 385 -59.65 20.59 -4.13
N ILE K 386 -60.43 20.06 -3.19
CA ILE K 386 -60.85 20.83 -2.02
C ILE K 386 -59.78 20.95 -0.93
N ILE K 387 -58.76 20.10 -0.99
CA ILE K 387 -57.72 20.08 0.05
C ILE K 387 -56.33 20.63 -0.36
N HIS K 388 -56.04 20.64 -1.65
CA HIS K 388 -54.81 21.28 -2.13
C HIS K 388 -54.47 22.62 -1.40
N PRO K 389 -55.47 23.51 -1.22
CA PRO K 389 -55.28 24.79 -0.51
C PRO K 389 -54.86 24.68 0.96
N MSE K 390 -55.33 23.63 1.63
CA MSE K 390 -55.03 23.36 3.04
C MSE K 390 -53.55 23.19 3.31
O MSE K 390 -52.82 22.68 2.48
CB MSE K 390 -55.71 22.08 3.46
CG MSE K 390 -56.94 22.27 4.27
SE MSE K 390 -58.27 20.94 3.84
CE MSE K 390 -59.33 21.24 5.37
N GLY K 391 -53.11 23.60 4.50
CA GLY K 391 -51.76 23.22 4.97
C GLY K 391 -51.72 21.74 5.38
N GLU K 392 -50.51 21.15 5.42
CA GLU K 392 -50.36 19.73 5.81
C GLU K 392 -51.18 19.39 7.05
N ILE K 393 -50.82 19.98 8.17
CA ILE K 393 -51.58 19.80 9.40
C ILE K 393 -53.07 19.98 9.17
N ASP K 394 -53.49 21.21 8.82
CA ASP K 394 -54.89 21.45 8.53
C ASP K 394 -55.45 20.25 7.73
N ALA K 395 -54.86 19.97 6.58
CA ALA K 395 -55.33 18.87 5.72
C ALA K 395 -55.64 17.56 6.44
N MSE K 396 -54.74 17.09 7.30
CA MSE K 396 -54.95 15.83 7.99
C MSE K 396 -56.04 16.01 8.97
O MSE K 396 -56.94 15.20 9.05
CB MSE K 396 -53.69 15.37 8.71
CG MSE K 396 -52.77 14.51 7.88
SE MSE K 396 -53.72 13.17 6.83
CE MSE K 396 -54.47 12.14 8.33
N GLU K 397 -55.97 17.12 9.70
CA GLU K 397 -56.98 17.41 10.69
C GLU K 397 -58.34 17.49 10.01
N PHE K 398 -58.39 18.12 8.84
CA PHE K 398 -59.63 18.17 8.10
C PHE K 398 -60.11 16.75 7.92
N LEU K 399 -59.26 15.94 7.28
CA LEU K 399 -59.66 14.60 6.87
C LEU K 399 -60.17 13.74 7.99
N ILE K 400 -59.51 13.81 9.14
CA ILE K 400 -59.94 13.04 10.28
C ILE K 400 -61.21 13.61 10.92
N ASN K 401 -61.26 14.93 11.19
CA ASN K 401 -62.52 15.52 11.70
C ASN K 401 -63.69 14.94 10.91
N LYS K 402 -63.53 14.82 9.59
CA LYS K 402 -64.65 14.52 8.71
C LYS K 402 -64.92 13.02 8.51
N LEU K 403 -63.90 12.18 8.68
CA LEU K 403 -64.14 10.74 8.72
C LEU K 403 -64.52 10.29 10.14
N ALA K 404 -64.13 11.09 11.13
CA ALA K 404 -64.44 10.82 12.54
C ALA K 404 -65.94 10.72 12.78
N MSE K 405 -66.72 10.74 11.70
CA MSE K 405 -68.16 10.62 11.82
C MSE K 405 -68.69 9.30 11.20
O MSE K 405 -69.62 8.69 11.74
CB MSE K 405 -68.90 11.88 11.31
CG MSE K 405 -68.07 12.87 10.45
SE MSE K 405 -68.44 14.86 10.60
CE MSE K 405 -69.93 14.86 11.94
N THR K 406 -68.06 8.85 10.10
CA THR K 406 -68.51 7.63 9.40
C THR K 406 -67.37 6.80 8.77
N LYS K 407 -67.75 5.85 7.90
CA LYS K 407 -66.80 5.10 7.06
C LYS K 407 -66.55 5.81 5.72
N THR K 408 -65.66 5.23 4.91
CA THR K 408 -65.11 5.90 3.71
C THR K 408 -66.13 6.19 2.59
N ASN K 409 -67.03 5.25 2.33
CA ASN K 409 -68.07 5.45 1.30
C ASN K 409 -69.10 6.46 1.74
N ASP K 410 -69.32 6.52 3.05
CA ASP K 410 -70.16 7.55 3.63
C ASP K 410 -69.47 8.93 3.61
N ASP K 411 -68.16 8.98 3.89
CA ASP K 411 -67.40 10.23 3.76
C ASP K 411 -67.73 10.88 2.42
N PHE K 412 -67.55 10.11 1.35
CA PHE K 412 -67.74 10.63 0.01
C PHE K 412 -69.16 11.12 -0.22
N PHE K 413 -70.13 10.30 0.17
CA PHE K 413 -71.55 10.66 0.04
C PHE K 413 -71.89 11.91 0.86
N GLU K 414 -71.83 11.76 2.18
CA GLU K 414 -72.03 12.87 3.11
C GLU K 414 -71.32 14.12 2.62
N MSE K 415 -70.12 13.92 2.09
CA MSE K 415 -69.29 15.03 1.64
C MSE K 415 -69.94 15.87 0.54
O MSE K 415 -70.00 17.10 0.61
CB MSE K 415 -67.92 14.50 1.16
CG MSE K 415 -66.81 15.52 1.19
SE MSE K 415 -66.57 16.26 2.96
CE MSE K 415 -67.44 18.01 2.70
N MSE K 416 -70.45 15.19 -0.48
CA MSE K 416 -70.97 15.87 -1.65
C MSE K 416 -72.39 16.40 -1.44
O MSE K 416 -72.87 17.27 -2.21
CB MSE K 416 -70.85 14.99 -2.90
CG MSE K 416 -69.64 14.01 -2.85
SE MSE K 416 -67.98 14.65 -3.71
CE MSE K 416 -68.63 14.58 -5.61
N LYS K 417 -73.04 15.89 -0.37
CA LYS K 417 -74.37 16.36 0.04
C LYS K 417 -75.45 15.83 -0.91
#